data_3R05
#
_entry.id   3R05
#
_cell.length_a   61.030
_cell.length_b   114.574
_cell.length_c   160.129
_cell.angle_alpha   89.600
_cell.angle_beta   89.980
_cell.angle_gamma   87.960
#
_symmetry.space_group_name_H-M   'P 1'
#
loop_
_entity.id
_entity.type
_entity.pdbx_description
1 polymer Neurexin-1-alpha
2 branched 2-acetamido-2-deoxy-beta-D-glucopyranose-(1-4)-2-acetamido-2-deoxy-beta-D-glucopyranose
#
_entity_poly.entity_id   1
_entity_poly.type   'polypeptide(L)'
_entity_poly.pdbx_seq_one_letter_code
;LEFPGAEGQWTRFPKWNACCESEMSFQLKTRSARGLVLYFDDEGFCDFLELILTRGGRLQLSFSIFCAEPATLLTDTPVN
DGAWHNVRIRRQFRNTTLFIDQVEAKWVEVKSKRRDMTVFSGLFVGGLPPELRAAALKLTLASVREREPFKGWIRDVRVN
SSLALPVDSGEVKLDDEPPNSGGGSPCEAGEEGEGGVCLNGGVCSVVDDQAVCDCSRTGFRGKDCSQGKEEYIATFKGSE
YFCYDLSQNPIQSSSDEITLSFKTLQRNGLMLHTGKSADYVNLALKNGAVSLVINLGSGAFEALVEPVNGKFNDNAWHDV
KVTRNLRQVTISVDGILTTTGYTQEDYTMLGSDDFFYVGGSPSTADLPGSPVSNNFMGCLKEVVYKNNDVRLELSRLAKQ
GDPKMKIHGVVAFKCENVATLDPITFETPESFISLPKWNAKKTGSISFDFRTTEPNGLILFSHGKPRHQKDAKHPQMIKV
DFFAIEMLDGHLYLLLDMGSGTIKIKALQKKVNDGEWYHVDFQRDGRSGTISVNTLRTPYTAPGESEILDLDDELYLGGL
PENKAGLVFPTEVWTALLNYGYVGCIRDLFIDGQSKDIRQMAEVQSTAGVKPSCSRETAKPCLSNPCKNNGMCRDGWNRY
VCDCSGTGYLGRSCEREATVLSYDGSMFMKIQLPVVMHTEAEDVSLRFRSQRAYGILMATTSRDSADTLRLELDAGRVKL
TVNLDCIRINCNSSKGPETLFAGYNLNDNEWHTVRVVRRGKSLKLTVDDQQAMTGQMAGDHTRLEFHNIETGIITERRYL
SSVPSNFIGHLQSLTFNGMAYIDLCKNGDIDYCELNARFGFRNIIADPVTFKTKSSYVALATLQAYTSMHLFFQFKTTSL
DGLILYNSGDGNDFIVVELVKGYLHYVFDLGNGANLIKGSSNKPLNDNQWHNVMISRDTSNLHTVKIDTKITTQITAGAR
NLDLKSDLYIGGVAKETYKSLPKLVHAKEGFQGCLASVDLNGRLPDLISDALFCNGQIERGCEGPSTTCQEDSCSNQGVC
LQQWDGFSCDCSMTSFSGPLCNDPGTTYIFSKGGGQITYKWPPNDRPSTRADRLAIGFSTVQKEAVLVRVDSSSGLGDYL
ELHIHQGKIGVKFNVGTDDIAIEESNAIINDGKYHVVRFTRSGGNATLQVDSWPVIERYPAGRQLTIFNSQATIIIGGKE
QGQPFQGQLSGLYYNGLKVLNMAAENDANIAIVGNVRLVGEVPSASTSHHHHHH
;
_entity_poly.pdbx_strand_id   A,B
#
loop_
_chem_comp.id
_chem_comp.type
_chem_comp.name
_chem_comp.formula
NAG D-saccharide, beta linking 2-acetamido-2-deoxy-beta-D-glucopyranose 'C8 H15 N O6'
#
# COMPACT_ATOMS: atom_id res chain seq x y z
N GLU A 231 -11.72 -34.14 -92.84
CA GLU A 231 -11.88 -33.10 -91.78
C GLU A 231 -10.69 -33.03 -90.82
N TYR A 232 -10.15 -31.83 -90.62
CA TYR A 232 -8.97 -31.63 -89.73
C TYR A 232 -9.26 -30.89 -88.41
N ILE A 233 -9.65 -31.67 -87.39
CA ILE A 233 -9.98 -31.14 -86.05
C ILE A 233 -8.98 -31.60 -84.97
N ALA A 234 -8.55 -30.67 -84.13
CA ALA A 234 -7.53 -30.94 -83.10
C ALA A 234 -7.77 -30.18 -81.77
N THR A 235 -7.82 -30.94 -80.65
CA THR A 235 -8.12 -30.44 -79.27
C THR A 235 -6.93 -29.74 -78.57
N PHE A 236 -6.90 -28.40 -78.59
CA PHE A 236 -5.78 -27.62 -78.00
C PHE A 236 -5.75 -27.57 -76.47
N LYS A 237 -4.97 -28.50 -75.87
CA LYS A 237 -4.97 -28.81 -74.41
C LYS A 237 -4.88 -27.62 -73.45
N GLY A 238 -4.44 -26.48 -73.97
CA GLY A 238 -4.33 -25.24 -73.20
C GLY A 238 -2.89 -24.78 -73.17
N SER A 239 -1.99 -25.71 -72.87
CA SER A 239 -0.56 -25.44 -72.69
C SER A 239 0.20 -26.01 -73.91
N GLU A 240 -0.52 -26.13 -75.01
CA GLU A 240 -0.01 -26.70 -76.24
C GLU A 240 -0.29 -25.76 -77.43
N TYR A 241 0.54 -25.89 -78.48
CA TYR A 241 0.40 -25.10 -79.70
C TYR A 241 1.28 -25.63 -80.83
N PHE A 242 0.88 -25.29 -82.07
CA PHE A 242 1.64 -25.55 -83.31
C PHE A 242 2.69 -24.47 -83.65
N CYS A 243 3.55 -24.79 -84.61
CA CYS A 243 4.76 -23.99 -84.85
C CYS A 243 5.41 -24.32 -86.21
N TYR A 244 5.29 -23.37 -87.15
CA TYR A 244 5.81 -23.53 -88.51
C TYR A 244 7.03 -22.61 -88.75
N ASP A 245 8.08 -23.18 -89.37
CA ASP A 245 9.32 -22.44 -89.66
C ASP A 245 9.36 -21.95 -91.12
N LEU A 246 9.22 -20.63 -91.28
CA LEU A 246 9.15 -20.00 -92.59
C LEU A 246 10.50 -19.55 -93.14
N SER A 247 11.59 -19.81 -92.43
CA SER A 247 12.89 -19.21 -92.79
C SER A 247 13.58 -19.86 -94.00
N GLN A 248 13.10 -21.04 -94.42
CA GLN A 248 13.53 -21.68 -95.68
C GLN A 248 12.68 -21.26 -96.91
N ASN A 249 11.47 -20.77 -96.65
CA ASN A 249 10.61 -20.15 -97.65
C ASN A 249 9.74 -19.02 -97.06
N PRO A 250 10.27 -17.78 -97.00
CA PRO A 250 9.52 -16.66 -96.42
C PRO A 250 8.18 -16.40 -97.09
N ILE A 251 7.15 -16.29 -96.27
CA ILE A 251 5.93 -15.59 -96.62
C ILE A 251 6.32 -14.12 -96.75
N GLN A 252 5.97 -13.57 -97.90
CA GLN A 252 5.79 -12.13 -98.00
C GLN A 252 4.90 -11.87 -99.17
N SER A 253 3.81 -11.14 -98.88
CA SER A 253 2.65 -11.11 -99.75
C SER A 253 1.85 -9.80 -99.78
N SER A 254 1.31 -9.51 -100.99
CA SER A 254 0.39 -8.39 -101.28
C SER A 254 -1.10 -8.78 -101.20
N SER A 255 -1.40 -10.04 -101.46
CA SER A 255 -2.74 -10.59 -101.36
C SER A 255 -2.71 -11.67 -100.28
N ASP A 256 -3.86 -12.15 -99.81
CA ASP A 256 -3.91 -13.29 -98.85
C ASP A 256 -5.22 -13.48 -98.04
N GLU A 257 -5.39 -14.67 -97.46
CA GLU A 257 -6.71 -15.17 -97.09
C GLU A 257 -6.55 -16.25 -96.01
N ILE A 258 -7.39 -16.19 -94.97
CA ILE A 258 -7.24 -17.02 -93.73
C ILE A 258 -8.58 -17.64 -93.26
N THR A 259 -8.65 -18.98 -93.24
CA THR A 259 -9.87 -19.73 -92.82
C THR A 259 -9.69 -20.69 -91.65
N LEU A 260 -10.74 -20.80 -90.82
CA LEU A 260 -10.85 -21.79 -89.71
C LEU A 260 -12.21 -21.79 -88.99
N SER A 261 -12.55 -22.95 -88.39
CA SER A 261 -13.68 -23.05 -87.48
C SER A 261 -13.14 -23.20 -86.06
N PHE A 262 -13.86 -22.64 -85.08
CA PHE A 262 -13.39 -22.70 -83.68
C PHE A 262 -14.46 -23.18 -82.69
N LYS A 263 -13.99 -23.79 -81.60
CA LYS A 263 -14.85 -24.34 -80.56
C LYS A 263 -14.14 -24.03 -79.27
N THR A 264 -14.77 -23.19 -78.44
CA THR A 264 -14.20 -22.81 -77.12
C THR A 264 -15.25 -22.37 -76.11
N LEU A 265 -15.03 -22.76 -74.86
CA LEU A 265 -15.82 -22.27 -73.77
C LEU A 265 -15.27 -20.93 -73.31
N GLN A 266 -13.97 -20.68 -73.53
CA GLN A 266 -13.31 -19.50 -72.95
C GLN A 266 -13.33 -18.19 -73.69
N ARG A 267 -13.22 -17.12 -72.93
CA ARG A 267 -13.45 -15.76 -73.39
C ARG A 267 -12.27 -15.10 -74.16
N ASN A 268 -11.05 -15.58 -73.93
CA ASN A 268 -9.84 -15.15 -74.67
C ASN A 268 -8.97 -16.37 -74.99
N GLY A 269 -8.24 -16.27 -76.11
CA GLY A 269 -7.34 -17.34 -76.57
C GLY A 269 -6.82 -17.03 -77.96
N LEU A 270 -5.51 -17.17 -78.15
CA LEU A 270 -4.91 -16.96 -79.49
C LEU A 270 -5.12 -18.21 -80.29
N MET A 271 -5.90 -18.05 -81.38
CA MET A 271 -6.09 -19.04 -82.44
C MET A 271 -4.85 -19.08 -83.32
N LEU A 272 -4.39 -17.92 -83.80
CA LEU A 272 -3.13 -17.85 -84.59
C LEU A 272 -2.44 -16.46 -84.82
N HIS A 273 -1.16 -16.54 -85.18
CA HIS A 273 -0.25 -15.38 -85.38
C HIS A 273 1.03 -15.71 -86.18
N THR A 274 1.46 -14.76 -87.03
CA THR A 274 2.78 -14.81 -87.71
C THR A 274 3.56 -13.45 -87.78
N GLY A 275 4.89 -13.53 -87.56
CA GLY A 275 5.84 -12.40 -87.77
C GLY A 275 6.17 -11.51 -86.57
N LYS A 276 7.26 -10.72 -86.69
CA LYS A 276 7.80 -9.86 -85.58
C LYS A 276 7.62 -8.31 -85.78
N SER A 277 8.70 -7.53 -85.75
CA SER A 277 8.68 -6.04 -85.79
C SER A 277 7.41 -5.36 -86.29
N ALA A 278 7.46 -4.90 -87.57
CA ALA A 278 6.43 -4.07 -88.22
C ALA A 278 5.43 -4.89 -89.04
N ASP A 279 5.82 -6.11 -89.45
CA ASP A 279 4.89 -6.97 -90.20
C ASP A 279 4.41 -8.19 -89.42
N TYR A 280 3.09 -8.31 -89.23
CA TYR A 280 2.46 -9.43 -88.52
C TYR A 280 0.98 -9.46 -88.83
N VAL A 281 0.35 -10.58 -88.45
CA VAL A 281 -1.09 -10.82 -88.65
C VAL A 281 -1.51 -11.78 -87.57
N ASN A 282 -2.52 -11.38 -86.80
CA ASN A 282 -2.77 -11.92 -85.44
C ASN A 282 -4.24 -12.10 -85.17
N LEU A 283 -4.66 -13.35 -84.96
CA LEU A 283 -6.08 -13.64 -84.90
C LEU A 283 -6.49 -14.52 -83.70
N ALA A 284 -7.44 -13.99 -82.93
CA ALA A 284 -7.70 -14.48 -81.56
C ALA A 284 -8.96 -13.92 -80.93
N LEU A 285 -9.53 -14.71 -80.03
CA LEU A 285 -10.70 -14.27 -79.28
C LEU A 285 -10.37 -13.38 -78.07
N LYS A 286 -10.90 -12.15 -78.06
CA LYS A 286 -10.69 -11.14 -77.00
C LYS A 286 -11.99 -10.81 -76.25
N ASN A 287 -11.99 -11.09 -74.93
CA ASN A 287 -13.21 -11.11 -74.11
C ASN A 287 -14.50 -11.35 -74.92
N GLY A 288 -14.58 -12.54 -75.52
CA GLY A 288 -15.78 -12.97 -76.22
C GLY A 288 -15.96 -12.56 -77.68
N ALA A 289 -15.11 -11.67 -78.19
CA ALA A 289 -15.17 -11.25 -79.61
C ALA A 289 -13.97 -11.71 -80.41
N VAL A 290 -14.16 -11.87 -81.71
CA VAL A 290 -13.05 -12.28 -82.54
C VAL A 290 -12.18 -11.05 -82.86
N SER A 291 -10.96 -11.03 -82.32
CA SER A 291 -9.98 -10.01 -82.74
C SER A 291 -9.07 -10.44 -83.89
N LEU A 292 -8.72 -9.43 -84.67
CA LEU A 292 -7.83 -9.57 -85.80
C LEU A 292 -6.99 -8.33 -85.91
N VAL A 293 -5.68 -8.54 -85.99
CA VAL A 293 -4.72 -7.47 -86.16
C VAL A 293 -3.86 -7.71 -87.43
N ILE A 294 -3.68 -6.69 -88.26
CA ILE A 294 -2.76 -6.84 -89.37
C ILE A 294 -1.92 -5.60 -89.45
N ASN A 295 -0.60 -5.80 -89.53
CA ASN A 295 0.29 -4.70 -89.85
C ASN A 295 1.19 -5.14 -90.96
N LEU A 296 1.14 -4.36 -92.03
CA LEU A 296 1.90 -4.66 -93.22
C LEU A 296 3.22 -3.89 -93.24
N GLY A 297 3.42 -3.08 -92.19
CA GLY A 297 4.68 -2.37 -91.95
C GLY A 297 4.58 -0.93 -91.48
N SER A 298 3.36 -0.38 -91.45
CA SER A 298 3.17 1.04 -91.16
C SER A 298 1.78 1.41 -90.65
N GLY A 299 1.40 0.94 -89.46
CA GLY A 299 0.08 1.28 -88.90
C GLY A 299 -0.94 0.18 -89.11
N ALA A 300 -1.35 -0.47 -88.01
CA ALA A 300 -2.11 -1.71 -88.09
C ALA A 300 -3.56 -1.46 -88.46
N PHE A 301 -4.18 -2.48 -89.03
CA PHE A 301 -5.62 -2.53 -89.08
C PHE A 301 -6.06 -3.44 -87.92
N GLU A 302 -6.97 -2.92 -87.09
CA GLU A 302 -7.57 -3.66 -85.97
C GLU A 302 -9.07 -3.84 -86.19
N ALA A 303 -9.55 -5.07 -86.00
CA ALA A 303 -10.98 -5.37 -86.06
C ALA A 303 -11.33 -6.17 -84.80
N LEU A 304 -12.58 -6.09 -84.35
CA LEU A 304 -13.06 -6.92 -83.24
C LEU A 304 -14.52 -7.26 -83.47
N VAL A 305 -14.78 -8.36 -84.16
CA VAL A 305 -16.15 -8.69 -84.53
C VAL A 305 -16.97 -9.18 -83.32
N GLU A 306 -18.22 -8.70 -83.26
CA GLU A 306 -19.11 -8.80 -82.09
C GLU A 306 -20.03 -10.04 -82.01
N PRO A 307 -20.30 -10.52 -80.77
CA PRO A 307 -21.29 -11.60 -80.57
C PRO A 307 -22.75 -11.17 -80.89
N VAL A 308 -23.13 -11.16 -82.17
CA VAL A 308 -24.51 -10.91 -82.56
C VAL A 308 -25.35 -12.21 -82.41
N ASN A 309 -26.38 -12.17 -81.55
CA ASN A 309 -27.23 -13.32 -81.21
C ASN A 309 -26.45 -14.50 -80.54
N GLY A 310 -26.34 -14.44 -79.22
CA GLY A 310 -25.57 -15.42 -78.45
C GLY A 310 -24.14 -14.95 -78.20
N LYS A 311 -23.30 -15.86 -77.74
CA LYS A 311 -21.88 -15.60 -77.46
C LYS A 311 -21.04 -16.53 -78.36
N PHE A 312 -19.76 -16.17 -78.53
CA PHE A 312 -18.80 -17.02 -79.29
C PHE A 312 -18.18 -18.13 -78.42
N ASN A 313 -17.92 -17.81 -77.15
CA ASN A 313 -17.42 -18.77 -76.17
C ASN A 313 -18.48 -19.84 -75.75
N ASP A 314 -19.42 -20.09 -76.66
CA ASP A 314 -20.58 -20.99 -76.46
C ASP A 314 -20.32 -22.51 -76.53
N ASN A 315 -19.14 -22.93 -76.99
CA ASN A 315 -18.78 -24.34 -77.18
C ASN A 315 -19.34 -24.90 -78.50
N ALA A 316 -20.01 -24.04 -79.27
CA ALA A 316 -20.45 -24.41 -80.61
C ALA A 316 -19.41 -23.96 -81.64
N TRP A 317 -19.54 -24.51 -82.85
CA TRP A 317 -18.65 -24.20 -83.95
C TRP A 317 -18.92 -22.80 -84.50
N HIS A 318 -17.85 -22.08 -84.84
CA HIS A 318 -17.97 -20.81 -85.54
C HIS A 318 -16.89 -20.68 -86.60
N ASP A 319 -17.19 -19.92 -87.66
CA ASP A 319 -16.27 -19.73 -88.79
C ASP A 319 -15.65 -18.35 -88.86
N VAL A 320 -14.39 -18.35 -89.32
CA VAL A 320 -13.65 -17.13 -89.60
C VAL A 320 -13.12 -17.20 -91.02
N LYS A 321 -13.53 -16.22 -91.82
CA LYS A 321 -12.85 -15.92 -93.05
C LYS A 321 -12.20 -14.52 -92.93
N VAL A 322 -10.89 -14.47 -93.18
CA VAL A 322 -10.17 -13.21 -93.30
C VAL A 322 -9.60 -13.14 -94.71
N THR A 323 -9.81 -12.02 -95.39
CA THR A 323 -9.27 -11.80 -96.74
C THR A 323 -8.50 -10.49 -96.75
N ARG A 324 -7.57 -10.35 -97.70
CA ARG A 324 -6.76 -9.15 -97.79
C ARG A 324 -6.18 -8.89 -99.17
N ASN A 325 -6.63 -7.77 -99.74
CA ASN A 325 -6.13 -7.31 -100.99
C ASN A 325 -5.34 -6.00 -100.76
N LEU A 326 -4.02 -6.07 -100.93
CA LEU A 326 -3.11 -4.96 -100.57
C LEU A 326 -3.29 -4.59 -99.10
N ARG A 327 -3.74 -3.36 -98.86
CA ARG A 327 -3.99 -2.87 -97.50
C ARG A 327 -5.49 -2.90 -97.14
N GLN A 328 -6.20 -3.82 -97.79
CA GLN A 328 -7.65 -3.95 -97.58
C GLN A 328 -8.02 -5.26 -96.92
N VAL A 329 -8.67 -5.14 -95.76
CA VAL A 329 -8.98 -6.27 -94.92
C VAL A 329 -10.48 -6.44 -94.63
N THR A 330 -10.95 -7.65 -94.95
CA THR A 330 -12.29 -8.07 -94.62
C THR A 330 -12.25 -9.31 -93.75
N ILE A 331 -12.95 -9.20 -92.62
CA ILE A 331 -13.16 -10.27 -91.65
C ILE A 331 -14.64 -10.74 -91.64
N SER A 332 -14.86 -11.96 -92.15
CA SER A 332 -16.20 -12.58 -92.18
C SER A 332 -16.35 -13.58 -91.03
N VAL A 333 -17.53 -13.59 -90.39
CA VAL A 333 -17.85 -14.55 -89.31
C VAL A 333 -19.04 -15.45 -89.66
N ASP A 334 -18.83 -16.76 -89.45
CA ASP A 334 -19.74 -17.84 -89.84
C ASP A 334 -20.12 -17.75 -91.31
N GLY A 335 -19.54 -16.77 -92.00
CA GLY A 335 -19.96 -16.38 -93.34
C GLY A 335 -21.14 -15.41 -93.36
N ILE A 336 -21.09 -14.36 -92.53
CA ILE A 336 -22.07 -13.23 -92.57
C ILE A 336 -22.07 -12.25 -91.39
N LEU A 337 -20.88 -11.78 -90.97
CA LEU A 337 -20.78 -10.65 -90.00
C LEU A 337 -19.58 -9.74 -90.31
N THR A 338 -19.50 -9.37 -91.58
CA THR A 338 -18.39 -8.64 -92.18
C THR A 338 -18.04 -7.28 -91.54
N THR A 339 -16.76 -6.94 -91.63
CA THR A 339 -16.16 -5.68 -91.17
C THR A 339 -15.00 -5.34 -92.11
N THR A 340 -14.96 -4.10 -92.60
CA THR A 340 -13.90 -3.71 -93.52
C THR A 340 -13.14 -2.47 -93.05
N GLY A 341 -11.82 -2.51 -93.23
CA GLY A 341 -10.94 -1.37 -92.97
C GLY A 341 -9.63 -1.46 -93.72
N TYR A 342 -8.71 -0.55 -93.39
CA TYR A 342 -7.42 -0.44 -94.06
C TYR A 342 -6.24 -0.54 -93.11
N THR A 343 -5.09 -1.01 -93.61
CA THR A 343 -3.81 -0.85 -92.91
C THR A 343 -3.31 0.57 -93.19
N GLN A 344 -2.65 1.18 -92.22
CA GLN A 344 -2.31 2.61 -92.33
C GLN A 344 -1.21 2.91 -93.40
N GLU A 345 -0.87 4.20 -93.55
CA GLU A 345 0.21 4.69 -94.41
C GLU A 345 0.18 3.95 -95.74
N ASP A 346 1.31 3.62 -96.35
CA ASP A 346 1.28 3.12 -97.75
C ASP A 346 1.74 1.70 -98.01
N TYR A 347 2.21 1.01 -96.97
CA TYR A 347 2.75 -0.35 -97.13
C TYR A 347 1.72 -1.42 -97.48
N THR A 348 2.17 -2.36 -98.29
CA THR A 348 1.29 -3.35 -98.90
C THR A 348 1.91 -4.74 -98.85
N MET A 349 3.10 -4.83 -98.27
CA MET A 349 3.85 -6.09 -98.22
C MET A 349 4.08 -6.62 -96.83
N LEU A 350 3.26 -7.64 -96.54
CA LEU A 350 3.36 -8.53 -95.36
C LEU A 350 4.55 -9.52 -95.42
N GLY A 351 5.69 -9.13 -94.85
CA GLY A 351 6.86 -10.00 -94.78
C GLY A 351 7.13 -10.61 -93.41
N SER A 352 7.06 -11.93 -93.33
CA SER A 352 7.40 -12.65 -92.09
C SER A 352 8.22 -13.93 -92.33
N ASP A 353 9.45 -13.97 -91.82
CA ASP A 353 10.33 -15.10 -92.10
C ASP A 353 10.74 -15.82 -90.84
N ASP A 354 10.05 -15.49 -89.75
CA ASP A 354 10.30 -16.17 -88.48
C ASP A 354 9.36 -17.38 -88.30
N PHE A 355 8.40 -17.30 -87.39
CA PHE A 355 7.57 -18.45 -87.07
C PHE A 355 6.09 -18.19 -87.34
N PHE A 356 5.36 -19.22 -87.74
CA PHE A 356 3.90 -19.14 -87.85
C PHE A 356 3.21 -20.00 -86.77
N TYR A 357 2.63 -19.34 -85.77
CA TYR A 357 2.01 -20.01 -84.63
C TYR A 357 0.53 -20.33 -84.84
N VAL A 358 0.11 -21.52 -84.38
CA VAL A 358 -1.31 -21.92 -84.26
C VAL A 358 -1.72 -22.41 -82.84
N GLY A 359 -2.76 -21.80 -82.27
CA GLY A 359 -3.33 -22.24 -80.98
C GLY A 359 -2.67 -21.79 -79.68
N GLY A 360 -1.64 -20.95 -79.77
CA GLY A 360 -0.87 -20.52 -78.57
C GLY A 360 0.55 -20.14 -78.92
N SER A 361 1.36 -19.77 -77.93
CA SER A 361 2.76 -19.39 -78.22
C SER A 361 3.70 -19.42 -76.99
N PRO A 362 5.03 -19.25 -77.20
CA PRO A 362 5.98 -19.27 -76.09
C PRO A 362 5.71 -18.12 -75.12
N SER A 363 5.15 -17.04 -75.65
CA SER A 363 4.64 -15.91 -74.88
C SER A 363 3.70 -15.09 -75.77
N THR A 364 2.41 -15.14 -75.47
CA THR A 364 1.41 -14.48 -76.28
C THR A 364 1.27 -12.99 -76.05
N ALA A 365 1.39 -12.56 -74.80
CA ALA A 365 1.29 -11.15 -74.44
C ALA A 365 2.43 -10.37 -75.05
N ASP A 366 3.35 -11.10 -75.69
CA ASP A 366 4.51 -10.55 -76.40
C ASP A 366 4.41 -10.41 -77.92
N LEU A 367 4.26 -11.53 -78.65
CA LEU A 367 4.08 -11.38 -80.08
C LEU A 367 3.29 -10.08 -80.33
N PRO A 368 3.73 -9.33 -81.36
CA PRO A 368 3.21 -8.03 -81.82
C PRO A 368 1.72 -8.04 -82.05
N GLY A 369 1.11 -6.87 -81.86
CA GLY A 369 -0.32 -6.69 -82.01
C GLY A 369 -1.29 -7.60 -81.24
N SER A 370 -0.79 -8.58 -80.47
CA SER A 370 -1.67 -9.43 -79.66
C SER A 370 -2.53 -8.56 -78.75
N PRO A 371 -3.85 -8.80 -78.75
CA PRO A 371 -4.79 -8.27 -77.78
C PRO A 371 -5.02 -9.25 -76.62
N VAL A 372 -4.84 -10.55 -76.88
CA VAL A 372 -4.90 -11.56 -75.84
C VAL A 372 -3.51 -11.89 -75.26
N SER A 373 -3.48 -12.81 -74.31
CA SER A 373 -2.21 -13.29 -73.76
C SER A 373 -2.37 -14.75 -73.41
N ASN A 374 -3.41 -15.34 -73.98
CA ASN A 374 -3.86 -16.63 -73.55
C ASN A 374 -3.72 -17.60 -74.66
N ASN A 375 -3.19 -18.78 -74.36
CA ASN A 375 -3.19 -19.84 -75.37
C ASN A 375 -4.63 -20.29 -75.60
N PHE A 376 -4.89 -21.06 -76.64
CA PHE A 376 -6.26 -21.46 -76.88
C PHE A 376 -6.65 -22.70 -76.07
N MET A 377 -7.83 -22.63 -75.44
CA MET A 377 -8.42 -23.83 -74.83
C MET A 377 -9.67 -24.25 -75.57
N GLY A 378 -9.70 -25.51 -76.01
CA GLY A 378 -10.76 -26.01 -76.87
C GLY A 378 -10.25 -26.48 -78.23
N CYS A 379 -11.17 -26.62 -79.20
CA CYS A 379 -10.91 -27.26 -80.52
C CYS A 379 -10.76 -26.29 -81.69
N LEU A 380 -9.68 -26.44 -82.46
CA LEU A 380 -9.55 -25.70 -83.72
C LEU A 380 -9.71 -26.59 -85.01
N LYS A 381 -10.29 -26.02 -86.09
CA LYS A 381 -10.68 -26.77 -87.33
C LYS A 381 -10.22 -26.13 -88.64
N GLU A 382 -9.74 -26.96 -89.55
CA GLU A 382 -9.47 -26.59 -90.96
C GLU A 382 -8.72 -25.26 -91.16
N VAL A 383 -7.58 -25.14 -90.49
CA VAL A 383 -6.77 -23.93 -90.49
C VAL A 383 -5.91 -23.85 -91.74
N VAL A 384 -5.99 -22.71 -92.45
CA VAL A 384 -5.28 -22.46 -93.75
C VAL A 384 -4.90 -20.98 -93.99
N TYR A 385 -3.69 -20.77 -94.51
CA TYR A 385 -3.27 -19.47 -95.02
C TYR A 385 -2.95 -19.64 -96.51
N LYS A 386 -3.86 -19.18 -97.38
CA LYS A 386 -3.57 -19.10 -98.81
C LYS A 386 -3.07 -17.70 -99.11
N ASN A 387 -1.93 -17.65 -99.77
CA ASN A 387 -1.53 -16.43 -100.44
C ASN A 387 -1.44 -16.68 -101.94
N ASN A 388 -1.13 -15.60 -102.65
CA ASN A 388 -0.96 -15.65 -104.08
C ASN A 388 0.00 -16.75 -104.60
N ASP A 389 1.07 -16.99 -103.85
CA ASP A 389 2.14 -17.94 -104.23
C ASP A 389 1.91 -19.35 -103.65
N VAL A 390 1.97 -19.44 -102.30
CA VAL A 390 1.97 -20.73 -101.60
C VAL A 390 0.67 -20.94 -100.80
N ARG A 391 0.39 -22.17 -100.39
CA ARG A 391 -0.83 -22.48 -99.65
C ARG A 391 -0.57 -23.28 -98.36
N LEU A 392 -0.03 -22.59 -97.34
CA LEU A 392 0.29 -23.21 -96.03
C LEU A 392 -0.98 -23.67 -95.30
N GLU A 393 -1.26 -24.98 -95.34
CA GLU A 393 -2.53 -25.54 -94.87
C GLU A 393 -2.34 -26.26 -93.52
N LEU A 394 -2.34 -25.47 -92.44
CA LEU A 394 -1.69 -25.80 -91.14
C LEU A 394 -2.30 -26.94 -90.28
N SER A 395 -3.63 -27.04 -90.24
CA SER A 395 -4.35 -28.19 -89.64
C SER A 395 -3.94 -29.55 -90.24
N ARG A 396 -3.75 -29.59 -91.56
CA ARG A 396 -3.40 -30.81 -92.29
C ARG A 396 -1.93 -31.21 -92.13
N LEU A 397 -1.03 -30.25 -92.32
CA LEU A 397 0.43 -30.45 -92.21
C LEU A 397 0.86 -30.86 -90.79
N ALA A 398 0.10 -30.43 -89.78
CA ALA A 398 0.36 -30.81 -88.39
C ALA A 398 0.00 -32.28 -88.14
N LYS A 399 -1.13 -32.74 -88.70
CA LYS A 399 -1.56 -34.14 -88.61
C LYS A 399 -0.70 -35.09 -89.48
N GLN A 400 -0.67 -34.86 -90.79
CA GLN A 400 0.12 -35.70 -91.71
C GLN A 400 1.64 -35.68 -91.44
N GLY A 401 2.10 -34.73 -90.63
CA GLY A 401 3.51 -34.65 -90.21
C GLY A 401 4.43 -34.00 -91.24
N ASP A 402 5.07 -32.89 -90.86
CA ASP A 402 6.01 -32.17 -91.73
C ASP A 402 7.30 -31.81 -90.97
N PRO A 403 8.49 -32.14 -91.53
CA PRO A 403 9.74 -31.68 -90.91
C PRO A 403 9.89 -30.14 -90.86
N LYS A 404 8.87 -29.42 -91.28
CA LYS A 404 8.79 -27.96 -91.07
C LYS A 404 7.74 -27.57 -90.00
N MET A 405 6.96 -28.55 -89.56
CA MET A 405 5.94 -28.39 -88.50
C MET A 405 6.45 -28.93 -87.15
N LYS A 406 6.62 -28.06 -86.15
CA LYS A 406 7.04 -28.47 -84.80
C LYS A 406 5.85 -28.49 -83.83
N ILE A 407 5.52 -29.68 -83.30
CA ILE A 407 4.39 -29.83 -82.36
C ILE A 407 4.87 -29.66 -80.90
N HIS A 408 5.01 -28.39 -80.48
CA HIS A 408 5.56 -28.02 -79.15
C HIS A 408 4.54 -28.26 -78.03
N GLY A 409 4.84 -29.24 -77.16
CA GLY A 409 4.01 -29.58 -76.00
C GLY A 409 2.69 -30.32 -76.24
N VAL A 410 2.40 -31.28 -75.36
CA VAL A 410 1.14 -32.11 -75.31
C VAL A 410 0.80 -33.03 -76.54
N VAL A 411 0.05 -32.51 -77.53
CA VAL A 411 -0.53 -33.29 -78.68
C VAL A 411 -2.04 -33.54 -78.44
N ALA A 412 -2.80 -33.85 -79.50
CA ALA A 412 -4.22 -34.32 -79.40
C ALA A 412 -5.03 -34.00 -80.66
N PHE A 413 -5.53 -35.04 -81.35
CA PHE A 413 -5.99 -34.90 -82.76
C PHE A 413 -7.45 -35.24 -83.16
N LYS A 414 -8.34 -35.37 -82.20
CA LYS A 414 -9.79 -35.52 -82.48
C LYS A 414 -10.56 -34.34 -81.86
N CYS A 415 -11.90 -34.40 -81.92
CA CYS A 415 -12.77 -33.50 -81.14
C CYS A 415 -14.09 -34.15 -80.65
N GLU A 416 -15.00 -33.32 -80.14
CA GLU A 416 -16.10 -33.68 -79.23
C GLU A 416 -15.56 -33.75 -77.79
N ASN A 417 -14.33 -33.21 -77.61
CA ASN A 417 -13.60 -33.16 -76.33
C ASN A 417 -13.81 -31.85 -75.54
N VAL A 418 -14.28 -31.93 -74.30
CA VAL A 418 -14.64 -30.69 -73.56
C VAL A 418 -13.46 -30.05 -72.74
N ALA A 419 -13.72 -29.15 -71.78
CA ALA A 419 -12.59 -28.44 -71.11
C ALA A 419 -12.59 -28.21 -69.55
N THR A 420 -13.41 -27.24 -69.07
CA THR A 420 -13.08 -26.31 -67.93
C THR A 420 -12.49 -26.77 -66.59
N LEU A 421 -11.96 -25.78 -65.87
CA LEU A 421 -11.17 -25.94 -64.64
C LEU A 421 -11.92 -25.28 -63.49
N ASP A 422 -11.88 -25.89 -62.30
CA ASP A 422 -12.58 -25.38 -61.12
C ASP A 422 -11.95 -24.11 -60.61
N PRO A 423 -12.77 -23.26 -59.97
CA PRO A 423 -12.38 -22.15 -59.09
C PRO A 423 -12.18 -22.62 -57.65
N ILE A 424 -11.58 -21.79 -56.80
CA ILE A 424 -11.12 -22.23 -55.46
C ILE A 424 -11.39 -21.22 -54.32
N THR A 425 -11.69 -21.76 -53.13
CA THR A 425 -11.81 -20.96 -51.87
C THR A 425 -10.70 -21.23 -50.85
N PHE A 426 -9.95 -20.20 -50.50
CA PHE A 426 -8.99 -20.31 -49.42
C PHE A 426 -9.76 -19.94 -48.18
N GLU A 427 -10.14 -20.95 -47.39
CA GLU A 427 -11.00 -20.77 -46.20
C GLU A 427 -10.34 -20.03 -45.04
N THR A 428 -9.02 -20.24 -44.84
CA THR A 428 -8.28 -19.63 -43.72
C THR A 428 -7.17 -18.71 -44.20
N PRO A 429 -6.76 -17.70 -43.39
CA PRO A 429 -5.58 -16.90 -43.74
C PRO A 429 -4.40 -17.79 -44.15
N GLU A 430 -3.88 -18.55 -43.18
CA GLU A 430 -2.66 -19.33 -43.32
C GLU A 430 -2.67 -20.24 -44.53
N SER A 431 -3.85 -20.67 -45.00
CA SER A 431 -3.90 -21.50 -46.20
C SER A 431 -3.31 -20.78 -47.41
N PHE A 432 -2.55 -21.57 -48.18
CA PHE A 432 -1.82 -21.16 -49.40
C PHE A 432 -1.63 -22.35 -50.41
N ILE A 433 -1.53 -22.06 -51.71
CA ILE A 433 -1.12 -23.08 -52.71
C ILE A 433 0.33 -22.81 -53.18
N SER A 434 1.15 -23.87 -53.27
CA SER A 434 2.53 -23.71 -53.78
C SER A 434 2.50 -23.76 -55.30
N LEU A 435 3.22 -22.86 -55.99
CA LEU A 435 3.14 -22.77 -57.47
C LEU A 435 4.43 -23.11 -58.23
N PRO A 436 4.31 -23.62 -59.50
CA PRO A 436 5.52 -23.90 -60.32
C PRO A 436 6.24 -22.59 -60.63
N LYS A 437 7.57 -22.58 -60.48
CA LYS A 437 8.44 -21.42 -60.78
C LYS A 437 7.92 -20.55 -61.95
N TRP A 438 7.67 -19.26 -61.70
CA TRP A 438 7.37 -18.33 -62.80
C TRP A 438 8.68 -18.12 -63.52
N ASN A 439 8.79 -18.70 -64.71
CA ASN A 439 10.02 -18.49 -65.43
C ASN A 439 9.88 -17.24 -66.30
N ALA A 440 9.86 -16.09 -65.60
CA ALA A 440 10.03 -14.77 -66.21
C ALA A 440 11.53 -14.47 -66.45
N LYS A 441 11.82 -13.20 -66.69
CA LYS A 441 13.05 -12.77 -67.35
C LYS A 441 12.84 -11.29 -67.66
N LYS A 442 12.95 -10.95 -68.96
CA LYS A 442 12.59 -9.66 -69.55
C LYS A 442 11.08 -9.44 -69.45
N THR A 443 10.31 -10.45 -69.86
CA THR A 443 8.87 -10.34 -69.93
C THR A 443 8.22 -11.55 -69.29
N GLY A 444 7.01 -11.30 -68.80
CA GLY A 444 6.09 -12.32 -68.29
C GLY A 444 4.72 -11.71 -67.98
N SER A 445 3.71 -12.55 -67.90
CA SER A 445 2.39 -12.02 -67.66
C SER A 445 1.68 -12.96 -66.74
N ILE A 446 0.65 -12.47 -66.07
CA ILE A 446 -0.18 -13.27 -65.17
C ILE A 446 -1.66 -12.76 -65.17
N SER A 447 -2.63 -13.66 -65.15
CA SER A 447 -4.02 -13.28 -64.92
C SER A 447 -4.71 -14.32 -64.10
N PHE A 448 -5.64 -13.86 -63.27
CA PHE A 448 -6.47 -14.70 -62.44
C PHE A 448 -7.64 -13.86 -62.01
N ASP A 449 -8.71 -14.53 -61.61
CA ASP A 449 -9.85 -13.86 -60.99
C ASP A 449 -10.05 -14.07 -59.44
N PHE A 450 -10.44 -13.01 -58.74
CA PHE A 450 -10.65 -13.12 -57.30
C PHE A 450 -12.00 -12.61 -56.78
N ARG A 451 -12.31 -12.97 -55.53
CA ARG A 451 -13.56 -12.57 -54.91
C ARG A 451 -13.44 -12.66 -53.40
N THR A 452 -13.73 -11.56 -52.68
CA THR A 452 -13.68 -11.61 -51.18
C THR A 452 -14.33 -10.40 -50.47
N THR A 453 -14.60 -10.52 -49.18
CA THR A 453 -15.05 -9.38 -48.35
C THR A 453 -14.00 -9.07 -47.32
N GLU A 454 -12.90 -9.83 -47.34
CA GLU A 454 -11.74 -9.66 -46.47
C GLU A 454 -10.87 -8.43 -46.83
N PRO A 455 -10.77 -7.45 -45.92
CA PRO A 455 -10.16 -6.20 -46.37
C PRO A 455 -8.64 -6.32 -46.56
N ASN A 456 -7.98 -7.10 -45.71
CA ASN A 456 -6.55 -7.30 -45.82
C ASN A 456 -6.21 -8.70 -46.31
N GLY A 457 -5.30 -8.84 -47.28
CA GLY A 457 -4.65 -10.14 -47.48
C GLY A 457 -3.70 -10.37 -48.65
N LEU A 458 -2.60 -11.07 -48.36
CA LEU A 458 -1.60 -11.43 -49.39
C LEU A 458 -2.03 -12.49 -50.41
N ILE A 459 -2.26 -12.07 -51.67
CA ILE A 459 -2.78 -12.91 -52.80
C ILE A 459 -1.74 -13.74 -53.59
N LEU A 460 -0.76 -13.05 -54.17
CA LEU A 460 0.40 -13.65 -54.85
C LEU A 460 1.67 -13.01 -54.33
N PHE A 461 2.74 -13.81 -54.16
CA PHE A 461 4.03 -13.28 -53.75
C PHE A 461 5.15 -14.16 -54.25
N SER A 462 6.27 -13.56 -54.67
CA SER A 462 7.49 -14.35 -54.96
C SER A 462 8.79 -13.58 -55.07
N HIS A 463 9.86 -14.04 -54.38
CA HIS A 463 11.18 -13.39 -54.40
C HIS A 463 12.27 -14.08 -55.24
N GLY A 464 13.38 -13.37 -55.50
CA GLY A 464 14.61 -13.96 -56.07
C GLY A 464 15.65 -14.52 -55.08
N LYS A 465 16.92 -14.35 -55.39
CA LYS A 465 17.98 -14.79 -54.50
C LYS A 465 18.62 -13.58 -53.82
N PRO A 466 19.10 -13.76 -52.57
CA PRO A 466 19.80 -12.71 -51.82
C PRO A 466 20.96 -12.01 -52.58
N ARG A 467 20.90 -10.67 -52.66
CA ARG A 467 21.90 -9.82 -53.34
C ARG A 467 23.11 -9.42 -52.48
N HIS A 468 24.31 -9.41 -53.07
CA HIS A 468 25.53 -8.93 -52.38
C HIS A 468 25.52 -7.39 -52.20
N GLN A 469 24.61 -6.71 -52.93
CA GLN A 469 24.34 -5.28 -52.79
C GLN A 469 23.51 -5.04 -51.54
N LYS A 470 24.19 -4.69 -50.44
CA LYS A 470 23.59 -4.48 -49.10
C LYS A 470 22.73 -3.22 -48.97
N ASP A 471 22.04 -3.09 -47.84
CA ASP A 471 21.50 -1.80 -47.45
C ASP A 471 22.55 -0.99 -46.69
N ALA A 472 22.49 0.33 -46.72
CA ALA A 472 23.46 1.13 -45.93
C ALA A 472 23.17 1.11 -44.43
N LYS A 473 21.89 1.29 -44.10
CA LYS A 473 21.34 1.31 -42.74
C LYS A 473 21.14 -0.11 -42.14
N HIS A 474 20.78 -1.08 -42.99
CA HIS A 474 20.47 -2.43 -42.51
C HIS A 474 21.22 -3.57 -43.23
N PRO A 475 22.57 -3.69 -43.01
CA PRO A 475 23.35 -4.75 -43.66
C PRO A 475 22.84 -6.13 -43.28
N GLN A 476 22.04 -6.16 -42.22
CA GLN A 476 21.48 -7.34 -41.63
C GLN A 476 20.26 -7.85 -42.36
N MET A 477 19.71 -6.97 -43.19
CA MET A 477 18.42 -7.20 -43.86
C MET A 477 18.64 -7.77 -45.24
N ILE A 478 18.06 -8.94 -45.52
CA ILE A 478 18.25 -9.61 -46.79
C ILE A 478 17.48 -8.93 -47.93
N LYS A 479 18.20 -8.38 -48.90
CA LYS A 479 17.55 -7.73 -50.02
C LYS A 479 17.38 -8.74 -51.18
N VAL A 480 16.22 -8.71 -51.84
CA VAL A 480 15.91 -9.60 -52.96
C VAL A 480 15.02 -8.89 -53.97
N ASP A 481 15.19 -9.21 -55.26
CA ASP A 481 14.17 -8.97 -56.29
C ASP A 481 12.83 -9.61 -55.85
N PHE A 482 11.71 -9.08 -56.33
CA PHE A 482 10.40 -9.66 -56.02
C PHE A 482 9.20 -8.99 -56.73
N PHE A 483 8.08 -9.69 -56.70
CA PHE A 483 6.80 -9.03 -56.86
C PHE A 483 5.73 -9.68 -55.97
N ALA A 484 4.75 -8.86 -55.60
CA ALA A 484 3.60 -9.32 -54.85
C ALA A 484 2.31 -8.65 -55.36
N ILE A 485 1.19 -9.36 -55.28
CA ILE A 485 -0.06 -8.66 -55.32
C ILE A 485 -0.71 -8.79 -53.96
N GLU A 486 -1.25 -7.69 -53.43
CA GLU A 486 -1.77 -7.72 -52.07
C GLU A 486 -3.03 -6.85 -51.86
N MET A 487 -3.98 -7.36 -51.09
CA MET A 487 -5.01 -6.47 -50.52
C MET A 487 -4.65 -5.91 -49.11
N LEU A 488 -4.98 -4.63 -48.88
CA LEU A 488 -4.79 -3.85 -47.68
C LEU A 488 -5.94 -2.86 -47.49
N ASP A 489 -6.92 -3.23 -46.67
CA ASP A 489 -8.14 -2.42 -46.35
C ASP A 489 -9.04 -2.25 -47.51
N GLY A 490 -9.27 -3.37 -48.19
CA GLY A 490 -10.08 -3.39 -49.39
C GLY A 490 -9.36 -2.85 -50.58
N HIS A 491 -8.07 -2.50 -50.44
CA HIS A 491 -7.39 -1.96 -51.62
C HIS A 491 -6.40 -2.90 -52.26
N LEU A 492 -6.48 -2.95 -53.63
CA LEU A 492 -5.61 -3.79 -54.38
C LEU A 492 -4.32 -3.12 -54.80
N TYR A 493 -3.26 -3.92 -54.78
CA TYR A 493 -1.86 -3.45 -54.76
C TYR A 493 -0.90 -4.38 -55.44
N LEU A 494 0.00 -3.74 -56.15
CA LEU A 494 1.01 -4.40 -56.91
C LEU A 494 2.35 -3.97 -56.36
N LEU A 495 3.26 -4.93 -56.25
CA LEU A 495 4.60 -4.64 -55.72
C LEU A 495 5.71 -5.32 -56.58
N LEU A 496 6.66 -4.50 -57.00
CA LEU A 496 7.73 -4.95 -57.85
C LEU A 496 9.03 -4.35 -57.36
N ASP A 497 10.08 -5.14 -57.35
CA ASP A 497 11.42 -4.63 -57.11
C ASP A 497 12.40 -5.48 -57.95
N MET A 498 13.06 -4.82 -58.89
CA MET A 498 13.83 -5.54 -59.89
C MET A 498 15.31 -5.39 -59.70
N GLY A 499 15.67 -4.76 -58.59
CA GLY A 499 17.06 -4.60 -58.24
C GLY A 499 17.41 -3.18 -57.88
N SER A 500 16.45 -2.23 -57.98
CA SER A 500 16.68 -0.85 -57.49
C SER A 500 15.42 -0.05 -57.18
N GLY A 501 14.99 -0.10 -55.92
CA GLY A 501 13.78 0.59 -55.51
C GLY A 501 12.51 -0.17 -55.87
N THR A 502 11.52 -0.03 -55.00
CA THR A 502 10.24 -0.74 -55.08
C THR A 502 9.22 0.14 -55.79
N ILE A 503 8.06 -0.43 -56.09
CA ILE A 503 6.95 0.32 -56.63
C ILE A 503 5.70 -0.26 -56.01
N LYS A 504 4.85 0.65 -55.52
CA LYS A 504 3.54 0.36 -54.94
C LYS A 504 2.48 1.00 -55.87
N ILE A 505 1.44 0.25 -56.23
CA ILE A 505 0.40 0.81 -57.11
C ILE A 505 -1.02 0.47 -56.66
N LYS A 506 -1.79 1.51 -56.37
CA LYS A 506 -3.19 1.27 -56.20
C LYS A 506 -3.75 0.82 -57.60
N ALA A 507 -4.01 -0.48 -57.65
CA ALA A 507 -4.48 -1.20 -58.81
C ALA A 507 -5.82 -0.69 -59.34
N LEU A 508 -6.52 0.04 -58.48
CA LEU A 508 -7.88 0.53 -58.75
C LEU A 508 -8.29 1.49 -57.62
N GLN A 509 -8.99 2.57 -57.98
CA GLN A 509 -9.35 3.60 -56.98
C GLN A 509 -10.25 3.07 -55.83
N LYS A 510 -11.34 2.42 -56.24
CA LYS A 510 -12.36 1.79 -55.42
C LYS A 510 -11.85 0.57 -54.63
N LYS A 511 -12.38 0.40 -53.39
CA LYS A 511 -12.17 -0.81 -52.56
C LYS A 511 -12.74 -2.07 -53.24
N VAL A 512 -12.00 -3.16 -53.20
CA VAL A 512 -12.36 -4.30 -54.03
C VAL A 512 -12.92 -5.46 -53.27
N ASN A 513 -13.03 -5.31 -51.95
CA ASN A 513 -13.59 -6.39 -51.12
C ASN A 513 -15.10 -6.31 -51.08
N ASP A 514 -15.65 -6.21 -52.28
CA ASP A 514 -17.06 -6.10 -52.58
C ASP A 514 -17.77 -7.42 -52.40
N GLY A 515 -16.98 -8.49 -52.25
CA GLY A 515 -17.47 -9.85 -52.45
C GLY A 515 -18.08 -9.98 -53.84
N GLU A 516 -17.28 -9.62 -54.83
CA GLU A 516 -17.67 -9.67 -56.24
C GLU A 516 -16.44 -10.12 -57.03
N TRP A 517 -16.61 -10.84 -58.13
CA TRP A 517 -15.47 -11.30 -58.92
C TRP A 517 -14.75 -10.16 -59.65
N TYR A 518 -13.41 -10.20 -59.65
CA TYR A 518 -12.61 -9.25 -60.41
C TYR A 518 -11.57 -9.94 -61.25
N HIS A 519 -11.37 -9.43 -62.47
CA HIS A 519 -10.32 -9.94 -63.34
C HIS A 519 -9.05 -9.12 -63.20
N VAL A 520 -7.94 -9.83 -63.06
CA VAL A 520 -6.65 -9.25 -62.76
C VAL A 520 -5.61 -9.64 -63.85
N ASP A 521 -5.35 -8.76 -64.81
CA ASP A 521 -4.16 -8.97 -65.63
C ASP A 521 -2.93 -8.22 -65.10
N PHE A 522 -1.81 -8.91 -65.17
CA PHE A 522 -0.51 -8.33 -64.93
C PHE A 522 0.48 -8.67 -66.08
N GLN A 523 0.82 -7.62 -66.85
CA GLN A 523 1.73 -7.70 -67.97
C GLN A 523 2.99 -6.90 -67.63
N ARG A 524 4.16 -7.51 -67.77
CA ARG A 524 5.40 -6.75 -67.56
C ARG A 524 6.43 -6.97 -68.63
N ASP A 525 7.17 -5.90 -68.93
CA ASP A 525 8.24 -5.91 -69.93
C ASP A 525 9.49 -5.14 -69.44
N GLY A 526 10.46 -5.87 -68.88
CA GLY A 526 11.54 -5.22 -68.15
C GLY A 526 11.01 -4.22 -67.12
N ARG A 527 11.42 -2.97 -67.29
CA ARG A 527 11.16 -1.89 -66.33
C ARG A 527 9.68 -1.50 -66.20
N SER A 528 8.90 -1.72 -67.26
CA SER A 528 7.52 -1.24 -67.31
C SER A 528 6.53 -2.38 -67.27
N GLY A 529 5.28 -2.04 -67.07
CA GLY A 529 4.21 -3.01 -67.16
C GLY A 529 2.89 -2.37 -66.85
N THR A 530 1.82 -3.15 -66.97
CA THR A 530 0.53 -2.64 -66.63
C THR A 530 -0.14 -3.65 -65.75
N ILE A 531 -1.03 -3.15 -64.89
CA ILE A 531 -1.88 -3.97 -64.01
C ILE A 531 -3.33 -3.55 -64.24
N SER A 532 -4.16 -4.56 -64.44
CA SER A 532 -5.47 -4.38 -65.11
C SER A 532 -6.48 -5.02 -64.21
N VAL A 533 -7.53 -4.29 -63.88
CA VAL A 533 -8.57 -4.86 -63.00
C VAL A 533 -9.86 -4.68 -63.73
N ASN A 534 -10.51 -5.81 -64.00
CA ASN A 534 -11.67 -5.86 -64.87
C ASN A 534 -11.43 -5.03 -66.14
N THR A 535 -10.20 -4.94 -66.63
CA THR A 535 -9.98 -4.19 -67.89
C THR A 535 -9.24 -2.87 -67.68
N LEU A 536 -9.41 -2.28 -66.50
CA LEU A 536 -8.85 -0.96 -66.26
C LEU A 536 -7.36 -1.06 -65.87
N ARG A 537 -6.53 -0.73 -66.88
CA ARG A 537 -5.07 -0.82 -66.82
C ARG A 537 -4.43 0.38 -66.11
N THR A 538 -3.37 0.09 -65.39
CA THR A 538 -2.63 1.12 -64.69
C THR A 538 -1.14 1.05 -65.09
N PRO A 539 -0.59 2.19 -65.62
CA PRO A 539 0.85 2.32 -65.86
C PRO A 539 1.77 2.18 -64.60
N TYR A 540 2.86 1.45 -64.79
CA TYR A 540 4.01 1.52 -63.92
C TYR A 540 5.34 1.53 -64.72
N THR A 541 6.34 2.15 -64.09
CA THR A 541 7.76 2.00 -64.46
C THR A 541 8.49 1.92 -63.13
N ALA A 542 9.22 0.83 -62.90
CA ALA A 542 10.04 0.66 -61.70
C ALA A 542 11.32 1.49 -61.83
N PRO A 543 11.85 1.99 -60.69
CA PRO A 543 13.07 2.85 -60.67
C PRO A 543 14.38 2.12 -61.10
N GLY A 544 15.40 2.89 -61.48
CA GLY A 544 16.67 2.33 -61.91
C GLY A 544 16.59 1.69 -63.28
N GLU A 545 17.66 0.98 -63.66
CA GLU A 545 17.80 0.47 -65.04
C GLU A 545 17.74 -1.06 -65.19
N SER A 546 17.27 -1.73 -64.12
CA SER A 546 17.21 -3.20 -64.02
C SER A 546 15.97 -3.68 -64.78
N GLU A 547 16.18 -4.44 -65.85
CA GLU A 547 15.07 -4.97 -66.66
C GLU A 547 14.58 -6.35 -66.18
N ILE A 548 15.51 -7.26 -65.88
CA ILE A 548 15.18 -8.62 -65.48
C ILE A 548 14.57 -8.67 -64.06
N LEU A 549 13.48 -9.41 -63.91
CA LEU A 549 12.93 -9.77 -62.60
C LEU A 549 13.22 -11.26 -62.40
N ASP A 550 14.29 -11.48 -61.65
CA ASP A 550 14.92 -12.78 -61.45
C ASP A 550 14.34 -13.53 -60.24
N LEU A 551 13.15 -14.09 -60.42
CA LEU A 551 12.58 -15.05 -59.48
C LEU A 551 13.24 -16.40 -59.70
N ASP A 552 13.41 -17.15 -58.62
CA ASP A 552 13.86 -18.52 -58.75
C ASP A 552 13.12 -19.37 -57.75
N ASP A 553 12.81 -20.59 -58.20
CA ASP A 553 12.06 -21.55 -57.41
C ASP A 553 10.62 -21.07 -57.17
N GLU A 554 10.09 -21.44 -56.02
CA GLU A 554 8.65 -21.49 -55.76
C GLU A 554 8.01 -20.10 -55.68
N LEU A 555 6.77 -20.05 -56.12
CA LEU A 555 5.93 -18.85 -56.12
C LEU A 555 4.68 -19.24 -55.35
N TYR A 556 4.06 -18.27 -54.67
CA TYR A 556 3.06 -18.63 -53.67
C TYR A 556 1.70 -17.96 -53.91
N LEU A 557 0.60 -18.72 -53.72
CA LEU A 557 -0.75 -18.15 -53.86
C LEU A 557 -1.67 -18.28 -52.63
N GLY A 558 -2.04 -17.13 -52.04
CA GLY A 558 -3.02 -17.04 -50.91
C GLY A 558 -2.48 -16.91 -49.47
N GLY A 559 -1.17 -16.65 -49.41
CA GLY A 559 -0.38 -16.62 -48.19
C GLY A 559 0.96 -17.37 -48.23
N LEU A 560 1.66 -17.35 -47.11
CA LEU A 560 3.00 -17.90 -47.04
C LEU A 560 3.00 -19.05 -46.11
N PRO A 561 3.99 -19.94 -46.22
CA PRO A 561 4.20 -20.99 -45.22
C PRO A 561 4.83 -20.44 -43.96
N GLU A 562 4.78 -21.19 -42.88
CA GLU A 562 5.58 -20.78 -41.74
C GLU A 562 6.85 -21.55 -41.54
N ASN A 563 7.95 -20.81 -41.47
CA ASN A 563 9.31 -21.34 -41.23
C ASN A 563 9.91 -22.11 -42.40
N LYS A 564 9.55 -21.74 -43.64
CA LYS A 564 10.35 -22.19 -44.74
C LYS A 564 11.67 -21.41 -44.62
N ALA A 565 12.77 -22.12 -44.35
CA ALA A 565 14.09 -21.51 -44.34
C ALA A 565 14.36 -21.18 -45.81
N GLY A 566 15.06 -20.08 -46.07
CA GLY A 566 15.20 -19.61 -47.45
C GLY A 566 14.18 -18.57 -47.86
N LEU A 567 12.96 -18.69 -47.32
CA LEU A 567 11.92 -17.67 -47.47
C LEU A 567 12.23 -16.34 -46.73
N VAL A 568 12.19 -15.26 -47.48
CA VAL A 568 12.58 -13.92 -47.02
C VAL A 568 11.43 -12.93 -47.25
N PHE A 569 10.99 -12.26 -46.20
CA PHE A 569 9.84 -11.37 -46.35
C PHE A 569 10.34 -9.95 -46.52
N PRO A 570 10.18 -9.38 -47.71
CA PRO A 570 10.73 -8.05 -47.85
C PRO A 570 9.80 -7.08 -47.20
N THR A 571 10.40 -6.08 -46.58
CA THR A 571 9.69 -5.11 -45.75
C THR A 571 8.66 -4.30 -46.43
N GLU A 572 8.62 -4.31 -47.77
CA GLU A 572 7.84 -3.30 -48.47
C GLU A 572 6.48 -3.88 -48.53
N VAL A 573 6.43 -5.20 -48.32
CA VAL A 573 5.19 -5.99 -48.49
C VAL A 573 4.53 -6.15 -47.16
N TRP A 574 3.51 -5.33 -46.95
CA TRP A 574 2.92 -5.15 -45.67
C TRP A 574 2.27 -6.38 -45.08
N THR A 575 1.45 -7.01 -45.92
CA THR A 575 0.67 -8.16 -45.51
C THR A 575 1.47 -9.40 -45.23
N ALA A 576 2.57 -9.60 -45.92
CA ALA A 576 3.40 -10.70 -45.56
C ALA A 576 3.86 -10.57 -44.07
N LEU A 577 4.18 -9.36 -43.69
CA LEU A 577 4.82 -9.17 -42.43
C LEU A 577 3.85 -8.98 -41.28
N LEU A 578 2.56 -8.87 -41.67
CA LEU A 578 1.43 -8.73 -40.73
C LEU A 578 0.62 -10.01 -40.62
N ASN A 579 1.07 -11.09 -41.26
CA ASN A 579 0.38 -12.38 -41.27
C ASN A 579 -1.05 -12.16 -41.59
N TYR A 580 -1.30 -11.60 -42.77
CA TYR A 580 -2.63 -11.45 -43.32
C TYR A 580 -2.63 -12.30 -44.55
N GLY A 581 -2.46 -13.61 -44.38
CA GLY A 581 -2.68 -14.50 -45.55
C GLY A 581 -4.09 -14.30 -46.15
N TYR A 582 -4.25 -14.45 -47.47
CA TYR A 582 -5.52 -14.21 -48.11
C TYR A 582 -6.51 -15.26 -47.75
N VAL A 583 -7.73 -14.79 -47.49
CA VAL A 583 -8.89 -15.65 -47.54
C VAL A 583 -9.92 -15.10 -48.53
N GLY A 584 -10.47 -16.02 -49.31
CA GLY A 584 -11.42 -15.69 -50.36
C GLY A 584 -11.33 -16.72 -51.48
N CYS A 585 -11.80 -16.28 -52.65
CA CYS A 585 -11.92 -17.13 -53.84
C CYS A 585 -11.00 -16.70 -54.97
N ILE A 586 -10.41 -17.68 -55.65
CA ILE A 586 -9.50 -17.41 -56.80
C ILE A 586 -9.80 -18.43 -57.92
N ARG A 587 -9.96 -18.00 -59.18
CA ARG A 587 -10.10 -18.97 -60.32
C ARG A 587 -9.27 -18.63 -61.57
N ASP A 588 -9.15 -19.60 -62.48
CA ASP A 588 -8.69 -19.31 -63.85
C ASP A 588 -7.36 -18.64 -63.89
N LEU A 589 -6.32 -19.40 -63.54
CA LEU A 589 -4.98 -18.88 -63.42
C LEU A 589 -4.10 -19.17 -64.66
N PHE A 590 -3.41 -18.11 -65.08
CA PHE A 590 -2.55 -18.12 -66.25
C PHE A 590 -1.18 -17.53 -65.91
N ILE A 591 -0.13 -18.29 -66.20
CA ILE A 591 1.24 -17.83 -65.99
C ILE A 591 1.99 -17.88 -67.31
N ASP A 592 2.34 -16.69 -67.80
CA ASP A 592 2.98 -16.45 -69.09
C ASP A 592 2.12 -16.90 -70.26
N GLY A 593 0.80 -16.97 -70.05
CA GLY A 593 -0.19 -17.24 -71.12
C GLY A 593 -0.86 -18.60 -70.99
N GLN A 594 -0.47 -19.30 -69.94
CA GLN A 594 -0.69 -20.72 -69.81
C GLN A 594 -1.52 -21.08 -68.55
N SER A 595 -2.76 -21.54 -68.80
CA SER A 595 -3.72 -21.95 -67.77
C SER A 595 -3.13 -23.00 -66.84
N LYS A 596 -3.02 -22.63 -65.56
CA LYS A 596 -2.64 -23.60 -64.51
C LYS A 596 -3.92 -23.87 -63.74
N ASP A 597 -4.26 -25.14 -63.59
CA ASP A 597 -5.52 -25.46 -62.93
C ASP A 597 -5.27 -25.73 -61.44
N ILE A 598 -6.11 -25.15 -60.59
CA ILE A 598 -5.79 -25.07 -59.17
C ILE A 598 -6.50 -26.11 -58.30
N ARG A 599 -7.73 -26.47 -58.67
CA ARG A 599 -8.53 -27.43 -57.87
C ARG A 599 -7.82 -28.76 -57.84
N GLN A 600 -6.62 -28.74 -58.41
CA GLN A 600 -5.66 -29.82 -58.33
C GLN A 600 -4.41 -29.36 -57.58
N MET A 601 -3.90 -28.19 -57.96
CA MET A 601 -2.49 -27.83 -57.84
C MET A 601 -1.75 -28.58 -56.73
N ALA A 602 -1.79 -28.02 -55.51
CA ALA A 602 -1.50 -28.76 -54.27
C ALA A 602 -2.87 -28.92 -53.56
N GLU A 603 -3.95 -28.63 -54.32
CA GLU A 603 -5.33 -28.85 -53.90
C GLU A 603 -5.61 -30.36 -53.69
N VAL A 604 -5.58 -31.16 -54.76
CA VAL A 604 -5.57 -32.62 -54.61
C VAL A 604 -4.21 -33.06 -53.99
N GLN A 605 -3.27 -32.12 -53.88
CA GLN A 605 -1.97 -32.32 -53.22
C GLN A 605 -1.89 -31.77 -51.76
N SER A 606 -2.83 -32.24 -50.92
CA SER A 606 -2.82 -32.11 -49.46
C SER A 606 -2.72 -30.73 -48.83
N THR A 607 -3.20 -29.68 -49.46
CA THR A 607 -3.27 -28.41 -48.74
C THR A 607 -4.43 -28.44 -47.74
N ALA A 608 -4.20 -27.91 -46.53
CA ALA A 608 -5.26 -27.77 -45.51
C ALA A 608 -5.91 -26.38 -45.58
N GLY A 609 -7.23 -26.32 -45.41
CA GLY A 609 -7.99 -25.06 -45.47
C GLY A 609 -8.27 -24.45 -46.84
N VAL A 610 -8.37 -25.30 -47.85
CA VAL A 610 -8.74 -24.89 -49.22
C VAL A 610 -9.84 -25.82 -49.71
N LYS A 611 -10.83 -25.28 -50.42
CA LYS A 611 -11.94 -26.15 -50.82
C LYS A 611 -12.26 -26.09 -52.32
N PRO A 612 -12.76 -27.22 -52.89
CA PRO A 612 -13.22 -27.32 -54.27
C PRO A 612 -13.93 -26.05 -54.69
N SER A 613 -15.24 -25.98 -54.51
CA SER A 613 -15.94 -24.88 -55.15
C SER A 613 -16.06 -23.61 -54.28
N CYS A 614 -16.71 -22.59 -54.83
CA CYS A 614 -16.75 -21.27 -54.23
C CYS A 614 -18.21 -20.80 -53.99
N SER A 615 -18.64 -20.83 -52.73
CA SER A 615 -19.99 -20.44 -52.31
C SER A 615 -19.94 -19.23 -51.38
N ARG A 616 -21.05 -18.50 -51.27
CA ARG A 616 -21.12 -17.31 -50.39
C ARG A 616 -22.28 -17.33 -49.39
N GLU A 617 -22.32 -18.39 -48.59
CA GLU A 617 -23.12 -18.43 -47.37
C GLU A 617 -23.89 -17.13 -47.02
N THR A 618 -25.14 -17.05 -47.48
CA THR A 618 -26.02 -15.88 -47.29
C THR A 618 -26.28 -15.48 -45.83
N ALA A 619 -26.11 -16.40 -44.89
CA ALA A 619 -26.22 -16.05 -43.46
C ALA A 619 -25.04 -15.19 -43.10
N LYS A 620 -25.30 -14.00 -42.57
CA LYS A 620 -24.21 -13.19 -41.97
C LYS A 620 -23.75 -13.75 -40.62
N PRO A 621 -22.46 -14.18 -40.56
CA PRO A 621 -21.95 -15.10 -39.54
C PRO A 621 -21.84 -14.49 -38.10
N CYS A 622 -21.77 -13.16 -38.01
CA CYS A 622 -21.82 -12.45 -36.74
C CYS A 622 -23.23 -12.40 -36.10
N LEU A 623 -24.27 -12.88 -36.79
CA LEU A 623 -25.54 -13.25 -36.13
C LEU A 623 -25.41 -14.58 -35.34
N SER A 624 -24.70 -15.58 -35.92
CA SER A 624 -24.19 -16.83 -35.21
C SER A 624 -23.98 -16.41 -33.75
N ASN A 625 -23.78 -15.10 -33.55
CA ASN A 625 -23.39 -14.34 -32.33
C ASN A 625 -22.11 -14.76 -31.61
N PRO A 626 -21.00 -14.84 -32.33
CA PRO A 626 -20.06 -15.82 -31.84
C PRO A 626 -19.01 -15.32 -30.90
N CYS A 627 -18.69 -14.02 -30.89
CA CYS A 627 -17.59 -13.51 -30.00
C CYS A 627 -17.96 -13.23 -28.57
N LYS A 628 -17.37 -14.01 -27.68
CA LYS A 628 -17.66 -13.92 -26.24
C LYS A 628 -17.03 -12.69 -25.60
N ASN A 629 -17.55 -12.26 -24.47
CA ASN A 629 -16.91 -11.22 -23.63
C ASN A 629 -16.71 -9.83 -24.31
N ASN A 630 -17.63 -9.45 -25.19
CA ASN A 630 -17.64 -8.12 -25.79
C ASN A 630 -16.44 -7.99 -26.65
N GLY A 631 -16.00 -9.10 -27.21
CA GLY A 631 -15.09 -9.06 -28.34
C GLY A 631 -15.84 -8.41 -29.48
N MET A 632 -15.13 -7.77 -30.40
CA MET A 632 -15.75 -7.18 -31.57
C MET A 632 -15.75 -8.20 -32.69
N CYS A 633 -16.92 -8.36 -33.31
CA CYS A 633 -17.10 -9.36 -34.31
C CYS A 633 -17.08 -8.71 -35.66
N ARG A 634 -16.32 -9.31 -36.57
CA ARG A 634 -16.18 -8.88 -37.95
C ARG A 634 -16.71 -9.97 -38.83
N ASP A 635 -17.63 -9.59 -39.72
CA ASP A 635 -18.24 -10.49 -40.70
C ASP A 635 -17.21 -10.72 -41.80
N GLY A 636 -16.66 -11.94 -41.88
CA GLY A 636 -15.49 -12.22 -42.74
C GLY A 636 -15.90 -12.68 -44.11
N TRP A 637 -15.20 -13.67 -44.66
CA TRP A 637 -15.71 -14.33 -45.87
C TRP A 637 -16.71 -15.39 -45.45
N ASN A 638 -16.26 -16.61 -45.28
CA ASN A 638 -17.18 -17.66 -44.91
C ASN A 638 -17.04 -18.10 -43.50
N ARG A 639 -16.78 -17.11 -42.64
CA ARG A 639 -16.27 -17.22 -41.28
C ARG A 639 -16.46 -15.81 -40.69
N TYR A 640 -16.45 -15.75 -39.36
CA TYR A 640 -16.53 -14.50 -38.62
C TYR A 640 -15.12 -14.40 -38.12
N VAL A 641 -14.68 -13.19 -37.79
CA VAL A 641 -13.48 -13.07 -37.01
C VAL A 641 -13.76 -12.25 -35.74
N CYS A 642 -13.08 -12.60 -34.65
CA CYS A 642 -13.14 -11.85 -33.39
C CYS A 642 -11.90 -11.03 -33.19
N ASP A 643 -12.10 -9.85 -32.66
CA ASP A 643 -11.01 -9.01 -32.21
C ASP A 643 -11.14 -9.02 -30.72
N CYS A 644 -10.35 -9.85 -30.07
CA CYS A 644 -10.40 -9.96 -28.63
C CYS A 644 -9.54 -8.95 -27.89
N SER A 645 -8.84 -8.09 -28.63
CA SER A 645 -7.81 -7.21 -28.06
C SER A 645 -8.20 -6.50 -26.71
N GLY A 646 -9.38 -5.87 -26.66
CA GLY A 646 -9.73 -5.13 -25.45
C GLY A 646 -10.43 -5.92 -24.35
N THR A 647 -10.35 -7.23 -24.29
CA THR A 647 -11.34 -7.94 -23.49
C THR A 647 -10.78 -8.78 -22.38
N GLY A 648 -9.49 -9.07 -22.43
CA GLY A 648 -8.88 -9.98 -21.49
C GLY A 648 -8.99 -11.41 -21.95
N TYR A 649 -9.44 -11.62 -23.18
CA TYR A 649 -9.41 -12.96 -23.74
C TYR A 649 -8.66 -13.03 -25.04
N LEU A 650 -8.33 -14.24 -25.44
CA LEU A 650 -7.78 -14.49 -26.74
C LEU A 650 -8.43 -15.76 -27.33
N GLY A 651 -8.03 -16.09 -28.55
CA GLY A 651 -8.43 -17.35 -29.16
C GLY A 651 -9.52 -17.03 -30.14
N ARG A 652 -9.84 -18.00 -31.01
CA ARG A 652 -10.69 -17.75 -32.16
C ARG A 652 -12.02 -17.09 -31.78
N SER A 653 -12.42 -17.30 -30.53
CA SER A 653 -13.73 -16.85 -30.09
C SER A 653 -13.78 -16.07 -28.79
N CYS A 654 -12.63 -15.54 -28.38
CA CYS A 654 -12.36 -14.96 -27.02
C CYS A 654 -12.78 -15.83 -25.87
N GLU A 655 -12.50 -17.12 -25.98
CA GLU A 655 -12.85 -18.04 -24.94
C GLU A 655 -11.71 -18.31 -23.96
N ARG A 656 -10.46 -17.99 -24.32
CA ARG A 656 -9.30 -18.24 -23.45
C ARG A 656 -8.97 -17.03 -22.62
N GLU A 657 -8.92 -17.17 -21.30
CA GLU A 657 -8.46 -16.07 -20.42
C GLU A 657 -7.06 -15.71 -20.81
N ALA A 658 -6.74 -14.44 -20.81
CA ALA A 658 -5.44 -14.00 -21.28
C ALA A 658 -4.52 -13.91 -20.08
N THR A 659 -3.29 -14.33 -20.22
CA THR A 659 -2.40 -14.40 -19.05
C THR A 659 -1.95 -13.01 -18.57
N VAL A 660 -1.78 -12.83 -17.29
CA VAL A 660 -1.38 -11.52 -16.82
C VAL A 660 0.07 -11.67 -16.31
N LEU A 661 0.94 -10.72 -16.62
CA LEU A 661 2.27 -10.66 -16.07
C LEU A 661 2.28 -9.50 -15.16
N SER A 662 3.01 -9.65 -14.07
CA SER A 662 2.94 -8.59 -13.11
C SER A 662 4.33 -8.12 -12.85
N TYR A 663 4.56 -6.82 -12.74
CA TYR A 663 5.90 -6.27 -12.75
C TYR A 663 6.13 -5.36 -11.53
N ASP A 664 7.12 -5.57 -10.64
CA ASP A 664 7.31 -4.62 -9.55
C ASP A 664 8.48 -3.61 -9.67
N GLY A 665 8.73 -3.12 -10.90
CA GLY A 665 9.78 -2.18 -11.11
C GLY A 665 11.17 -2.72 -11.21
N SER A 666 11.34 -4.01 -11.04
CA SER A 666 12.67 -4.53 -11.35
C SER A 666 12.49 -5.83 -12.01
N MET A 667 11.44 -6.03 -12.77
CA MET A 667 11.31 -7.26 -13.53
C MET A 667 11.07 -6.87 -14.97
N PHE A 668 11.36 -7.81 -15.86
CA PHE A 668 11.30 -7.57 -17.31
C PHE A 668 10.76 -8.88 -17.90
N MET A 669 10.30 -8.85 -19.15
CA MET A 669 9.93 -10.03 -19.88
C MET A 669 10.29 -9.61 -21.27
N LYS A 670 11.18 -10.35 -21.98
CA LYS A 670 11.93 -9.94 -23.21
C LYS A 670 11.83 -11.03 -24.22
N ILE A 671 11.22 -10.77 -25.39
CA ILE A 671 11.04 -11.86 -26.37
C ILE A 671 12.19 -11.69 -27.25
N GLN A 672 13.07 -12.66 -27.36
CA GLN A 672 14.15 -12.42 -28.30
C GLN A 672 13.88 -13.03 -29.71
N LEU A 673 13.43 -12.26 -30.68
CA LEU A 673 13.12 -13.01 -31.90
C LEU A 673 14.21 -13.99 -32.40
N PRO A 674 13.81 -15.17 -32.88
CA PRO A 674 14.82 -16.17 -33.30
C PRO A 674 15.72 -15.67 -34.47
N VAL A 675 15.14 -14.92 -35.44
CA VAL A 675 15.93 -14.09 -36.38
C VAL A 675 15.42 -12.68 -36.33
N VAL A 676 16.23 -11.78 -36.91
CA VAL A 676 16.07 -10.36 -36.84
C VAL A 676 14.93 -9.87 -37.71
N MET A 677 14.01 -9.13 -37.13
CA MET A 677 12.88 -8.49 -37.81
C MET A 677 13.23 -7.17 -38.46
N HIS A 678 12.64 -6.92 -39.62
CA HIS A 678 12.73 -5.61 -40.20
C HIS A 678 11.33 -5.33 -40.63
N THR A 679 10.72 -4.23 -40.20
CA THR A 679 9.36 -4.00 -40.65
C THR A 679 9.13 -2.60 -41.12
N GLU A 680 8.08 -2.42 -41.93
CA GLU A 680 7.64 -1.10 -42.33
C GLU A 680 6.24 -0.88 -41.88
N ALA A 681 5.67 -1.83 -41.17
CA ALA A 681 4.25 -1.75 -40.83
C ALA A 681 4.03 -2.67 -39.67
N GLU A 682 3.27 -2.21 -38.67
CA GLU A 682 2.85 -3.06 -37.56
C GLU A 682 1.40 -2.88 -37.13
N ASP A 683 0.81 -3.94 -36.58
CA ASP A 683 -0.24 -3.76 -35.56
C ASP A 683 0.28 -4.19 -34.20
N VAL A 684 0.35 -3.28 -33.21
CA VAL A 684 0.64 -3.70 -31.79
C VAL A 684 -0.50 -3.34 -30.86
N SER A 685 -1.03 -4.26 -30.05
CA SER A 685 -1.83 -3.82 -28.88
C SER A 685 -1.42 -4.43 -27.54
N LEU A 686 -1.73 -3.76 -26.43
CA LEU A 686 -1.58 -4.38 -25.08
C LEU A 686 -2.52 -3.72 -24.06
N ARG A 687 -2.81 -4.42 -22.96
CA ARG A 687 -3.61 -3.85 -21.91
C ARG A 687 -2.69 -3.72 -20.72
N PHE A 688 -2.74 -2.56 -20.09
CA PHE A 688 -2.06 -2.43 -18.83
C PHE A 688 -2.94 -1.85 -17.77
N ARG A 689 -2.53 -1.98 -16.51
CA ARG A 689 -2.97 -1.06 -15.47
C ARG A 689 -1.81 -0.80 -14.61
N SER A 690 -1.70 0.43 -14.08
CA SER A 690 -0.61 0.86 -13.21
C SER A 690 -1.05 2.04 -12.26
N GLN A 691 -0.37 2.25 -11.14
CA GLN A 691 -0.70 3.43 -10.34
C GLN A 691 0.16 4.64 -10.66
N ARG A 692 1.16 4.40 -11.53
CA ARG A 692 2.22 5.33 -11.84
C ARG A 692 1.98 6.06 -13.16
N ALA A 693 2.29 7.36 -13.12
CA ALA A 693 2.11 8.20 -14.30
C ALA A 693 3.16 7.97 -15.41
N TYR A 694 4.23 7.22 -15.09
CA TYR A 694 5.31 6.96 -16.00
C TYR A 694 5.71 5.50 -15.95
N GLY A 695 6.50 5.10 -16.94
CA GLY A 695 6.88 3.69 -17.03
C GLY A 695 6.76 3.17 -18.45
N ILE A 696 7.61 2.22 -18.78
CA ILE A 696 7.57 1.64 -20.05
C ILE A 696 6.42 0.54 -20.23
N LEU A 697 5.69 0.66 -21.35
CA LEU A 697 4.75 -0.38 -21.66
C LEU A 697 5.39 -1.50 -22.50
N MET A 698 5.71 -1.24 -23.78
CA MET A 698 6.46 -2.19 -24.64
C MET A 698 7.31 -1.43 -25.63
N ALA A 699 8.34 -2.11 -26.12
CA ALA A 699 9.45 -1.43 -26.78
C ALA A 699 10.17 -2.49 -27.60
N THR A 700 10.59 -2.11 -28.81
CA THR A 700 11.27 -3.02 -29.68
C THR A 700 12.61 -2.38 -29.80
N THR A 701 13.58 -3.25 -29.98
CA THR A 701 14.94 -2.84 -29.78
C THR A 701 15.87 -3.65 -30.62
N SER A 702 16.93 -2.94 -31.02
CA SER A 702 17.98 -3.56 -31.75
C SER A 702 19.27 -3.55 -31.05
N ARG A 703 19.92 -4.68 -31.05
CA ARG A 703 21.33 -4.78 -30.74
C ARG A 703 22.30 -3.84 -31.55
N ASP A 704 21.93 -3.49 -32.78
CA ASP A 704 22.80 -2.72 -33.66
C ASP A 704 22.53 -1.21 -33.70
N SER A 705 21.41 -0.71 -33.17
CA SER A 705 21.18 0.72 -33.27
C SER A 705 20.19 1.10 -32.23
N ALA A 706 19.81 2.37 -32.21
CA ALA A 706 18.85 2.83 -31.24
C ALA A 706 17.40 2.92 -31.75
N ASP A 707 17.15 2.45 -32.98
CA ASP A 707 15.82 2.40 -33.53
C ASP A 707 14.91 1.76 -32.56
N THR A 708 13.65 2.15 -32.47
CA THR A 708 12.75 1.51 -31.49
C THR A 708 11.39 1.94 -31.80
N LEU A 709 10.39 1.09 -31.63
CA LEU A 709 8.95 1.53 -31.59
C LEU A 709 8.53 1.36 -30.17
N ARG A 710 8.16 2.45 -29.52
CA ARG A 710 7.86 2.23 -28.12
C ARG A 710 6.65 2.89 -27.58
N LEU A 711 5.93 2.17 -26.75
CA LEU A 711 4.76 2.69 -26.02
C LEU A 711 5.18 2.89 -24.57
N GLU A 712 4.89 4.08 -24.02
CA GLU A 712 5.04 4.28 -22.59
C GLU A 712 4.10 5.26 -21.85
N LEU A 713 3.94 5.08 -20.54
CA LEU A 713 3.19 6.06 -19.77
C LEU A 713 4.07 7.21 -19.53
N ASP A 714 3.57 8.40 -19.94
CA ASP A 714 4.21 9.72 -19.76
C ASP A 714 3.22 10.78 -19.28
N ALA A 715 3.42 11.15 -18.00
CA ALA A 715 2.52 12.01 -17.22
C ALA A 715 1.04 11.61 -17.29
N GLY A 716 0.79 10.31 -17.22
CA GLY A 716 -0.58 9.87 -17.17
C GLY A 716 -1.09 9.59 -18.56
N ARG A 717 -0.44 10.09 -19.59
CA ARG A 717 -0.86 9.77 -20.94
C ARG A 717 -0.09 8.59 -21.51
N VAL A 718 -0.54 8.01 -22.62
CA VAL A 718 0.25 6.94 -23.30
C VAL A 718 0.95 7.62 -24.42
N LYS A 719 2.23 7.33 -24.61
CA LYS A 719 3.00 8.09 -25.60
C LYS A 719 3.68 7.08 -26.49
N LEU A 720 3.41 7.20 -27.80
CA LEU A 720 3.98 6.32 -28.82
C LEU A 720 5.19 7.10 -29.31
N THR A 721 6.29 6.42 -29.64
CA THR A 721 7.57 7.11 -30.03
C THR A 721 8.12 6.26 -31.08
N VAL A 722 8.61 6.82 -32.14
CA VAL A 722 9.06 5.94 -33.20
C VAL A 722 10.41 6.42 -33.70
N ASN A 723 11.46 5.91 -33.12
CA ASN A 723 12.71 6.44 -33.46
C ASN A 723 13.49 5.71 -34.59
N LEU A 724 13.83 6.39 -35.66
CA LEU A 724 14.54 5.60 -36.64
C LEU A 724 16.05 5.89 -36.94
N ASP A 725 16.72 6.83 -36.25
CA ASP A 725 18.19 6.96 -36.40
C ASP A 725 18.77 7.45 -37.79
N CYS A 726 20.10 7.59 -37.83
CA CYS A 726 20.84 8.47 -38.76
C CYS A 726 21.50 7.87 -40.05
N ILE A 727 22.31 8.72 -40.71
CA ILE A 727 22.83 8.63 -42.13
C ILE A 727 22.49 9.96 -42.91
N ARG A 728 23.19 10.25 -44.02
CA ARG A 728 23.08 11.54 -44.82
C ARG A 728 23.95 12.77 -44.39
N ILE A 729 24.25 12.85 -43.08
CA ILE A 729 24.85 14.03 -42.37
C ILE A 729 26.25 14.57 -42.87
N ASN A 730 26.35 15.90 -43.04
CA ASN A 730 27.59 16.56 -43.45
C ASN A 730 27.67 18.01 -42.95
N LYS A 735 14.59 15.14 -38.60
CA LYS A 735 13.90 14.33 -37.59
C LYS A 735 13.94 14.86 -36.10
N GLY A 736 14.22 13.92 -35.16
CA GLY A 736 14.07 14.01 -33.70
C GLY A 736 13.51 12.59 -33.39
N PRO A 737 12.72 12.42 -32.30
CA PRO A 737 11.83 11.25 -32.41
C PRO A 737 10.45 11.69 -33.01
N GLU A 738 9.59 10.76 -33.45
CA GLU A 738 8.25 11.16 -33.97
C GLU A 738 7.36 10.65 -32.92
N THR A 739 6.35 11.40 -32.46
CA THR A 739 5.55 10.89 -31.31
C THR A 739 4.05 11.12 -31.46
N LEU A 740 3.24 10.26 -30.82
CA LEU A 740 1.83 10.51 -30.54
C LEU A 740 1.54 10.38 -29.07
N PHE A 741 0.51 11.08 -28.65
CA PHE A 741 0.06 10.94 -27.29
C PHE A 741 -1.42 10.63 -27.37
N ALA A 742 -1.87 9.71 -26.52
CA ALA A 742 -3.30 9.52 -26.33
C ALA A 742 -3.64 9.22 -24.87
N GLY A 743 -4.82 9.68 -24.45
CA GLY A 743 -5.36 9.37 -23.11
C GLY A 743 -4.98 10.42 -22.08
N TYR A 744 -5.63 10.42 -20.91
CA TYR A 744 -5.21 11.13 -19.72
C TYR A 744 -5.49 10.34 -18.50
N ASN A 745 -4.78 10.67 -17.42
CA ASN A 745 -4.94 10.03 -16.14
C ASN A 745 -5.16 8.58 -16.26
N LEU A 746 -4.33 7.83 -16.96
CA LEU A 746 -4.53 6.40 -17.05
C LEU A 746 -3.84 5.71 -15.86
N ASN A 747 -3.11 6.46 -15.05
CA ASN A 747 -2.63 5.84 -13.90
C ASN A 747 -3.73 5.58 -12.82
N ASP A 748 -4.98 5.31 -13.16
CA ASP A 748 -6.01 5.05 -12.13
C ASP A 748 -6.08 3.64 -11.61
N ASN A 749 -5.20 2.78 -12.08
CA ASN A 749 -5.19 1.42 -11.60
C ASN A 749 -6.33 0.57 -12.09
N GLU A 750 -7.21 1.14 -12.90
CA GLU A 750 -8.03 0.34 -13.83
C GLU A 750 -7.27 -0.05 -15.11
N TRP A 751 -7.70 -1.16 -15.76
CA TRP A 751 -7.08 -1.69 -17.00
C TRP A 751 -7.44 -0.78 -18.14
N HIS A 752 -6.46 -0.39 -18.95
CA HIS A 752 -6.71 0.20 -20.26
C HIS A 752 -6.12 -0.61 -21.41
N THR A 753 -6.79 -0.58 -22.57
CA THR A 753 -6.27 -1.19 -23.80
C THR A 753 -5.62 -0.15 -24.63
N VAL A 754 -4.46 -0.40 -25.21
CA VAL A 754 -3.80 0.53 -26.13
C VAL A 754 -3.59 -0.23 -27.47
N ARG A 755 -3.95 0.38 -28.61
CA ARG A 755 -3.76 -0.22 -29.95
C ARG A 755 -2.96 0.72 -30.80
N VAL A 756 -1.82 0.27 -31.31
CA VAL A 756 -1.05 0.98 -32.32
C VAL A 756 -1.17 0.26 -33.64
N VAL A 757 -1.49 1.04 -34.68
CA VAL A 757 -1.32 0.66 -36.05
C VAL A 757 -0.27 1.57 -36.63
N ARG A 758 0.80 0.99 -37.20
CA ARG A 758 1.67 1.70 -38.19
C ARG A 758 1.57 1.21 -39.68
N ARG A 759 1.19 2.05 -40.63
CA ARG A 759 1.48 1.67 -42.05
C ARG A 759 2.52 2.68 -42.59
N GLY A 760 3.72 2.25 -42.93
CA GLY A 760 4.80 3.19 -43.23
C GLY A 760 4.95 4.43 -42.34
N LYS A 761 4.71 5.57 -42.95
CA LYS A 761 4.96 6.84 -42.34
C LYS A 761 3.75 7.22 -41.57
N SER A 762 2.67 6.47 -41.73
CA SER A 762 1.51 6.77 -40.92
C SER A 762 1.53 6.12 -39.51
N LEU A 763 1.29 6.94 -38.50
CA LEU A 763 1.02 6.35 -37.20
C LEU A 763 -0.37 6.64 -36.81
N LYS A 764 -0.94 5.68 -36.07
CA LYS A 764 -2.27 5.79 -35.50
C LYS A 764 -2.27 5.14 -34.11
N LEU A 765 -2.67 5.87 -33.08
CA LEU A 765 -2.62 5.32 -31.76
C LEU A 765 -3.94 5.62 -31.18
N THR A 766 -4.38 4.79 -30.25
CA THR A 766 -5.71 4.94 -29.74
C THR A 766 -5.89 4.20 -28.41
N VAL A 767 -6.24 4.91 -27.36
CA VAL A 767 -6.44 4.24 -26.06
C VAL A 767 -7.92 3.99 -25.81
N ASP A 768 -8.32 2.74 -25.62
CA ASP A 768 -9.64 2.46 -25.06
C ASP A 768 -10.60 2.73 -26.16
N ASP A 769 -11.73 3.35 -25.90
CA ASP A 769 -12.53 3.60 -27.04
C ASP A 769 -12.46 4.96 -27.48
N GLN A 770 -11.47 5.72 -27.02
CA GLN A 770 -11.57 7.10 -27.34
C GLN A 770 -11.19 7.20 -28.79
N GLN A 771 -11.39 8.38 -29.35
CA GLN A 771 -10.97 8.68 -30.69
C GLN A 771 -9.47 8.51 -30.97
N ALA A 772 -9.18 7.92 -32.13
CA ALA A 772 -7.79 7.61 -32.52
C ALA A 772 -7.05 8.89 -32.75
N MET A 773 -5.78 8.90 -32.36
CA MET A 773 -4.89 10.03 -32.52
C MET A 773 -4.06 9.62 -33.67
N THR A 774 -3.82 10.51 -34.64
CA THR A 774 -3.04 10.14 -35.84
C THR A 774 -1.83 11.06 -35.99
N GLY A 775 -0.75 10.56 -36.55
CA GLY A 775 0.30 11.44 -37.08
C GLY A 775 1.03 10.85 -38.28
N GLN A 776 1.34 11.69 -39.28
CA GLN A 776 2.38 11.37 -40.28
C GLN A 776 3.77 11.60 -39.76
N MET A 777 4.61 10.58 -39.71
CA MET A 777 6.06 10.80 -39.62
C MET A 777 6.56 11.54 -40.89
N ALA A 778 7.72 12.17 -40.81
CA ALA A 778 8.09 13.05 -41.86
C ALA A 778 9.32 12.61 -42.65
N GLY A 779 10.45 12.39 -42.00
CA GLY A 779 11.65 11.99 -42.74
C GLY A 779 11.38 10.66 -43.43
N ASP A 780 11.87 10.50 -44.66
CA ASP A 780 11.47 9.37 -45.51
C ASP A 780 12.10 7.99 -45.20
N HIS A 781 12.59 7.75 -43.98
CA HIS A 781 12.87 6.40 -43.59
C HIS A 781 11.54 5.81 -43.13
N THR A 782 11.34 4.50 -43.39
CA THR A 782 10.21 3.75 -42.78
C THR A 782 10.57 2.47 -42.08
N ARG A 783 11.70 1.87 -42.42
CA ARG A 783 12.02 0.50 -42.07
C ARG A 783 12.59 0.43 -40.65
N LEU A 784 12.12 -0.54 -39.88
CA LEU A 784 12.42 -0.62 -38.45
C LEU A 784 13.08 -1.96 -38.23
N GLU A 785 14.22 -2.00 -37.54
CA GLU A 785 14.89 -3.25 -37.19
C GLU A 785 14.73 -3.59 -35.72
N PHE A 786 14.37 -4.82 -35.44
CA PHE A 786 14.37 -5.20 -34.07
C PHE A 786 14.82 -6.62 -33.81
N HIS A 787 15.41 -6.81 -32.61
CA HIS A 787 15.90 -8.10 -32.16
C HIS A 787 15.07 -8.53 -31.01
N ASN A 788 14.39 -7.61 -30.37
CA ASN A 788 13.60 -7.99 -29.20
C ASN A 788 12.36 -7.18 -29.09
N ILE A 789 11.38 -7.67 -28.34
CA ILE A 789 10.24 -6.95 -27.93
C ILE A 789 10.42 -7.02 -26.43
N GLU A 790 10.48 -5.85 -25.77
CA GLU A 790 10.81 -5.77 -24.32
C GLU A 790 9.67 -5.20 -23.51
N THR A 791 9.44 -5.69 -22.32
CA THR A 791 8.45 -5.08 -21.48
C THR A 791 9.11 -4.96 -20.12
N GLY A 792 8.64 -4.06 -19.26
CA GLY A 792 9.19 -4.05 -17.87
C GLY A 792 10.39 -3.17 -17.65
N ILE A 793 11.52 -3.66 -18.09
CA ILE A 793 12.77 -2.91 -18.07
C ILE A 793 13.16 -2.76 -19.56
N ILE A 794 13.74 -1.64 -20.02
CA ILE A 794 14.38 -1.74 -21.37
C ILE A 794 15.83 -2.26 -21.18
N THR A 795 16.05 -3.55 -21.42
CA THR A 795 17.32 -4.11 -21.18
C THR A 795 18.26 -3.91 -22.26
N GLU A 796 17.81 -3.84 -23.51
CA GLU A 796 18.80 -3.63 -24.61
C GLU A 796 18.98 -2.11 -24.93
N ARG A 797 20.03 -1.46 -24.45
CA ARG A 797 20.01 -0.02 -24.68
C ARG A 797 21.38 0.51 -24.81
N ARG A 798 22.22 -0.25 -25.51
CA ARG A 798 23.59 -0.03 -25.68
C ARG A 798 23.90 1.39 -26.01
N TYR A 799 23.09 1.96 -26.93
CA TYR A 799 23.33 3.31 -27.45
C TYR A 799 22.60 4.47 -26.78
N LEU A 800 21.67 4.24 -25.88
CA LEU A 800 21.02 5.29 -25.14
C LEU A 800 21.63 5.52 -23.78
N SER A 801 22.13 6.69 -23.53
CA SER A 801 22.53 6.83 -22.16
C SER A 801 21.35 7.01 -21.26
N SER A 802 20.15 7.04 -21.79
CA SER A 802 19.07 7.08 -20.84
C SER A 802 17.73 6.52 -21.33
N VAL A 803 16.85 6.07 -20.42
CA VAL A 803 15.66 5.39 -20.92
C VAL A 803 14.37 5.56 -20.13
N PRO A 804 13.20 5.39 -20.79
CA PRO A 804 11.94 5.45 -19.98
C PRO A 804 12.18 4.55 -18.79
N SER A 805 11.52 4.83 -17.67
CA SER A 805 11.68 4.06 -16.46
C SER A 805 10.86 2.73 -16.39
N ASN A 806 11.34 1.82 -15.54
CA ASN A 806 10.81 0.44 -15.52
C ASN A 806 9.35 0.55 -15.15
N PHE A 807 8.49 -0.28 -15.70
CA PHE A 807 7.09 -0.40 -15.36
C PHE A 807 6.82 -0.90 -13.94
N ILE A 808 5.76 -0.46 -13.31
CA ILE A 808 5.21 -1.22 -12.24
C ILE A 808 3.75 -1.27 -12.52
N GLY A 809 3.20 -2.45 -12.69
CA GLY A 809 1.75 -2.66 -12.78
C GLY A 809 1.61 -4.02 -13.41
N HIS A 810 0.58 -4.24 -14.22
CA HIS A 810 0.41 -5.48 -14.97
C HIS A 810 0.17 -5.24 -16.48
N LEU A 811 0.45 -6.28 -17.25
CA LEU A 811 0.18 -6.25 -18.60
C LEU A 811 -0.60 -7.49 -18.93
N GLN A 812 -1.26 -7.44 -20.06
CA GLN A 812 -1.97 -8.58 -20.54
C GLN A 812 -2.23 -8.34 -21.97
N SER A 813 -2.33 -9.42 -22.73
CA SER A 813 -2.71 -9.28 -24.11
C SER A 813 -1.76 -8.47 -24.93
N LEU A 814 -0.45 -8.56 -24.67
CA LEU A 814 0.59 -8.10 -25.61
C LEU A 814 0.40 -8.77 -27.03
N THR A 815 0.31 -7.98 -28.09
CA THR A 815 -0.01 -8.58 -29.40
C THR A 815 0.68 -7.80 -30.47
N PHE A 816 1.52 -8.47 -31.24
CA PHE A 816 2.49 -7.69 -32.00
C PHE A 816 2.55 -8.37 -33.30
N ASN A 817 1.94 -7.77 -34.33
CA ASN A 817 1.66 -8.49 -35.58
C ASN A 817 1.09 -9.87 -35.27
N GLY A 818 0.10 -9.90 -34.37
CA GLY A 818 -0.71 -11.05 -34.08
C GLY A 818 -0.11 -12.13 -33.25
N MET A 819 1.14 -12.02 -32.86
CA MET A 819 1.70 -12.89 -31.82
C MET A 819 1.21 -12.48 -30.43
N ALA A 820 0.54 -13.35 -29.66
CA ALA A 820 0.27 -13.04 -28.22
C ALA A 820 1.43 -13.52 -27.33
N TYR A 821 2.49 -12.72 -27.31
CA TYR A 821 3.72 -13.12 -26.70
C TYR A 821 3.55 -13.53 -25.22
N ILE A 822 2.64 -12.87 -24.45
CA ILE A 822 2.60 -13.22 -23.03
C ILE A 822 2.07 -14.61 -22.86
N ASP A 823 1.06 -14.94 -23.66
CA ASP A 823 0.46 -16.23 -23.62
C ASP A 823 1.35 -17.32 -24.18
N LEU A 824 2.20 -16.94 -25.13
CA LEU A 824 2.97 -17.92 -25.88
C LEU A 824 4.07 -18.38 -25.02
N CYS A 825 4.70 -17.35 -24.48
CA CYS A 825 5.63 -17.45 -23.41
C CYS A 825 5.13 -18.34 -22.23
N LYS A 826 4.01 -17.96 -21.62
CA LYS A 826 3.46 -18.72 -20.50
C LYS A 826 3.19 -20.14 -20.90
N ASN A 827 2.48 -20.39 -21.97
CA ASN A 827 2.20 -21.78 -22.28
C ASN A 827 3.36 -22.53 -22.82
N GLY A 828 4.48 -21.84 -23.05
CA GLY A 828 5.65 -22.52 -23.62
C GLY A 828 5.49 -22.97 -25.09
N ASP A 829 4.62 -22.31 -25.82
CA ASP A 829 4.59 -22.52 -27.24
C ASP A 829 5.83 -21.87 -27.91
N ILE A 830 6.58 -21.05 -27.17
CA ILE A 830 7.80 -20.48 -27.73
C ILE A 830 8.89 -20.61 -26.70
N ASP A 831 10.11 -20.90 -27.15
CA ASP A 831 11.19 -21.09 -26.22
C ASP A 831 12.10 -19.89 -26.12
N TYR A 832 11.83 -18.80 -26.82
CA TYR A 832 12.80 -17.71 -26.85
C TYR A 832 12.39 -16.51 -26.02
N CYS A 833 11.54 -16.75 -25.04
CA CYS A 833 10.91 -15.68 -24.26
C CYS A 833 11.76 -15.69 -22.96
N GLU A 834 12.25 -14.57 -22.49
CA GLU A 834 12.98 -14.66 -21.22
C GLU A 834 12.64 -13.54 -20.16
N LEU A 835 12.37 -13.93 -18.92
CA LEU A 835 11.67 -12.99 -18.03
C LEU A 835 11.91 -13.28 -16.55
N ASN A 836 11.65 -12.27 -15.75
CA ASN A 836 11.46 -12.48 -14.36
C ASN A 836 10.24 -11.75 -13.79
N ALA A 837 9.34 -11.30 -14.66
CA ALA A 837 8.01 -10.96 -14.25
C ALA A 837 7.41 -12.19 -13.63
N ARG A 838 6.29 -12.04 -12.93
CA ARG A 838 5.61 -13.11 -12.30
C ARG A 838 4.28 -13.17 -12.99
N PHE A 839 3.82 -14.36 -13.31
CA PHE A 839 2.50 -14.49 -13.94
C PHE A 839 1.36 -14.33 -12.90
N GLY A 840 0.16 -13.97 -13.35
CA GLY A 840 -0.91 -13.74 -12.45
C GLY A 840 -0.81 -12.39 -11.78
N PHE A 841 -1.96 -11.87 -11.40
CA PHE A 841 -2.11 -10.58 -10.83
C PHE A 841 -1.83 -10.66 -9.32
N ARG A 842 -1.17 -9.64 -8.74
CA ARG A 842 -1.15 -9.45 -7.29
C ARG A 842 -1.01 -7.98 -7.03
N ASN A 843 -1.60 -7.48 -5.96
CA ASN A 843 -1.42 -6.08 -5.62
C ASN A 843 0.05 -6.04 -5.35
N ILE A 844 0.78 -5.14 -6.05
CA ILE A 844 2.23 -4.93 -5.78
C ILE A 844 2.66 -3.99 -4.55
N ILE A 845 3.57 -4.44 -3.68
CA ILE A 845 4.33 -3.49 -2.93
C ILE A 845 5.77 -3.63 -3.51
N ALA A 846 6.33 -2.53 -4.08
CA ALA A 846 7.51 -2.60 -4.95
C ALA A 846 8.71 -2.15 -4.17
N ASP A 847 9.69 -3.03 -3.89
CA ASP A 847 10.91 -2.71 -3.16
C ASP A 847 10.75 -2.00 -1.83
N PRO A 848 10.03 -2.61 -0.89
CA PRO A 848 9.70 -1.84 0.31
C PRO A 848 10.94 -1.72 1.12
N VAL A 849 11.02 -0.56 1.76
CA VAL A 849 12.13 -0.17 2.56
C VAL A 849 11.66 0.29 3.95
N THR A 850 12.38 -0.12 5.01
CA THR A 850 12.00 0.26 6.40
C THR A 850 12.84 1.43 6.98
N PHE A 851 12.16 2.46 7.45
CA PHE A 851 12.86 3.44 8.31
C PHE A 851 12.72 3.13 9.80
N LYS A 852 13.84 2.79 10.42
CA LYS A 852 13.71 2.08 11.67
C LYS A 852 13.37 3.03 12.73
N THR A 853 13.93 4.22 12.66
CA THR A 853 13.68 5.16 13.72
C THR A 853 13.19 6.42 13.07
N LYS A 854 12.46 7.28 13.77
CA LYS A 854 11.88 8.44 13.13
C LYS A 854 12.94 9.20 12.36
N SER A 855 13.87 9.64 13.17
CA SER A 855 15.16 10.19 12.77
C SER A 855 15.99 9.58 11.64
N SER A 856 15.69 8.39 11.18
CA SER A 856 16.33 7.87 10.05
C SER A 856 15.75 8.51 8.85
N TYR A 857 16.62 8.87 7.92
CA TYR A 857 16.15 9.42 6.67
C TYR A 857 17.19 9.28 5.63
N VAL A 858 16.79 9.39 4.36
CA VAL A 858 17.86 9.42 3.33
C VAL A 858 17.68 10.68 2.56
N ALA A 859 18.72 11.15 1.88
CA ALA A 859 18.61 12.30 0.98
C ALA A 859 18.91 11.87 -0.43
N LEU A 860 18.01 12.18 -1.35
CA LEU A 860 18.23 11.82 -2.76
C LEU A 860 18.46 13.05 -3.59
N ALA A 861 18.95 12.93 -4.81
CA ALA A 861 19.00 14.07 -5.71
C ALA A 861 17.64 14.67 -5.95
N THR A 862 17.65 15.99 -6.17
CA THR A 862 16.51 16.89 -6.11
C THR A 862 15.39 16.45 -7.00
N LEU A 863 14.15 16.56 -6.47
CA LEU A 863 12.88 16.29 -7.19
C LEU A 863 12.97 16.98 -8.51
N GLN A 864 12.54 16.37 -9.60
CA GLN A 864 12.61 17.14 -10.85
C GLN A 864 11.23 17.32 -11.49
N ALA A 865 10.24 17.86 -10.70
CA ALA A 865 8.97 18.59 -11.18
C ALA A 865 9.29 19.76 -12.09
N TYR A 866 9.41 19.56 -13.37
CA TYR A 866 9.61 20.68 -14.30
C TYR A 866 8.19 21.33 -14.56
N THR A 867 7.50 20.74 -15.54
CA THR A 867 6.28 21.30 -16.04
C THR A 867 5.08 20.75 -15.24
N SER A 868 5.04 19.45 -15.01
CA SER A 868 4.04 18.93 -14.11
C SER A 868 4.73 18.07 -13.08
N MET A 869 3.97 17.59 -12.13
CA MET A 869 4.53 16.71 -11.17
C MET A 869 3.59 15.52 -10.93
N HIS A 870 4.11 14.28 -10.91
CA HIS A 870 3.35 13.10 -10.43
C HIS A 870 4.10 12.31 -9.37
N LEU A 871 3.69 12.33 -8.09
CA LEU A 871 4.34 11.55 -7.06
C LEU A 871 3.50 10.38 -6.71
N PHE A 872 4.17 9.29 -6.41
CA PHE A 872 3.50 8.15 -5.87
C PHE A 872 4.30 7.38 -4.87
N PHE A 873 3.64 6.98 -3.82
CA PHE A 873 4.29 6.03 -2.98
C PHE A 873 3.30 5.26 -2.15
N GLN A 874 3.79 4.27 -1.44
CA GLN A 874 2.96 3.54 -0.50
C GLN A 874 3.63 3.74 0.84
N PHE A 875 2.86 3.77 1.92
CA PHE A 875 3.56 3.67 3.23
C PHE A 875 2.85 2.75 4.13
N LYS A 876 3.52 2.37 5.18
CA LYS A 876 2.91 1.53 6.21
C LYS A 876 3.56 1.97 7.51
N THR A 877 2.79 2.28 8.53
CA THR A 877 3.41 2.88 9.72
C THR A 877 2.50 2.64 10.89
N THR A 878 3.06 2.61 12.10
CA THR A 878 2.17 2.70 13.25
C THR A 878 2.22 4.01 13.98
N SER A 879 2.71 5.06 13.34
CA SER A 879 2.98 6.27 14.09
C SER A 879 2.06 7.37 13.57
N LEU A 880 1.62 8.25 14.44
CA LEU A 880 0.68 9.27 14.02
C LEU A 880 1.32 10.37 13.36
N ASP A 881 2.55 10.78 13.64
CA ASP A 881 3.05 11.99 12.98
C ASP A 881 4.47 11.84 12.48
N GLY A 882 4.76 12.10 11.20
CA GLY A 882 6.17 12.32 10.86
C GLY A 882 6.32 12.96 9.47
N LEU A 883 7.49 13.59 9.24
CA LEU A 883 7.88 14.19 8.00
C LEU A 883 8.32 13.08 7.09
N ILE A 884 7.91 13.15 5.82
CA ILE A 884 7.98 11.92 4.95
C ILE A 884 8.73 12.36 3.73
N LEU A 885 8.49 13.60 3.28
CA LEU A 885 9.14 14.01 2.10
C LEU A 885 9.31 15.47 2.28
N TYR A 886 10.54 15.98 2.08
CA TYR A 886 10.76 17.42 2.07
C TYR A 886 11.77 17.81 1.02
N ASN A 887 11.54 18.84 0.23
CA ASN A 887 12.48 19.33 -0.78
C ASN A 887 12.20 20.87 -0.99
N SER A 888 13.24 21.71 -1.01
CA SER A 888 12.99 23.14 -1.02
C SER A 888 13.70 23.86 -2.18
N GLY A 889 13.37 25.11 -2.41
CA GLY A 889 13.60 25.68 -3.73
C GLY A 889 14.29 27.00 -3.60
N ASP A 890 14.08 27.92 -4.53
CA ASP A 890 14.59 29.24 -4.26
C ASP A 890 13.54 30.06 -3.54
N GLY A 891 13.96 30.90 -2.64
CA GLY A 891 13.02 31.84 -2.02
C GLY A 891 12.23 31.01 -1.04
N ASN A 892 10.92 31.26 -1.00
CA ASN A 892 10.00 30.46 -0.21
C ASN A 892 9.60 29.18 -0.79
N ASP A 893 10.07 28.80 -1.98
CA ASP A 893 9.59 27.53 -2.61
C ASP A 893 9.89 26.32 -1.79
N PHE A 894 8.99 25.34 -1.77
CA PHE A 894 9.23 24.04 -1.14
C PHE A 894 8.08 23.07 -1.38
N ILE A 895 8.30 21.78 -1.16
CA ILE A 895 7.25 20.81 -1.22
C ILE A 895 7.47 19.82 -0.11
N VAL A 896 6.41 19.54 0.67
CA VAL A 896 6.45 18.62 1.83
C VAL A 896 5.27 17.65 1.86
N VAL A 897 5.48 16.45 2.40
CA VAL A 897 4.42 15.48 2.52
C VAL A 897 4.71 14.87 3.86
N GLU A 898 3.68 14.86 4.74
CA GLU A 898 3.85 14.56 6.13
C GLU A 898 2.62 13.86 6.76
N LEU A 899 2.76 13.24 7.93
CA LEU A 899 1.64 12.63 8.52
C LEU A 899 1.36 13.33 9.76
N VAL A 900 0.15 13.74 9.97
CA VAL A 900 -0.11 14.60 11.06
C VAL A 900 -1.31 14.02 11.81
N LYS A 901 -1.08 13.54 13.00
CA LYS A 901 -2.17 13.03 13.76
C LYS A 901 -2.88 11.94 13.01
N GLY A 902 -2.10 11.22 12.21
CA GLY A 902 -2.60 10.13 11.43
C GLY A 902 -3.05 10.45 10.03
N TYR A 903 -3.31 11.72 9.81
CA TYR A 903 -3.81 12.17 8.51
C TYR A 903 -2.75 12.66 7.59
N LEU A 904 -2.93 12.52 6.27
CA LEU A 904 -1.82 12.84 5.31
C LEU A 904 -1.89 14.22 4.69
N HIS A 905 -0.79 14.95 4.70
CA HIS A 905 -0.84 16.40 4.39
C HIS A 905 0.17 16.65 3.35
N TYR A 906 -0.18 17.45 2.33
CA TYR A 906 0.75 17.75 1.28
C TYR A 906 0.80 19.20 1.40
N VAL A 907 1.99 19.72 1.68
CA VAL A 907 2.10 21.20 1.96
C VAL A 907 3.06 21.68 0.95
N PHE A 908 2.89 22.88 0.41
CA PHE A 908 3.70 23.30 -0.69
C PHE A 908 3.54 24.80 -0.90
N ASP A 909 4.48 25.42 -1.58
CA ASP A 909 4.47 26.87 -1.86
C ASP A 909 5.26 26.96 -3.13
N LEU A 910 4.62 27.40 -4.23
CA LEU A 910 5.20 27.56 -5.57
C LEU A 910 5.23 28.99 -6.00
N GLY A 911 5.36 29.84 -5.00
CA GLY A 911 5.62 31.23 -5.21
C GLY A 911 4.41 32.03 -4.94
N ASN A 912 3.33 31.40 -4.49
CA ASN A 912 2.17 32.19 -4.18
C ASN A 912 1.81 31.96 -2.73
N GLY A 913 2.68 31.33 -1.95
CA GLY A 913 2.45 31.23 -0.51
C GLY A 913 2.09 29.80 -0.18
N ALA A 914 2.09 29.46 1.10
CA ALA A 914 2.03 28.05 1.39
C ALA A 914 0.62 27.53 1.35
N ASN A 915 0.39 26.31 0.88
CA ASN A 915 -0.93 25.73 0.86
C ASN A 915 -0.84 24.33 1.48
N LEU A 916 -1.96 23.96 2.14
CA LEU A 916 -2.09 22.64 2.68
C LEU A 916 -3.20 21.89 1.97
N ILE A 917 -2.98 20.68 1.53
CA ILE A 917 -4.11 19.97 1.04
C ILE A 917 -4.25 18.69 1.87
N LYS A 918 -5.38 18.48 2.54
CA LYS A 918 -5.35 17.29 3.38
C LYS A 918 -5.83 16.13 2.60
N GLY A 919 -5.05 15.10 2.57
CA GLY A 919 -5.51 13.90 1.85
C GLY A 919 -6.69 13.29 2.59
N SER A 920 -7.59 12.61 1.89
CA SER A 920 -8.88 12.28 2.46
C SER A 920 -8.98 10.91 3.08
N SER A 921 -9.16 10.80 4.37
CA SER A 921 -9.53 9.51 4.91
C SER A 921 -10.25 9.68 6.21
N ASN A 922 -11.10 8.71 6.54
CA ASN A 922 -11.89 8.81 7.70
C ASN A 922 -11.06 8.42 8.88
N LYS A 923 -10.25 7.41 8.72
CA LYS A 923 -9.52 6.97 9.87
C LYS A 923 -8.14 7.49 9.81
N PRO A 924 -7.46 7.62 10.95
CA PRO A 924 -6.04 7.68 11.00
C PRO A 924 -5.47 6.69 10.04
N LEU A 925 -4.29 6.98 9.47
CA LEU A 925 -3.71 6.06 8.59
C LEU A 925 -2.62 5.27 9.22
N ASN A 926 -2.43 5.27 10.53
CA ASN A 926 -1.34 4.44 11.05
C ASN A 926 -1.80 3.12 11.61
N ASP A 927 -2.65 2.39 10.89
CA ASP A 927 -3.31 1.16 11.31
C ASP A 927 -2.46 0.06 10.77
N ASN A 928 -1.14 0.33 10.56
CA ASN A 928 -0.14 -0.70 10.21
C ASN A 928 -0.41 -1.50 8.99
N GLN A 929 -1.16 -0.92 8.09
CA GLN A 929 -1.48 -1.42 6.75
C GLN A 929 -0.82 -0.53 5.73
N TRP A 930 -0.65 -1.06 4.51
CA TRP A 930 -0.06 -0.28 3.42
C TRP A 930 -1.05 0.69 2.96
N HIS A 931 -0.71 1.99 2.77
CA HIS A 931 -1.60 2.87 2.01
C HIS A 931 -1.00 3.37 0.73
N ASN A 932 -1.86 3.72 -0.24
CA ASN A 932 -1.38 4.34 -1.48
C ASN A 932 -1.61 5.78 -1.46
N VAL A 933 -0.58 6.53 -1.85
CA VAL A 933 -0.65 7.96 -1.88
C VAL A 933 -0.17 8.45 -3.19
N MET A 934 -0.91 9.39 -3.77
CA MET A 934 -0.66 9.82 -5.13
C MET A 934 -1.03 11.25 -5.17
N ILE A 935 -0.05 12.06 -5.56
CA ILE A 935 -0.09 13.52 -5.37
C ILE A 935 0.43 14.09 -6.63
N SER A 936 -0.29 15.01 -7.26
CA SER A 936 0.11 15.46 -8.60
C SER A 936 -0.30 16.89 -8.96
N ARG A 937 0.54 17.66 -9.61
CA ARG A 937 0.05 18.93 -10.05
C ARG A 937 0.18 18.87 -11.53
N ASP A 938 -0.84 19.26 -12.25
CA ASP A 938 -0.71 19.20 -13.66
C ASP A 938 -0.35 20.57 -14.29
N THR A 939 -0.46 20.71 -15.60
CA THR A 939 -0.01 21.98 -16.23
C THR A 939 -0.99 23.11 -16.16
N SER A 940 -2.21 22.79 -15.73
CA SER A 940 -3.22 23.79 -15.34
C SER A 940 -3.12 24.20 -13.90
N ASN A 941 -2.22 23.60 -13.14
CA ASN A 941 -2.14 23.86 -11.71
C ASN A 941 -3.34 23.35 -10.94
N LEU A 942 -3.81 22.18 -11.32
CA LEU A 942 -4.82 21.53 -10.58
C LEU A 942 -4.03 20.56 -9.81
N HIS A 943 -4.06 20.66 -8.48
CA HIS A 943 -3.43 19.65 -7.62
C HIS A 943 -4.41 18.59 -7.24
N THR A 944 -3.91 17.38 -7.07
CA THR A 944 -4.72 16.23 -6.71
C THR A 944 -4.03 15.40 -5.67
N VAL A 945 -4.69 15.16 -4.54
CA VAL A 945 -4.15 14.20 -3.56
C VAL A 945 -5.06 13.01 -3.50
N LYS A 946 -4.51 11.84 -3.80
CA LYS A 946 -5.30 10.61 -3.71
C LYS A 946 -4.80 9.71 -2.62
N ILE A 947 -5.64 9.29 -1.67
CA ILE A 947 -5.23 8.33 -0.63
C ILE A 947 -6.11 7.16 -0.77
N ASP A 948 -5.51 6.01 -1.01
CA ASP A 948 -6.26 4.85 -1.34
C ASP A 948 -7.32 5.13 -2.41
N THR A 949 -8.61 5.03 -2.16
CA THR A 949 -9.42 5.37 -3.33
C THR A 949 -10.01 6.78 -3.30
N LYS A 950 -9.42 7.77 -2.66
CA LYS A 950 -10.24 8.95 -2.59
C LYS A 950 -9.56 10.15 -3.19
N ILE A 951 -10.10 10.72 -4.27
CA ILE A 951 -9.50 11.92 -4.90
C ILE A 951 -9.86 13.15 -4.11
N THR A 952 -8.92 14.05 -3.98
CA THR A 952 -9.23 15.40 -3.51
C THR A 952 -8.47 16.25 -4.46
N THR A 953 -9.10 17.28 -4.99
CA THR A 953 -8.45 18.10 -5.97
C THR A 953 -8.69 19.56 -5.59
N GLN A 954 -7.74 20.41 -5.92
CA GLN A 954 -7.82 21.80 -5.58
C GLN A 954 -7.06 22.57 -6.67
N ILE A 955 -7.36 23.82 -6.97
CA ILE A 955 -6.69 24.43 -8.08
C ILE A 955 -6.00 25.65 -7.67
N THR A 956 -4.72 25.75 -7.95
CA THR A 956 -3.96 26.83 -7.36
C THR A 956 -3.39 27.88 -8.31
N ALA A 957 -2.63 28.84 -7.81
CA ALA A 957 -2.44 30.05 -8.71
C ALA A 957 -1.42 29.86 -9.81
N GLY A 958 -1.70 30.31 -11.04
CA GLY A 958 -0.77 30.17 -12.19
C GLY A 958 0.60 30.84 -12.03
N ALA A 959 1.64 30.03 -11.99
CA ALA A 959 2.96 30.52 -11.55
C ALA A 959 4.17 29.89 -12.33
N ARG A 960 5.01 30.72 -12.97
CA ARG A 960 6.25 30.20 -13.58
C ARG A 960 6.84 29.11 -12.71
N ASN A 961 6.75 27.87 -13.20
CA ASN A 961 7.12 26.71 -12.38
C ASN A 961 8.64 26.54 -12.40
N LEU A 962 9.19 26.39 -11.18
CA LEU A 962 10.64 26.67 -10.94
C LEU A 962 11.21 25.45 -10.34
N ASP A 963 12.49 25.30 -10.56
CA ASP A 963 13.20 24.16 -10.11
C ASP A 963 13.28 24.18 -8.62
N LEU A 964 13.48 23.01 -7.99
CA LEU A 964 13.77 23.00 -6.56
C LEU A 964 15.30 22.97 -6.46
N LYS A 965 15.84 23.03 -5.25
CA LYS A 965 17.26 23.33 -5.10
C LYS A 965 17.87 22.35 -4.13
N SER A 966 17.27 22.17 -2.97
CA SER A 966 17.87 21.32 -1.96
C SER A 966 17.88 19.88 -2.43
N ASP A 967 18.67 19.04 -1.79
CA ASP A 967 18.46 17.61 -1.92
C ASP A 967 17.04 17.26 -1.57
N LEU A 968 16.60 16.05 -1.93
CA LEU A 968 15.24 15.64 -1.73
C LEU A 968 15.31 14.73 -0.60
N TYR A 969 14.71 15.08 0.55
CA TYR A 969 14.81 14.31 1.79
C TYR A 969 13.59 13.43 1.95
N ILE A 970 13.79 12.13 2.24
CA ILE A 970 12.72 11.23 2.54
C ILE A 970 12.79 10.53 3.94
N GLY A 971 11.70 10.66 4.67
CA GLY A 971 11.63 9.95 5.95
C GLY A 971 12.19 10.62 7.20
N GLY A 972 12.53 11.88 6.91
CA GLY A 972 12.87 12.83 7.90
C GLY A 972 13.81 13.82 7.25
N VAL A 973 14.32 14.71 8.12
CA VAL A 973 15.33 15.70 7.81
C VAL A 973 16.29 15.74 9.01
N ALA A 974 17.38 16.47 8.83
CA ALA A 974 18.41 16.56 9.80
C ALA A 974 17.73 17.12 11.07
N LYS A 975 18.20 16.68 12.26
CA LYS A 975 17.50 16.98 13.53
C LYS A 975 17.23 18.43 13.65
N GLU A 976 18.23 19.21 13.23
CA GLU A 976 18.24 20.63 13.37
C GLU A 976 17.31 21.37 12.48
N THR A 977 16.92 20.72 11.39
CA THR A 977 16.05 21.35 10.44
C THR A 977 14.60 21.45 10.89
N TYR A 978 14.09 20.49 11.62
CA TYR A 978 12.70 20.61 11.95
C TYR A 978 12.41 21.91 12.70
N LYS A 979 13.38 22.44 13.43
CA LYS A 979 13.10 23.71 14.13
C LYS A 979 12.83 24.97 13.25
N SER A 980 12.63 24.82 11.95
CA SER A 980 12.55 25.96 11.02
C SER A 980 12.06 25.49 9.66
N LEU A 981 11.03 24.65 9.64
CA LEU A 981 10.54 24.13 8.40
C LEU A 981 9.50 25.12 8.07
N PRO A 982 9.00 25.10 6.83
CA PRO A 982 8.02 26.18 6.54
C PRO A 982 6.74 26.29 7.41
N LYS A 983 6.05 27.32 6.99
CA LYS A 983 4.83 27.85 7.54
C LYS A 983 3.78 26.79 8.06
N LEU A 984 3.15 25.99 7.19
CA LEU A 984 2.10 25.17 7.81
C LEU A 984 2.63 23.78 7.90
N VAL A 985 3.92 23.59 8.21
CA VAL A 985 4.36 22.19 8.30
C VAL A 985 4.40 21.81 9.79
N HIS A 986 3.69 20.76 10.20
CA HIS A 986 3.59 20.46 11.64
C HIS A 986 4.84 19.72 12.10
N ALA A 987 5.38 18.89 11.23
CA ALA A 987 6.38 17.96 11.70
C ALA A 987 7.48 18.47 12.61
N LYS A 988 7.67 17.79 13.74
CA LYS A 988 8.97 17.91 14.46
C LYS A 988 9.69 16.63 14.50
N GLU A 989 9.26 15.58 13.79
CA GLU A 989 10.03 14.35 13.81
C GLU A 989 9.83 13.63 12.47
N GLY A 990 10.80 12.82 12.08
CA GLY A 990 10.71 12.03 10.83
C GLY A 990 9.68 10.91 10.82
N PHE A 991 9.58 10.24 9.70
CA PHE A 991 8.79 8.97 9.48
C PHE A 991 9.52 7.83 10.08
N GLN A 992 8.77 6.92 10.70
CA GLN A 992 9.22 5.58 11.21
C GLN A 992 8.25 4.63 10.48
N GLY A 993 8.64 3.42 10.07
CA GLY A 993 7.72 2.71 9.17
C GLY A 993 8.23 2.42 7.79
N CYS A 994 7.40 1.93 6.87
CA CYS A 994 7.86 1.47 5.52
C CYS A 994 7.37 2.30 4.38
N LEU A 995 8.23 2.50 3.39
CA LEU A 995 7.85 3.27 2.16
C LEU A 995 7.91 2.23 1.12
N ALA A 996 7.04 2.28 0.13
CA ALA A 996 7.36 1.45 -1.01
C ALA A 996 6.92 2.11 -2.30
N SER A 997 7.44 1.65 -3.43
CA SER A 997 6.88 1.99 -4.73
C SER A 997 6.99 3.41 -4.97
N VAL A 998 8.12 3.99 -4.65
CA VAL A 998 8.25 5.40 -4.53
C VAL A 998 8.59 5.85 -5.91
N ASP A 999 7.79 6.77 -6.44
CA ASP A 999 7.97 7.29 -7.75
C ASP A 999 7.96 8.81 -7.68
N LEU A 1000 9.11 9.43 -7.92
CA LEU A 1000 9.26 10.89 -7.86
C LEU A 1000 9.29 11.35 -9.25
N ASN A 1001 8.10 11.60 -9.74
CA ASN A 1001 7.86 12.29 -11.00
C ASN A 1001 8.63 11.64 -12.11
N GLY A 1002 8.56 10.31 -12.16
CA GLY A 1002 9.11 9.52 -13.22
C GLY A 1002 10.32 8.72 -12.83
N ARG A 1003 10.88 8.95 -11.65
CA ARG A 1003 12.08 8.24 -11.32
C ARG A 1003 11.86 7.31 -10.11
N LEU A 1004 12.30 6.04 -10.22
CA LEU A 1004 12.18 5.08 -9.10
C LEU A 1004 13.48 4.94 -8.39
N PRO A 1005 13.74 5.78 -7.42
CA PRO A 1005 14.98 5.66 -6.66
C PRO A 1005 15.08 4.33 -5.98
N ASP A 1006 16.30 3.82 -5.76
CA ASP A 1006 16.50 2.77 -4.76
C ASP A 1006 16.77 3.51 -3.48
N LEU A 1007 15.77 3.56 -2.61
CA LEU A 1007 15.89 4.43 -1.47
C LEU A 1007 17.20 4.21 -0.75
N ILE A 1008 17.71 2.99 -0.65
CA ILE A 1008 18.91 2.80 0.13
C ILE A 1008 20.11 3.07 -0.72
N SER A 1009 20.17 2.46 -1.91
CA SER A 1009 21.35 2.59 -2.75
C SER A 1009 21.63 3.87 -3.49
N ASP A 1010 20.63 4.69 -3.76
CA ASP A 1010 20.87 5.84 -4.54
C ASP A 1010 21.00 7.02 -3.63
N ALA A 1011 20.85 6.79 -2.33
CA ALA A 1011 20.96 7.85 -1.34
C ALA A 1011 22.24 8.66 -1.52
N LEU A 1012 22.19 9.96 -1.30
CA LEU A 1012 23.38 10.81 -1.34
C LEU A 1012 24.10 10.89 0.00
N PHE A 1013 23.34 10.86 1.07
CA PHE A 1013 23.79 10.37 2.33
C PHE A 1013 22.51 9.97 3.00
N CYS A 1014 22.62 9.48 4.23
CA CYS A 1014 21.76 8.57 4.94
C CYS A 1014 21.81 8.97 6.40
N ASN A 1015 20.82 8.73 7.20
CA ASN A 1015 21.07 8.91 8.62
C ASN A 1015 20.28 7.94 9.44
N GLY A 1016 20.93 7.20 10.31
CA GLY A 1016 20.14 6.24 11.08
C GLY A 1016 19.98 4.98 10.32
N GLN A 1017 19.04 4.10 10.64
CA GLN A 1017 19.09 2.85 9.93
C GLN A 1017 17.99 2.72 8.91
N ILE A 1018 18.32 2.68 7.65
CA ILE A 1018 17.28 2.34 6.68
C ILE A 1018 17.48 0.84 6.35
N GLU A 1019 16.48 0.01 6.32
CA GLU A 1019 16.79 -1.38 6.27
C GLU A 1019 15.92 -1.89 5.11
N ARG A 1020 16.46 -2.76 4.25
CA ARG A 1020 15.75 -3.31 3.08
C ARG A 1020 14.67 -4.16 3.60
N GLY A 1021 13.60 -4.25 2.85
CA GLY A 1021 12.52 -5.11 3.23
C GLY A 1021 11.60 -4.44 4.17
N CYS A 1022 10.41 -5.03 4.36
CA CYS A 1022 9.43 -4.54 5.37
C CYS A 1022 9.04 -5.57 6.48
N GLU A 1023 10.06 -6.31 6.95
CA GLU A 1023 9.87 -7.47 7.78
C GLU A 1023 10.96 -7.71 8.77
N GLY A 1024 11.55 -6.64 9.29
CA GLY A 1024 12.61 -6.74 10.29
C GLY A 1024 13.76 -7.34 9.53
N PRO A 1025 14.78 -7.80 10.28
CA PRO A 1025 16.07 -8.08 9.63
C PRO A 1025 16.20 -9.53 9.15
N SER A 1026 17.26 -9.79 8.42
CA SER A 1026 17.48 -11.12 7.93
C SER A 1026 17.86 -12.04 9.04
N THR A 1027 17.49 -13.30 8.96
CA THR A 1027 18.00 -14.22 9.96
C THR A 1027 19.49 -14.31 9.82
N THR A 1028 20.20 -14.44 10.93
CA THR A 1028 21.68 -14.56 10.94
C THR A 1028 22.16 -15.88 11.56
N CYS A 1029 23.40 -16.26 11.29
CA CYS A 1029 23.90 -17.55 11.77
C CYS A 1029 23.97 -17.75 13.26
N GLN A 1030 23.72 -18.98 13.71
CA GLN A 1030 23.84 -19.32 15.15
C GLN A 1030 24.67 -20.59 15.31
N GLU A 1031 25.15 -20.82 16.53
CA GLU A 1031 25.80 -22.08 16.84
C GLU A 1031 25.04 -23.29 16.27
N ASP A 1032 23.73 -23.33 16.49
CA ASP A 1032 22.91 -24.50 16.18
C ASP A 1032 22.20 -24.39 14.82
N SER A 1033 22.56 -23.40 14.00
CA SER A 1033 21.80 -23.18 12.77
C SER A 1033 21.71 -24.36 11.80
N CYS A 1034 22.82 -24.92 11.32
CA CYS A 1034 22.70 -26.02 10.36
C CYS A 1034 22.82 -27.28 11.17
N SER A 1035 22.45 -28.43 10.64
CA SER A 1035 22.26 -29.47 11.59
C SER A 1035 23.06 -30.74 11.42
N ASN A 1036 24.10 -30.76 10.59
CA ASN A 1036 24.91 -32.02 10.63
C ASN A 1036 26.35 -31.72 10.39
N GLN A 1037 26.76 -30.61 10.94
CA GLN A 1037 28.06 -30.09 10.58
C GLN A 1037 27.94 -29.42 9.19
N GLY A 1038 26.69 -29.21 8.75
CA GLY A 1038 26.40 -28.24 7.69
C GLY A 1038 27.14 -26.95 8.04
N VAL A 1039 27.47 -26.15 7.04
CA VAL A 1039 28.24 -24.93 7.29
C VAL A 1039 27.29 -23.74 7.13
N CYS A 1040 27.22 -22.84 8.11
CA CYS A 1040 26.21 -21.78 8.07
C CYS A 1040 26.83 -20.61 7.37
N LEU A 1041 26.21 -20.13 6.28
CA LEU A 1041 26.78 -19.04 5.51
C LEU A 1041 25.79 -17.91 5.55
N GLN A 1042 26.25 -16.66 5.61
CA GLN A 1042 25.36 -15.51 5.58
C GLN A 1042 24.98 -15.02 4.16
N GLN A 1043 23.71 -14.86 3.91
CA GLN A 1043 23.30 -14.23 2.71
C GLN A 1043 22.57 -12.96 3.09
N TRP A 1044 22.17 -12.22 2.03
CA TRP A 1044 21.69 -10.91 2.21
C TRP A 1044 20.33 -11.04 2.71
N ASP A 1045 19.62 -12.09 2.32
CA ASP A 1045 18.30 -12.33 2.83
C ASP A 1045 18.22 -13.43 3.88
N GLY A 1046 19.26 -13.62 4.70
CA GLY A 1046 19.15 -14.59 5.79
C GLY A 1046 20.13 -15.69 5.46
N PHE A 1047 20.41 -16.60 6.39
CA PHE A 1047 21.53 -17.49 6.20
C PHE A 1047 21.14 -18.70 5.41
N SER A 1048 22.11 -19.39 4.81
CA SER A 1048 21.91 -20.68 4.19
C SER A 1048 22.86 -21.72 4.83
N CYS A 1049 22.65 -23.00 4.48
CA CYS A 1049 23.52 -24.04 4.95
C CYS A 1049 24.15 -24.69 3.80
N ASP A 1050 25.48 -24.77 3.79
CA ASP A 1050 26.18 -25.56 2.80
C ASP A 1050 26.20 -27.00 3.24
N CYS A 1051 25.57 -27.85 2.44
CA CYS A 1051 25.47 -29.24 2.86
C CYS A 1051 26.47 -30.22 2.34
N SER A 1052 27.32 -29.74 1.46
CA SER A 1052 28.14 -30.56 0.64
C SER A 1052 28.91 -31.67 1.36
N MET A 1053 29.58 -31.33 2.44
CA MET A 1053 30.39 -32.30 3.15
C MET A 1053 29.64 -33.06 4.22
N THR A 1054 28.36 -32.73 4.46
CA THR A 1054 27.49 -33.52 5.41
C THR A 1054 27.02 -34.69 4.57
N SER A 1055 26.46 -35.75 5.08
CA SER A 1055 26.00 -36.53 3.95
C SER A 1055 24.57 -36.26 3.58
N PHE A 1056 24.07 -35.09 4.05
CA PHE A 1056 22.63 -34.72 4.06
C PHE A 1056 22.18 -33.69 3.02
N SER A 1057 20.86 -33.51 2.98
CA SER A 1057 20.30 -32.54 2.06
C SER A 1057 19.27 -31.66 2.77
N GLY A 1058 18.61 -30.80 1.98
CA GLY A 1058 17.53 -29.97 2.53
C GLY A 1058 18.11 -28.67 3.00
N PRO A 1059 17.25 -27.69 3.34
CA PRO A 1059 17.78 -26.38 3.59
C PRO A 1059 18.45 -26.26 4.94
N LEU A 1060 18.25 -27.17 5.86
CA LEU A 1060 19.08 -27.07 7.04
C LEU A 1060 19.97 -28.28 7.24
N CYS A 1061 20.30 -28.99 6.15
CA CYS A 1061 21.13 -30.19 6.21
C CYS A 1061 20.53 -31.13 7.18
N ASN A 1062 19.25 -31.46 7.02
CA ASN A 1062 18.56 -32.26 8.05
C ASN A 1062 17.70 -33.34 7.48
N ASP A 1063 17.52 -33.25 6.17
CA ASP A 1063 16.87 -34.27 5.35
C ASP A 1063 17.89 -35.29 4.85
N PRO A 1064 17.46 -36.53 4.67
CA PRO A 1064 18.43 -37.56 4.31
C PRO A 1064 18.96 -37.24 2.92
N GLY A 1065 20.25 -37.49 2.67
CA GLY A 1065 20.79 -37.31 1.31
C GLY A 1065 20.27 -38.45 0.45
N THR A 1066 20.39 -38.36 -0.87
CA THR A 1066 20.01 -39.49 -1.74
C THR A 1066 20.79 -40.76 -1.30
N THR A 1067 20.02 -41.80 -0.89
CA THR A 1067 20.53 -43.08 -0.37
C THR A 1067 20.27 -44.22 -1.39
N TYR A 1068 21.31 -45.02 -1.66
CA TYR A 1068 21.15 -46.27 -2.39
C TYR A 1068 21.47 -47.45 -1.50
N ILE A 1069 20.59 -48.46 -1.48
CA ILE A 1069 20.87 -49.73 -0.80
C ILE A 1069 21.56 -50.70 -1.74
N PHE A 1070 22.79 -51.11 -1.40
CA PHE A 1070 23.51 -52.12 -2.16
C PHE A 1070 23.30 -53.49 -1.47
N SER A 1071 22.56 -54.38 -2.12
CA SER A 1071 22.24 -55.67 -1.48
C SER A 1071 23.03 -56.87 -2.02
N LYS A 1072 22.62 -58.05 -1.59
CA LYS A 1072 23.42 -59.26 -1.75
C LYS A 1072 23.93 -59.53 -3.15
N GLY A 1073 25.25 -59.65 -3.25
CA GLY A 1073 25.86 -60.11 -4.48
C GLY A 1073 26.47 -58.98 -5.24
N GLY A 1074 26.22 -57.76 -4.79
CA GLY A 1074 27.00 -56.61 -5.21
C GLY A 1074 26.26 -55.73 -6.18
N GLY A 1075 26.75 -54.50 -6.33
CA GLY A 1075 26.13 -53.58 -7.25
C GLY A 1075 27.17 -52.57 -7.73
N GLN A 1076 26.76 -51.62 -8.57
CA GLN A 1076 27.70 -50.69 -9.14
C GLN A 1076 27.00 -49.53 -9.84
N ILE A 1077 27.23 -48.32 -9.34
CA ILE A 1077 26.81 -47.08 -9.98
C ILE A 1077 28.08 -46.38 -10.47
N THR A 1078 28.17 -46.14 -11.77
CA THR A 1078 29.34 -45.54 -12.39
C THR A 1078 28.97 -44.21 -12.99
N TYR A 1079 29.71 -43.13 -12.66
CA TYR A 1079 29.68 -41.86 -13.40
C TYR A 1079 30.83 -41.88 -14.38
N LYS A 1080 30.51 -41.58 -15.65
CA LYS A 1080 31.51 -41.45 -16.71
C LYS A 1080 31.48 -40.02 -17.35
N TRP A 1081 32.51 -39.21 -17.08
CA TRP A 1081 32.65 -37.86 -17.65
C TRP A 1081 32.72 -37.97 -19.14
N PRO A 1082 32.10 -37.02 -19.85
CA PRO A 1082 32.27 -37.04 -21.29
C PRO A 1082 33.71 -36.67 -21.55
N PRO A 1083 34.36 -37.36 -22.50
CA PRO A 1083 35.77 -37.25 -22.91
C PRO A 1083 36.45 -35.85 -22.72
N ASN A 1084 35.76 -34.74 -23.01
CA ASN A 1084 36.39 -33.42 -22.85
C ASN A 1084 36.19 -32.74 -21.51
N ASP A 1085 35.24 -33.21 -20.72
CA ASP A 1085 35.15 -32.55 -19.44
C ASP A 1085 35.90 -33.37 -18.40
N ARG A 1086 36.99 -34.04 -18.77
CA ARG A 1086 37.68 -34.76 -17.75
C ARG A 1086 38.44 -33.83 -16.80
N PRO A 1087 38.00 -33.73 -15.57
CA PRO A 1087 38.64 -32.90 -14.55
C PRO A 1087 40.10 -33.23 -14.31
N SER A 1088 40.87 -32.24 -13.89
CA SER A 1088 42.21 -32.50 -13.47
C SER A 1088 42.42 -31.55 -12.34
N THR A 1089 42.49 -32.03 -11.12
CA THR A 1089 42.43 -31.12 -9.99
C THR A 1089 43.69 -31.15 -9.14
N ARG A 1090 44.03 -30.05 -8.49
CA ARG A 1090 44.98 -30.14 -7.39
C ARG A 1090 44.40 -30.31 -6.04
N ALA A 1091 43.15 -29.95 -5.84
CA ALA A 1091 42.52 -30.22 -4.57
C ALA A 1091 41.23 -30.98 -4.80
N ASP A 1092 41.02 -32.04 -4.03
CA ASP A 1092 39.79 -32.78 -4.08
C ASP A 1092 39.11 -32.72 -2.72
N ARG A 1093 37.80 -32.89 -2.72
CA ARG A 1093 37.18 -33.26 -1.48
C ARG A 1093 36.00 -34.16 -1.76
N LEU A 1094 35.78 -35.14 -0.89
CA LEU A 1094 34.74 -36.10 -1.07
C LEU A 1094 34.14 -36.41 0.29
N ALA A 1095 32.81 -36.43 0.35
CA ALA A 1095 32.10 -36.87 1.55
C ALA A 1095 31.03 -37.86 1.12
N ILE A 1096 30.75 -38.83 1.99
CA ILE A 1096 29.65 -39.75 1.82
C ILE A 1096 29.24 -40.41 3.17
N GLY A 1097 27.97 -40.81 3.27
CA GLY A 1097 27.41 -41.36 4.47
C GLY A 1097 27.23 -42.83 4.16
N PHE A 1098 27.40 -43.72 5.13
CA PHE A 1098 27.32 -45.14 4.85
C PHE A 1098 26.94 -45.89 6.14
N SER A 1099 26.36 -47.08 5.99
CA SER A 1099 26.17 -48.04 7.10
C SER A 1099 26.43 -49.41 6.49
N THR A 1100 27.15 -50.27 7.21
CA THR A 1100 27.57 -51.59 6.67
C THR A 1100 28.05 -52.47 7.76
N VAL A 1101 27.83 -53.78 7.63
CA VAL A 1101 28.43 -54.73 8.59
C VAL A 1101 29.82 -55.21 8.13
N GLN A 1102 30.15 -55.00 6.85
CA GLN A 1102 31.39 -55.51 6.22
C GLN A 1102 32.73 -55.11 6.84
N LYS A 1103 33.73 -55.98 6.64
CA LYS A 1103 35.11 -55.80 7.12
C LYS A 1103 36.00 -55.38 5.96
N GLU A 1104 35.66 -55.82 4.76
CA GLU A 1104 36.41 -55.51 3.55
C GLU A 1104 35.45 -55.00 2.48
N ALA A 1105 35.72 -53.82 1.90
CA ALA A 1105 34.83 -53.33 0.88
C ALA A 1105 35.43 -52.12 0.29
N VAL A 1106 35.17 -51.90 -1.02
CA VAL A 1106 35.46 -50.58 -1.67
C VAL A 1106 34.14 -49.80 -1.87
N LEU A 1107 34.04 -48.62 -1.28
CA LEU A 1107 32.82 -47.82 -1.41
C LEU A 1107 32.80 -47.07 -2.75
N VAL A 1108 33.85 -46.28 -2.96
CA VAL A 1108 33.95 -45.43 -4.13
C VAL A 1108 35.38 -45.30 -4.60
N ARG A 1109 35.52 -45.29 -5.93
CA ARG A 1109 36.78 -45.09 -6.57
C ARG A 1109 36.69 -44.25 -7.82
N VAL A 1110 37.62 -43.31 -7.91
CA VAL A 1110 37.78 -42.42 -9.03
C VAL A 1110 39.07 -42.73 -9.79
N ASP A 1111 38.97 -43.12 -11.07
CA ASP A 1111 40.20 -43.41 -11.83
C ASP A 1111 40.36 -42.45 -12.94
N SER A 1112 41.63 -42.11 -13.16
CA SER A 1112 42.08 -41.45 -14.33
C SER A 1112 41.73 -42.29 -15.53
N SER A 1113 41.90 -41.73 -16.71
CA SER A 1113 41.57 -42.41 -17.93
C SER A 1113 42.61 -43.50 -18.24
N SER A 1114 42.31 -44.34 -19.24
CA SER A 1114 43.04 -45.61 -19.50
C SER A 1114 44.51 -45.73 -19.02
N GLY A 1115 45.36 -44.76 -19.40
CA GLY A 1115 46.81 -44.97 -19.34
C GLY A 1115 47.53 -44.19 -18.27
N LEU A 1116 46.82 -43.74 -17.26
CA LEU A 1116 47.53 -42.96 -16.22
C LEU A 1116 47.32 -43.59 -14.84
N GLY A 1117 48.23 -43.23 -13.94
CA GLY A 1117 48.32 -43.89 -12.65
C GLY A 1117 47.19 -43.47 -11.75
N ASP A 1118 46.89 -42.19 -11.80
CA ASP A 1118 46.18 -41.53 -10.75
C ASP A 1118 44.86 -42.13 -10.41
N TYR A 1119 44.64 -42.36 -9.14
CA TYR A 1119 43.31 -42.71 -8.66
C TYR A 1119 43.14 -42.29 -7.18
N LEU A 1120 41.90 -42.38 -6.70
CA LEU A 1120 41.55 -42.08 -5.33
C LEU A 1120 40.49 -43.08 -5.03
N GLU A 1121 40.61 -43.75 -3.89
CA GLU A 1121 39.69 -44.84 -3.55
C GLU A 1121 39.31 -44.91 -2.07
N LEU A 1122 38.02 -44.76 -1.75
CA LEU A 1122 37.57 -44.82 -0.36
C LEU A 1122 37.14 -46.25 -0.09
N HIS A 1123 37.72 -46.91 0.91
CA HIS A 1123 37.45 -48.32 1.14
C HIS A 1123 37.37 -48.59 2.66
N ILE A 1124 36.94 -49.82 3.02
CA ILE A 1124 36.95 -50.31 4.40
C ILE A 1124 37.77 -51.59 4.51
N HIS A 1125 38.92 -51.51 5.16
CA HIS A 1125 39.92 -52.59 5.22
C HIS A 1125 40.02 -52.88 6.70
N GLN A 1126 39.75 -54.12 7.10
CA GLN A 1126 39.79 -54.53 8.52
C GLN A 1126 38.83 -53.77 9.44
N GLY A 1127 37.57 -53.65 9.04
CA GLY A 1127 36.56 -52.88 9.79
C GLY A 1127 36.77 -51.36 9.99
N LYS A 1128 37.75 -50.78 9.28
CA LYS A 1128 38.13 -49.39 9.48
C LYS A 1128 38.09 -48.59 8.19
N ILE A 1129 37.48 -47.41 8.24
CA ILE A 1129 37.33 -46.60 7.02
C ILE A 1129 38.61 -45.86 6.68
N GLY A 1130 38.93 -45.85 5.39
CA GLY A 1130 40.16 -45.26 4.89
C GLY A 1130 40.16 -44.88 3.42
N VAL A 1131 41.26 -44.26 3.00
CA VAL A 1131 41.39 -43.72 1.66
C VAL A 1131 42.80 -43.87 1.20
N LYS A 1132 42.94 -44.14 -0.08
CA LYS A 1132 44.22 -44.41 -0.65
C LYS A 1132 44.19 -43.75 -1.99
N PHE A 1133 45.28 -43.08 -2.37
CA PHE A 1133 45.32 -42.38 -3.65
C PHE A 1133 46.66 -42.22 -4.23
N ASN A 1134 46.68 -41.97 -5.53
CA ASN A 1134 47.94 -41.82 -6.23
C ASN A 1134 47.81 -40.81 -7.36
N VAL A 1135 48.63 -39.77 -7.27
CA VAL A 1135 48.54 -38.65 -8.21
C VAL A 1135 49.79 -38.52 -9.12
N GLY A 1136 50.67 -39.53 -8.95
CA GLY A 1136 51.79 -39.80 -9.84
C GLY A 1136 53.11 -40.11 -9.15
N THR A 1137 53.10 -40.18 -7.82
CA THR A 1137 54.35 -40.38 -7.03
C THR A 1137 54.25 -41.68 -6.28
N ASP A 1138 53.89 -41.59 -5.00
CA ASP A 1138 53.63 -42.77 -4.22
C ASP A 1138 52.17 -42.88 -3.95
N ASP A 1139 51.76 -44.02 -3.44
CA ASP A 1139 50.40 -44.20 -2.97
C ASP A 1139 50.40 -43.51 -1.62
N ILE A 1140 49.26 -42.98 -1.22
CA ILE A 1140 49.18 -42.39 0.09
C ILE A 1140 47.92 -42.94 0.73
N ALA A 1141 48.10 -43.49 1.92
CA ALA A 1141 47.00 -43.99 2.71
C ALA A 1141 46.76 -43.08 3.89
N ILE A 1142 45.50 -43.02 4.30
CA ILE A 1142 45.05 -42.29 5.48
C ILE A 1142 43.85 -43.10 5.95
N GLU A 1143 43.85 -43.44 7.24
CA GLU A 1143 42.89 -44.43 7.77
C GLU A 1143 42.38 -44.01 9.14
N GLU A 1144 41.08 -43.73 9.28
CA GLU A 1144 40.49 -43.67 10.62
C GLU A 1144 40.57 -45.02 11.38
N SER A 1145 41.67 -45.12 12.14
CA SER A 1145 42.12 -46.30 12.82
C SER A 1145 41.25 -46.64 14.00
N ASN A 1146 40.69 -45.64 14.68
CA ASN A 1146 40.09 -45.95 15.98
C ASN A 1146 38.56 -46.14 16.06
N ALA A 1147 37.83 -45.56 15.11
CA ALA A 1147 36.35 -45.55 15.13
C ALA A 1147 35.71 -46.82 14.54
N ILE A 1148 34.87 -47.49 15.34
CA ILE A 1148 34.02 -48.56 14.84
C ILE A 1148 33.10 -48.00 13.75
N ILE A 1149 33.11 -48.63 12.56
CA ILE A 1149 32.22 -48.17 11.45
C ILE A 1149 31.39 -49.25 10.73
N ASN A 1150 31.78 -50.53 10.92
CA ASN A 1150 31.05 -51.70 10.37
C ASN A 1150 30.30 -52.35 11.48
N ASP A 1151 29.11 -51.88 11.68
CA ASP A 1151 28.62 -51.51 12.98
C ASP A 1151 27.12 -51.54 12.82
N GLY A 1152 26.67 -51.38 11.57
CA GLY A 1152 25.27 -51.28 11.22
C GLY A 1152 24.77 -49.86 11.28
N LYS A 1153 25.39 -49.00 12.08
CA LYS A 1153 24.87 -47.67 12.27
C LYS A 1153 25.38 -46.67 11.20
N TYR A 1154 24.64 -45.57 10.97
CA TYR A 1154 25.02 -44.55 9.99
C TYR A 1154 26.27 -43.78 10.37
N HIS A 1155 27.23 -43.75 9.47
CA HIS A 1155 28.42 -43.00 9.67
C HIS A 1155 28.63 -42.20 8.42
N VAL A 1156 29.31 -41.06 8.55
CA VAL A 1156 29.72 -40.22 7.43
C VAL A 1156 31.22 -39.93 7.48
N VAL A 1157 31.85 -39.95 6.33
CA VAL A 1157 33.27 -39.76 6.26
C VAL A 1157 33.55 -38.59 5.32
N ARG A 1158 34.52 -37.74 5.66
CA ARG A 1158 34.86 -36.57 4.86
C ARG A 1158 36.33 -36.63 4.61
N PHE A 1159 36.67 -36.62 3.33
CA PHE A 1159 38.04 -36.67 2.90
C PHE A 1159 38.40 -35.43 2.15
N THR A 1160 39.59 -34.89 2.37
CA THR A 1160 40.01 -33.82 1.49
C THR A 1160 41.45 -34.07 1.14
N ARG A 1161 41.93 -33.38 0.11
CA ARG A 1161 43.24 -33.58 -0.40
C ARG A 1161 43.68 -32.29 -1.01
N SER A 1162 44.90 -31.90 -0.73
CA SER A 1162 45.55 -30.83 -1.46
C SER A 1162 46.95 -31.30 -1.96
N GLY A 1163 47.03 -31.63 -3.25
CA GLY A 1163 48.19 -32.23 -3.83
C GLY A 1163 48.54 -33.44 -3.00
N GLY A 1164 49.75 -33.40 -2.45
CA GLY A 1164 50.26 -34.46 -1.61
C GLY A 1164 49.55 -34.61 -0.27
N ASN A 1165 49.25 -33.49 0.39
CA ASN A 1165 48.67 -33.51 1.73
C ASN A 1165 47.22 -33.95 1.61
N ALA A 1166 46.70 -34.63 2.63
CA ALA A 1166 45.28 -35.00 2.62
C ALA A 1166 44.76 -35.05 4.05
N THR A 1167 43.44 -34.98 4.23
CA THR A 1167 42.88 -35.22 5.57
C THR A 1167 41.61 -36.05 5.52
N LEU A 1168 41.36 -36.74 6.64
CA LEU A 1168 40.24 -37.68 6.85
C LEU A 1168 39.54 -37.45 8.19
N GLN A 1169 38.22 -37.49 8.15
CA GLN A 1169 37.47 -37.39 9.37
C GLN A 1169 36.18 -38.19 9.31
N VAL A 1170 35.83 -38.86 10.41
CA VAL A 1170 34.56 -39.57 10.43
C VAL A 1170 33.75 -39.08 11.60
N ASP A 1171 32.49 -38.75 11.30
CA ASP A 1171 31.51 -38.32 12.28
C ASP A 1171 32.03 -37.14 13.10
N SER A 1172 32.49 -37.40 14.33
CA SER A 1172 33.07 -36.38 15.18
C SER A 1172 34.52 -36.53 15.57
N TRP A 1173 35.15 -37.61 15.10
CA TRP A 1173 36.54 -37.93 15.45
C TRP A 1173 37.51 -36.86 14.95
N PRO A 1174 38.46 -36.45 15.82
CA PRO A 1174 39.47 -35.46 15.43
C PRO A 1174 39.98 -35.68 14.00
N VAL A 1175 40.22 -34.61 13.26
CA VAL A 1175 40.59 -34.75 11.86
C VAL A 1175 41.93 -35.45 11.79
N ILE A 1176 42.05 -36.37 10.85
CA ILE A 1176 43.31 -37.09 10.64
C ILE A 1176 44.04 -36.39 9.49
N GLU A 1177 45.29 -36.00 9.69
CA GLU A 1177 45.96 -35.23 8.67
C GLU A 1177 47.20 -35.94 8.24
N ARG A 1178 47.50 -35.91 6.97
CA ARG A 1178 48.64 -36.58 6.45
C ARG A 1178 49.55 -35.67 5.58
N TYR A 1179 50.76 -35.37 6.04
CA TYR A 1179 51.69 -34.54 5.25
C TYR A 1179 52.96 -35.28 4.82
N PRO A 1180 52.94 -35.83 3.60
CA PRO A 1180 54.11 -36.55 3.09
C PRO A 1180 55.36 -35.66 2.95
N ALA A 1181 56.55 -36.17 3.26
CA ALA A 1181 57.78 -35.44 2.96
C ALA A 1181 58.35 -35.85 1.60
N GLY A 1182 59.05 -34.92 0.95
CA GLY A 1182 59.69 -35.13 -0.36
C GLY A 1182 58.83 -34.79 -1.57
N ARG A 1183 59.49 -34.51 -2.71
CA ARG A 1183 58.90 -34.49 -4.08
C ARG A 1183 57.50 -35.12 -4.15
N GLN A 1184 56.41 -34.37 -3.98
CA GLN A 1184 55.07 -34.90 -4.31
C GLN A 1184 54.55 -34.22 -5.53
N LEU A 1185 54.07 -34.94 -6.52
CA LEU A 1185 53.35 -34.28 -7.60
C LEU A 1185 51.96 -34.02 -7.05
N THR A 1186 51.12 -33.29 -7.77
CA THR A 1186 49.93 -32.71 -7.12
C THR A 1186 48.65 -32.81 -7.85
N ILE A 1187 48.71 -33.04 -9.14
CA ILE A 1187 47.52 -33.18 -9.95
C ILE A 1187 46.99 -34.63 -10.17
N PHE A 1188 45.75 -34.86 -9.76
CA PHE A 1188 44.95 -36.00 -10.14
C PHE A 1188 44.56 -35.80 -11.61
N ASN A 1189 45.39 -36.23 -12.55
CA ASN A 1189 45.17 -35.95 -13.99
C ASN A 1189 44.00 -36.66 -14.67
N SER A 1190 43.31 -35.96 -15.58
CA SER A 1190 42.33 -36.59 -16.47
C SER A 1190 41.40 -37.67 -15.84
N GLN A 1191 40.63 -37.29 -14.81
CA GLN A 1191 39.59 -38.11 -14.17
C GLN A 1191 38.52 -38.65 -15.16
N ALA A 1192 38.34 -39.96 -15.24
CA ALA A 1192 37.45 -40.54 -16.27
C ALA A 1192 36.15 -41.19 -15.81
N THR A 1193 36.20 -41.82 -14.64
CA THR A 1193 35.04 -42.48 -14.08
C THR A 1193 35.06 -42.30 -12.57
N ILE A 1194 33.87 -42.28 -11.96
CA ILE A 1194 33.69 -42.50 -10.52
C ILE A 1194 32.86 -43.76 -10.47
N ILE A 1195 33.39 -44.84 -9.91
CA ILE A 1195 32.65 -46.08 -9.82
C ILE A 1195 32.29 -46.33 -8.35
N ILE A 1196 30.99 -46.42 -8.02
CA ILE A 1196 30.57 -46.69 -6.63
C ILE A 1196 30.11 -48.14 -6.47
N GLY A 1197 30.68 -48.91 -5.53
CA GLY A 1197 30.10 -50.24 -5.27
C GLY A 1197 31.07 -51.39 -5.10
N GLY A 1198 32.29 -51.27 -5.62
CA GLY A 1198 33.31 -52.28 -5.33
C GLY A 1198 33.52 -53.45 -6.28
N LYS A 1199 32.53 -53.71 -7.15
CA LYS A 1199 32.59 -54.88 -8.08
C LYS A 1199 33.85 -54.89 -8.95
N GLU A 1200 34.20 -53.75 -9.52
CA GLU A 1200 35.43 -53.64 -10.34
C GLU A 1200 36.63 -54.09 -9.53
N GLN A 1201 36.88 -53.43 -8.40
CA GLN A 1201 38.01 -53.77 -7.52
C GLN A 1201 37.80 -55.11 -6.75
N GLY A 1202 36.74 -55.84 -7.10
CA GLY A 1202 36.42 -57.15 -6.58
C GLY A 1202 36.29 -57.22 -5.07
N GLN A 1203 35.49 -56.33 -4.50
CA GLN A 1203 35.21 -56.31 -3.06
C GLN A 1203 33.91 -55.58 -3.02
N PRO A 1204 32.85 -56.30 -3.35
CA PRO A 1204 31.59 -55.61 -3.54
C PRO A 1204 31.14 -54.97 -2.22
N PHE A 1205 30.48 -53.83 -2.32
CA PHE A 1205 29.97 -53.19 -1.13
C PHE A 1205 28.61 -53.71 -0.89
N GLN A 1206 28.22 -53.66 0.37
CA GLN A 1206 26.96 -54.20 0.83
C GLN A 1206 26.58 -53.41 2.07
N GLY A 1207 25.49 -52.66 1.94
CA GLY A 1207 24.98 -51.80 2.96
C GLY A 1207 24.32 -50.69 2.22
N GLN A 1208 24.53 -49.48 2.71
CA GLN A 1208 23.79 -48.33 2.26
C GLN A 1208 24.74 -47.21 2.06
N LEU A 1209 24.73 -46.60 0.88
CA LEU A 1209 25.56 -45.43 0.65
C LEU A 1209 24.62 -44.26 0.43
N SER A 1210 24.92 -43.15 1.06
CA SER A 1210 24.00 -42.01 1.08
C SER A 1210 24.71 -40.70 0.81
N GLY A 1211 24.08 -39.85 0.03
CA GLY A 1211 24.52 -38.45 -0.13
C GLY A 1211 25.98 -38.16 -0.43
N LEU A 1212 26.55 -38.87 -1.41
CA LEU A 1212 27.95 -38.75 -1.84
C LEU A 1212 28.15 -37.50 -2.59
N TYR A 1213 29.23 -36.79 -2.26
CA TYR A 1213 29.57 -35.51 -2.94
C TYR A 1213 31.02 -35.60 -3.30
N TYR A 1214 31.31 -35.39 -4.58
CA TYR A 1214 32.67 -35.40 -5.06
C TYR A 1214 32.95 -34.18 -5.93
N ASN A 1215 33.83 -33.29 -5.45
CA ASN A 1215 34.25 -32.14 -6.19
C ASN A 1215 33.09 -31.58 -6.90
N GLY A 1216 32.07 -31.19 -6.19
CA GLY A 1216 31.03 -30.52 -6.92
C GLY A 1216 29.91 -31.36 -7.42
N LEU A 1217 30.18 -32.62 -7.70
CA LEU A 1217 29.13 -33.52 -8.12
C LEU A 1217 28.43 -34.20 -6.93
N LYS A 1218 27.11 -34.12 -6.90
CA LYS A 1218 26.35 -34.96 -5.98
C LYS A 1218 26.01 -36.39 -6.55
N VAL A 1219 26.99 -37.30 -6.61
CA VAL A 1219 26.84 -38.38 -7.60
C VAL A 1219 25.51 -39.16 -7.50
N LEU A 1220 24.90 -39.24 -6.34
CA LEU A 1220 23.71 -40.08 -6.26
C LEU A 1220 22.41 -39.36 -6.68
N ASN A 1221 22.30 -38.08 -6.34
CA ASN A 1221 21.23 -37.21 -6.87
C ASN A 1221 21.22 -37.35 -8.39
N MET A 1222 22.42 -37.47 -8.96
CA MET A 1222 22.57 -37.51 -10.39
C MET A 1222 22.00 -38.82 -10.90
N ALA A 1223 22.33 -39.88 -10.18
CA ALA A 1223 21.93 -41.20 -10.58
C ALA A 1223 20.44 -41.37 -10.34
N ALA A 1224 19.92 -40.70 -9.31
CA ALA A 1224 18.50 -40.82 -8.94
C ALA A 1224 17.70 -39.93 -9.82
N GLU A 1225 18.35 -39.37 -10.83
CA GLU A 1225 17.66 -38.49 -11.75
C GLU A 1225 18.00 -38.85 -13.19
N ASN A 1226 18.59 -40.04 -13.40
CA ASN A 1226 18.88 -40.63 -14.74
C ASN A 1226 19.77 -39.83 -15.61
N ASP A 1227 20.66 -39.10 -14.98
CA ASP A 1227 21.67 -38.35 -15.69
C ASP A 1227 22.25 -39.33 -16.68
N ALA A 1228 22.38 -38.90 -17.94
CA ALA A 1228 22.83 -39.78 -19.03
C ALA A 1228 24.26 -40.35 -18.88
N ASN A 1229 25.10 -39.74 -18.07
CA ASN A 1229 26.43 -40.26 -17.84
C ASN A 1229 26.53 -41.19 -16.61
N ILE A 1230 25.39 -41.71 -16.19
CA ILE A 1230 25.32 -42.62 -15.06
C ILE A 1230 24.80 -44.00 -15.52
N ALA A 1231 25.59 -45.04 -15.31
CA ALA A 1231 25.08 -46.41 -15.52
C ALA A 1231 24.98 -47.11 -14.18
N ILE A 1232 23.85 -47.77 -13.97
CA ILE A 1232 23.67 -48.57 -12.79
C ILE A 1232 23.56 -50.03 -13.26
N VAL A 1233 24.31 -50.94 -12.65
CA VAL A 1233 24.15 -52.40 -12.91
C VAL A 1233 24.14 -53.15 -11.58
N GLY A 1234 23.59 -54.37 -11.58
CA GLY A 1234 23.61 -55.22 -10.40
C GLY A 1234 22.56 -54.83 -9.38
N ASN A 1235 22.65 -55.42 -8.18
CA ASN A 1235 21.60 -55.31 -7.15
C ASN A 1235 21.69 -54.09 -6.29
N VAL A 1236 21.08 -53.01 -6.75
CA VAL A 1236 21.21 -51.74 -6.06
C VAL A 1236 19.97 -50.88 -6.28
N ARG A 1237 19.36 -50.47 -5.18
CA ARG A 1237 18.03 -49.90 -5.20
C ARG A 1237 18.08 -48.48 -4.64
N LEU A 1238 17.34 -47.57 -5.28
CA LEU A 1238 17.15 -46.23 -4.73
C LEU A 1238 16.07 -46.26 -3.64
N VAL A 1239 16.36 -45.67 -2.48
CA VAL A 1239 15.39 -45.65 -1.37
C VAL A 1239 14.22 -44.65 -1.62
N GLY A 1240 13.05 -44.86 -0.99
CA GLY A 1240 11.97 -43.81 -0.82
C GLY A 1240 12.37 -42.62 0.12
N GLU A 1241 11.47 -41.67 0.38
CA GLU A 1241 11.79 -40.55 1.35
C GLU A 1241 10.54 -40.36 2.26
N VAL A 1242 10.43 -39.23 2.98
CA VAL A 1242 9.24 -38.89 3.86
C VAL A 1242 8.82 -37.41 3.77
N GLU B 231 1.46 32.86 95.78
CA GLU B 231 0.98 31.77 94.87
C GLU B 231 1.50 31.88 93.43
N TYR B 232 2.09 30.80 92.91
CA TYR B 232 2.69 30.80 91.55
C TYR B 232 1.93 29.97 90.48
N ILE B 233 0.93 30.60 89.86
CA ILE B 233 0.08 29.94 88.86
C ILE B 233 0.26 30.54 87.44
N ALA B 234 0.37 29.66 86.45
CA ALA B 234 0.66 30.07 85.08
C ALA B 234 -0.06 29.20 84.01
N THR B 235 -0.80 29.87 83.12
CA THR B 235 -1.68 29.25 82.07
C THR B 235 -0.88 28.80 80.81
N PHE B 236 -0.61 27.48 80.71
CA PHE B 236 0.21 26.93 79.60
C PHE B 236 -0.53 26.80 78.25
N LYS B 237 -0.38 27.83 77.41
CA LYS B 237 -1.18 28.07 76.17
C LYS B 237 -1.35 26.87 75.26
N GLY B 238 -0.47 25.88 75.42
CA GLY B 238 -0.51 24.65 74.66
C GLY B 238 0.77 24.49 73.86
N SER B 239 1.14 25.56 73.16
CA SER B 239 2.33 25.59 72.30
C SER B 239 3.44 26.38 72.98
N GLU B 240 3.39 26.40 74.32
CA GLU B 240 4.34 27.11 75.15
C GLU B 240 4.88 26.21 76.26
N TYR B 241 6.10 26.52 76.71
CA TYR B 241 6.76 25.78 77.78
C TYR B 241 7.98 26.52 78.35
N PHE B 242 8.34 26.16 79.59
CA PHE B 242 9.53 26.67 80.29
C PHE B 242 10.80 25.87 79.96
N CYS B 243 11.96 26.40 80.38
CA CYS B 243 13.25 25.90 79.93
C CYS B 243 14.40 26.41 80.81
N TYR B 244 14.98 25.52 81.61
CA TYR B 244 16.08 25.85 82.54
C TYR B 244 17.41 25.21 82.05
N ASP B 245 18.49 26.00 82.09
CA ASP B 245 19.83 25.56 81.68
C ASP B 245 20.71 25.15 82.88
N LEU B 246 20.95 23.85 83.00
CA LEU B 246 21.66 23.28 84.14
C LEU B 246 23.16 23.14 83.92
N SER B 247 23.65 23.56 82.75
CA SER B 247 25.06 23.29 82.38
C SER B 247 26.12 24.13 83.11
N GLN B 248 25.70 25.21 83.78
CA GLN B 248 26.57 25.99 84.69
C GLN B 248 26.57 25.48 86.14
N ASN B 249 25.50 24.75 86.50
CA ASN B 249 25.42 24.01 87.76
C ASN B 249 24.61 22.72 87.59
N PRO B 250 25.29 21.60 87.24
CA PRO B 250 24.56 20.33 87.04
C PRO B 250 23.85 19.85 88.29
N ILE B 251 22.60 19.49 88.11
CA ILE B 251 21.91 18.57 88.99
C ILE B 251 22.61 17.22 88.83
N GLN B 252 22.98 16.64 89.96
CA GLN B 252 23.17 15.22 90.03
C GLN B 252 23.09 14.84 91.47
N SER B 253 22.22 13.87 91.73
CA SER B 253 21.68 13.67 93.05
C SER B 253 21.31 12.22 93.41
N SER B 254 21.52 11.91 94.73
CA SER B 254 21.09 10.65 95.40
C SER B 254 19.72 10.72 96.09
N SER B 255 19.28 11.93 96.38
CA SER B 255 18.04 12.15 97.07
C SER B 255 17.32 13.19 96.26
N ASP B 256 16.00 13.30 96.42
CA ASP B 256 15.29 14.41 95.81
C ASP B 256 13.74 14.30 95.84
N GLU B 257 13.08 15.41 95.49
CA GLU B 257 11.66 15.63 95.81
C GLU B 257 11.00 16.63 94.81
N ILE B 258 9.79 16.30 94.31
CA ILE B 258 9.12 17.10 93.24
C ILE B 258 7.64 17.41 93.53
N THR B 259 7.31 18.71 93.64
CA THR B 259 5.93 19.18 93.90
C THR B 259 5.30 20.08 92.81
N LEU B 260 3.98 19.89 92.62
CA LEU B 260 3.10 20.81 91.86
C LEU B 260 1.60 20.50 92.00
N SER B 261 0.77 21.51 91.70
CA SER B 261 -0.68 21.34 91.52
C SER B 261 -1.00 21.53 90.03
N PHE B 262 -1.97 20.78 89.50
CA PHE B 262 -2.30 20.87 88.04
C PHE B 262 -3.79 21.06 87.72
N LYS B 263 -4.04 21.76 86.64
CA LYS B 263 -5.40 22.06 86.20
C LYS B 263 -5.49 21.81 84.68
N THR B 264 -6.22 20.77 84.29
CA THR B 264 -6.34 20.46 82.85
C THR B 264 -7.63 19.76 82.48
N LEU B 265 -8.17 20.14 81.31
CA LEU B 265 -9.29 19.43 80.76
C LEU B 265 -8.79 18.19 80.01
N GLN B 266 -7.56 18.24 79.50
CA GLN B 266 -7.06 17.20 78.57
C GLN B 266 -6.40 15.95 79.15
N ARG B 267 -6.48 14.87 78.37
CA ARG B 267 -6.14 13.52 78.81
C ARG B 267 -4.62 13.18 78.89
N ASN B 268 -3.83 13.89 78.09
CA ASN B 268 -2.38 13.74 78.07
C ASN B 268 -1.75 15.14 78.05
N GLY B 269 -0.56 15.24 78.62
CA GLY B 269 0.24 16.47 78.59
C GLY B 269 1.43 16.37 79.53
N LEU B 270 2.62 16.76 79.03
CA LEU B 270 3.84 16.76 79.86
C LEU B 270 3.85 17.98 80.70
N MET B 271 3.75 17.74 82.02
CA MET B 271 3.92 18.72 83.07
C MET B 271 5.41 19.05 83.20
N LEU B 272 6.26 18.03 83.43
CA LEU B 272 7.72 18.26 83.45
C LEU B 272 8.70 17.07 83.25
N HIS B 273 9.94 17.43 82.84
CA HIS B 273 11.01 16.50 82.44
C HIS B 273 12.45 17.09 82.55
N THR B 274 13.43 16.29 83.02
CA THR B 274 14.87 16.64 82.89
C THR B 274 15.83 15.49 82.44
N GLY B 275 16.82 15.83 81.60
CA GLY B 275 17.97 14.97 81.23
C GLY B 275 17.82 14.10 79.98
N LYS B 276 18.94 13.58 79.46
CA LYS B 276 19.00 12.72 78.23
C LYS B 276 19.37 11.22 78.52
N SER B 277 20.22 10.60 77.69
CA SER B 277 20.62 9.15 77.77
C SER B 277 19.94 8.24 78.80
N ALA B 278 20.77 7.82 79.77
CA ALA B 278 20.41 6.90 80.87
C ALA B 278 19.83 7.58 82.12
N ASP B 279 20.14 8.85 82.37
CA ASP B 279 19.52 9.58 83.47
C ASP B 279 18.46 10.63 83.09
N TYR B 280 17.21 10.43 83.51
CA TYR B 280 16.12 11.38 83.27
C TYR B 280 15.00 11.10 84.27
N VAL B 281 14.11 12.08 84.40
CA VAL B 281 12.98 12.04 85.34
C VAL B 281 11.85 12.80 84.69
N ASN B 282 10.69 12.18 84.64
CA ASN B 282 9.68 12.55 83.64
C ASN B 282 8.27 12.44 84.13
N LEU B 283 7.59 13.60 84.22
CA LEU B 283 6.29 13.60 84.85
C LEU B 283 5.15 14.30 84.06
N ALA B 284 4.06 13.56 83.88
CA ALA B 284 3.04 13.90 82.87
C ALA B 284 1.77 13.08 82.96
N LEU B 285 0.70 13.61 82.40
CA LEU B 285 -0.56 12.92 82.41
C LEU B 285 -0.75 12.06 81.15
N LYS B 286 -0.90 10.74 81.34
CA LYS B 286 -1.09 9.77 80.23
C LYS B 286 -2.49 9.16 80.25
N ASN B 287 -3.21 9.34 79.15
CA ASN B 287 -4.66 9.06 79.06
C ASN B 287 -5.38 9.09 80.42
N GLY B 288 -5.36 10.26 81.04
CA GLY B 288 -6.11 10.51 82.27
C GLY B 288 -5.45 10.15 83.59
N ALA B 289 -4.30 9.47 83.56
CA ALA B 289 -3.56 9.12 84.78
C ALA B 289 -2.24 9.84 84.85
N VAL B 290 -1.72 10.00 86.06
CA VAL B 290 -0.47 10.71 86.26
C VAL B 290 0.67 9.71 86.06
N SER B 291 1.46 9.91 85.01
CA SER B 291 2.67 9.12 84.81
C SER B 291 3.92 9.81 85.29
N LEU B 292 4.82 8.96 85.76
CA LEU B 292 6.08 9.33 86.32
C LEU B 292 7.09 8.26 85.93
N VAL B 293 8.17 8.73 85.30
CA VAL B 293 9.31 7.90 84.91
C VAL B 293 10.62 8.37 85.60
N ILE B 294 11.37 7.43 86.14
CA ILE B 294 12.67 7.83 86.58
C ILE B 294 13.64 6.81 86.09
N ASN B 295 14.74 7.28 85.46
CA ASN B 295 15.93 6.45 85.30
C ASN B 295 17.16 7.04 85.98
N LEU B 296 17.78 6.27 86.85
CA LEU B 296 18.96 6.77 87.49
C LEU B 296 20.24 6.30 86.77
N GLY B 297 20.03 5.55 85.69
CA GLY B 297 21.12 5.09 84.83
C GLY B 297 21.09 3.64 84.42
N SER B 298 20.13 2.87 84.92
CA SER B 298 20.16 1.42 84.72
C SER B 298 18.82 0.72 84.91
N GLY B 299 17.81 1.10 84.14
CA GLY B 299 16.49 0.47 84.31
C GLY B 299 15.53 1.37 85.07
N ALA B 300 14.50 1.85 84.36
CA ALA B 300 13.64 2.91 84.87
C ALA B 300 12.67 2.40 85.93
N PHE B 301 12.21 3.31 86.78
CA PHE B 301 11.01 3.06 87.54
C PHE B 301 9.89 3.81 86.84
N GLU B 302 8.81 3.07 86.55
CA GLU B 302 7.59 3.59 85.93
C GLU B 302 6.41 3.48 86.90
N ALA B 303 5.67 4.57 87.05
CA ALA B 303 4.45 4.55 87.84
C ALA B 303 3.37 5.18 86.99
N LEU B 304 2.10 4.84 87.24
CA LEU B 304 0.96 5.50 86.59
C LEU B 304 -0.21 5.53 87.56
N VAL B 305 -0.29 6.57 88.38
CA VAL B 305 -1.34 6.64 89.38
C VAL B 305 -2.74 6.89 88.78
N GLU B 306 -3.72 6.18 89.34
CA GLU B 306 -5.08 6.04 88.78
C GLU B 306 -6.15 7.05 89.25
N PRO B 307 -7.10 7.40 88.34
CA PRO B 307 -8.24 8.25 88.75
C PRO B 307 -9.22 7.53 89.72
N VAL B 308 -8.87 7.52 91.02
CA VAL B 308 -9.81 7.02 92.04
C VAL B 308 -10.83 8.12 92.40
N ASN B 309 -12.11 7.83 92.17
CA ASN B 309 -13.25 8.76 92.37
C ASN B 309 -13.19 10.03 91.49
N GLY B 310 -13.75 9.93 90.28
CA GLY B 310 -13.69 10.99 89.28
C GLY B 310 -12.54 10.79 88.29
N LYS B 311 -12.24 11.85 87.55
CA LYS B 311 -11.13 11.88 86.59
C LYS B 311 -10.15 13.00 87.00
N PHE B 312 -8.92 12.92 86.50
CA PHE B 312 -7.91 13.98 86.69
C PHE B 312 -8.06 15.15 85.69
N ASN B 313 -8.41 14.81 84.44
CA ASN B 313 -8.67 15.81 83.42
C ASN B 313 -9.98 16.60 83.65
N ASP B 314 -10.38 16.70 84.91
CA ASP B 314 -11.64 17.31 85.36
C ASP B 314 -11.73 18.86 85.29
N ASN B 315 -10.59 19.54 85.12
CA ASN B 315 -10.48 21.02 85.24
C ASN B 315 -10.37 21.53 86.71
N ALA B 316 -10.34 20.59 87.67
CA ALA B 316 -10.10 20.94 89.06
C ALA B 316 -8.62 20.78 89.40
N TRP B 317 -8.23 21.34 90.54
CA TRP B 317 -6.86 21.28 91.01
C TRP B 317 -6.54 19.88 91.54
N HIS B 318 -5.32 19.42 91.27
CA HIS B 318 -4.81 18.19 91.87
C HIS B 318 -3.33 18.38 92.24
N ASP B 319 -2.87 17.69 93.31
CA ASP B 319 -1.47 17.81 93.79
C ASP B 319 -0.63 16.57 93.51
N VAL B 320 0.63 16.80 93.14
CA VAL B 320 1.61 15.73 92.92
C VAL B 320 2.79 15.94 93.85
N LYS B 321 3.05 14.94 94.69
CA LYS B 321 4.31 14.88 95.42
C LYS B 321 5.07 13.65 94.93
N VAL B 322 6.31 13.86 94.46
CA VAL B 322 7.22 12.78 94.11
C VAL B 322 8.41 12.89 95.04
N THR B 323 8.82 11.78 95.65
CA THR B 323 10.01 11.75 96.54
C THR B 323 10.94 10.63 96.08
N ARG B 324 12.21 10.74 96.45
CA ARG B 324 13.17 9.72 96.04
C ARG B 324 14.42 9.64 96.91
N ASN B 325 14.50 8.54 97.65
CA ASN B 325 15.66 8.23 98.41
C ASN B 325 16.48 7.11 97.75
N LEU B 326 17.65 7.45 97.23
CA LEU B 326 18.44 6.54 96.37
C LEU B 326 17.64 6.05 95.14
N ARG B 327 17.38 4.74 95.11
CA ARG B 327 16.60 4.12 94.04
C ARG B 327 15.15 3.84 94.47
N GLN B 328 14.68 4.64 95.41
CA GLN B 328 13.35 4.44 95.97
C GLN B 328 12.49 5.60 95.58
N VAL B 329 11.33 5.28 95.05
CA VAL B 329 10.43 6.30 94.55
C VAL B 329 9.03 6.18 95.15
N THR B 330 8.55 7.28 95.73
CA THR B 330 7.15 7.39 96.06
C THR B 330 6.48 8.55 95.38
N ILE B 331 5.39 8.21 94.69
CA ILE B 331 4.47 9.17 94.04
C ILE B 331 3.13 9.33 94.84
N SER B 332 2.94 10.51 95.45
CA SER B 332 1.70 10.87 96.16
C SER B 332 0.77 11.75 95.28
N VAL B 333 -0.54 11.48 95.36
CA VAL B 333 -1.53 12.30 94.64
C VAL B 333 -2.50 12.97 95.61
N ASP B 334 -2.70 14.28 95.41
CA ASP B 334 -3.48 15.18 96.27
C ASP B 334 -3.03 15.10 97.73
N GLY B 335 -2.02 14.27 97.99
CA GLY B 335 -1.62 13.89 99.34
C GLY B 335 -2.42 12.71 99.89
N ILE B 336 -2.62 11.65 99.08
CA ILE B 336 -3.17 10.34 99.53
C ILE B 336 -3.54 9.30 98.45
N LEU B 337 -2.66 9.05 97.48
CA LEU B 337 -2.85 7.93 96.53
C LEU B 337 -1.49 7.30 96.12
N THR B 338 -0.71 7.02 97.16
CA THR B 338 0.67 6.55 97.06
C THR B 338 0.92 5.24 96.27
N THR B 339 2.11 5.20 95.65
CA THR B 339 2.64 4.07 94.87
C THR B 339 4.16 4.02 95.04
N THR B 340 4.69 2.86 95.42
CA THR B 340 6.13 2.71 95.66
C THR B 340 6.78 1.60 94.83
N GLY B 341 7.94 1.93 94.27
CA GLY B 341 8.78 1.00 93.50
C GLY B 341 10.25 1.38 93.53
N TYR B 342 11.02 0.69 92.70
CA TYR B 342 12.48 0.88 92.65
C TYR B 342 12.97 1.19 91.24
N THR B 343 14.10 1.90 91.14
CA THR B 343 14.84 1.96 89.88
C THR B 343 15.66 0.67 89.77
N GLN B 344 15.85 0.16 88.54
CA GLN B 344 16.48 -1.15 88.35
C GLN B 344 18.01 -1.14 88.63
N GLU B 345 18.63 -2.33 88.60
CA GLU B 345 20.09 -2.54 88.81
C GLU B 345 20.58 -1.78 90.05
N ASP B 346 21.77 -1.18 90.01
CA ASP B 346 22.34 -0.64 91.25
C ASP B 346 22.60 0.87 91.32
N TYR B 347 22.29 1.57 90.22
CA TYR B 347 22.54 3.01 90.14
C TYR B 347 21.65 3.84 91.05
N THR B 348 22.22 4.96 91.51
CA THR B 348 21.63 5.77 92.58
C THR B 348 21.86 7.26 92.32
N MET B 349 22.62 7.55 91.24
CA MET B 349 22.93 8.92 90.82
C MET B 349 22.24 9.36 89.52
N LEU B 350 21.17 10.11 89.77
CA LEU B 350 20.50 10.99 88.82
C LEU B 350 21.36 12.19 88.35
N GLY B 351 22.03 12.05 87.19
CA GLY B 351 22.83 13.14 86.62
C GLY B 351 22.23 13.70 85.34
N SER B 352 21.86 14.98 85.37
CA SER B 352 21.40 15.70 84.15
C SER B 352 21.98 17.13 84.04
N ASP B 353 22.73 17.39 82.97
CA ASP B 353 23.39 18.70 82.84
C ASP B 353 22.93 19.45 81.61
N ASP B 354 21.87 18.94 80.99
CA ASP B 354 21.31 19.58 79.81
C ASP B 354 20.17 20.54 80.21
N PHE B 355 18.93 20.22 79.86
CA PHE B 355 17.84 21.15 80.08
C PHE B 355 16.79 20.62 81.05
N PHE B 356 16.15 21.53 81.79
CA PHE B 356 15.02 21.14 82.64
C PHE B 356 13.72 21.78 82.15
N TYR B 357 12.85 20.97 81.55
CA TYR B 357 11.61 21.43 80.88
C TYR B 357 10.36 21.45 81.77
N VAL B 358 9.54 22.50 81.67
CA VAL B 358 8.27 22.59 82.40
C VAL B 358 7.09 22.96 81.51
N GLY B 359 6.05 22.13 81.52
CA GLY B 359 4.86 22.33 80.67
C GLY B 359 4.85 21.98 79.16
N GLY B 360 5.94 21.39 78.66
CA GLY B 360 6.04 21.05 77.22
C GLY B 360 7.49 20.96 76.77
N SER B 361 7.73 20.71 75.47
CA SER B 361 9.12 20.63 74.96
C SER B 361 9.28 20.80 73.43
N PRO B 362 10.55 20.90 72.94
CA PRO B 362 10.79 21.05 71.51
C PRO B 362 10.31 19.82 70.72
N SER B 363 10.24 18.70 71.43
CA SER B 363 9.67 17.45 70.92
C SER B 363 9.52 16.51 72.12
N THR B 364 8.28 16.27 72.53
CA THR B 364 8.01 15.48 73.72
C THR B 364 8.09 13.96 73.52
N ALA B 365 7.65 13.49 72.36
CA ALA B 365 7.68 12.07 72.01
C ALA B 365 9.12 11.57 72.00
N ASP B 366 10.05 12.52 71.97
CA ASP B 366 11.51 12.24 71.98
C ASP B 366 12.19 12.19 73.38
N LEU B 367 12.15 13.28 74.15
CA LEU B 367 12.77 13.17 75.44
C LEU B 367 12.55 11.74 75.96
N PRO B 368 13.57 11.21 76.70
CA PRO B 368 13.63 9.85 77.24
C PRO B 368 12.49 9.56 78.18
N GLY B 369 12.21 8.28 78.39
CA GLY B 369 11.06 7.80 79.17
C GLY B 369 9.69 8.47 79.06
N SER B 370 9.52 9.50 78.20
CA SER B 370 8.17 10.06 77.86
C SER B 370 7.21 8.96 77.47
N PRO B 371 6.02 8.94 78.10
CA PRO B 371 4.83 8.18 77.74
C PRO B 371 3.89 9.03 76.88
N VAL B 372 3.88 10.35 77.13
CA VAL B 372 3.08 11.28 76.33
C VAL B 372 3.90 11.88 75.18
N SER B 373 3.24 12.71 74.39
CA SER B 373 3.93 13.42 73.32
C SER B 373 3.37 14.81 73.23
N ASN B 374 2.61 15.18 74.26
CA ASN B 374 1.77 16.33 74.16
C ASN B 374 2.28 17.38 75.09
N ASN B 375 2.32 18.62 74.63
CA ASN B 375 2.62 19.72 75.56
C ASN B 375 1.42 19.88 76.51
N PHE B 376 1.58 20.60 77.61
CA PHE B 376 0.47 20.75 78.54
C PHE B 376 -0.51 21.84 78.11
N MET B 377 -1.80 21.51 78.13
CA MET B 377 -2.85 22.53 77.98
C MET B 377 -3.59 22.72 79.29
N GLY B 378 -3.66 23.97 79.75
CA GLY B 378 -4.19 24.28 81.08
C GLY B 378 -3.18 24.91 82.03
N CYS B 379 -3.52 24.93 83.33
CA CYS B 379 -2.76 25.67 84.39
C CYS B 379 -1.86 24.82 85.29
N LEU B 380 -0.60 25.21 85.36
CA LEU B 380 0.32 24.57 86.32
C LEU B 380 0.70 25.49 87.53
N LYS B 381 0.83 24.90 88.72
CA LYS B 381 1.00 25.62 90.03
C LYS B 381 2.19 25.14 90.85
N GLU B 382 2.88 26.10 91.47
CA GLU B 382 3.87 25.87 92.57
C GLU B 382 4.90 24.75 92.31
N VAL B 383 5.54 24.83 91.14
CA VAL B 383 6.46 23.80 90.64
C VAL B 383 7.83 23.96 91.28
N VAL B 384 8.35 22.85 91.83
CA VAL B 384 9.65 22.81 92.55
C VAL B 384 10.39 21.47 92.40
N TYR B 385 11.71 21.53 92.31
CA TYR B 385 12.58 20.35 92.41
C TYR B 385 13.54 20.64 93.55
N LYS B 386 13.32 20.03 94.71
CA LYS B 386 14.30 20.12 95.82
C LYS B 386 15.17 18.89 95.70
N ASN B 387 16.46 19.12 95.83
CA ASN B 387 17.40 18.04 96.09
C ASN B 387 18.18 18.38 97.33
N ASN B 388 19.00 17.44 97.74
CA ASN B 388 19.88 17.60 98.86
C ASN B 388 20.75 18.89 98.91
N ASP B 389 21.19 19.33 97.73
CA ASP B 389 22.09 20.48 97.58
C ASP B 389 21.31 21.77 97.28
N VAL B 390 20.66 21.80 96.11
CA VAL B 390 20.05 23.03 95.58
C VAL B 390 18.51 22.93 95.54
N ARG B 391 17.82 24.06 95.36
CA ARG B 391 16.34 24.09 95.37
C ARG B 391 15.73 24.92 94.22
N LEU B 392 15.71 24.35 92.99
CA LEU B 392 15.16 25.01 91.79
C LEU B 392 13.61 25.12 91.81
N GLU B 393 13.10 26.32 92.02
CA GLU B 393 11.64 26.54 92.23
C GLU B 393 10.93 27.10 90.98
N LEU B 394 10.95 26.29 89.91
CA LEU B 394 10.59 26.62 88.50
C LEU B 394 9.42 27.58 88.22
N SER B 395 8.30 27.42 88.95
CA SER B 395 7.18 28.38 88.93
C SER B 395 7.56 29.83 89.32
N ARG B 396 8.39 29.98 90.36
CA ARG B 396 8.81 31.30 90.87
C ARG B 396 9.87 31.99 90.01
N LEU B 397 10.93 31.25 89.67
CA LEU B 397 12.04 31.74 88.85
C LEU B 397 11.60 32.16 87.44
N ALA B 398 10.56 31.51 86.91
CA ALA B 398 9.98 31.85 85.60
C ALA B 398 9.25 33.18 85.65
N LYS B 399 8.50 33.42 86.74
CA LYS B 399 7.79 34.70 86.95
C LYS B 399 8.75 35.86 87.33
N GLN B 400 9.49 35.72 88.43
CA GLN B 400 10.43 36.78 88.84
C GLN B 400 11.44 37.13 87.74
N GLY B 401 11.84 36.13 86.96
CA GLY B 401 12.77 36.32 85.84
C GLY B 401 14.20 35.95 86.19
N ASP B 402 14.76 34.98 85.47
CA ASP B 402 16.14 34.52 85.71
C ASP B 402 16.90 34.39 84.38
N PRO B 403 18.12 34.97 84.29
CA PRO B 403 18.95 34.73 83.10
C PRO B 403 19.37 33.26 82.84
N LYS B 404 18.91 32.33 83.68
CA LYS B 404 19.12 30.89 83.40
C LYS B 404 17.81 30.18 83.04
N MET B 405 16.71 30.94 83.07
CA MET B 405 15.38 30.48 82.61
C MET B 405 15.06 31.11 81.25
N LYS B 406 14.64 30.27 80.31
CA LYS B 406 14.21 30.72 78.97
C LYS B 406 12.72 30.42 78.79
N ILE B 407 11.92 31.48 78.58
CA ILE B 407 10.46 31.37 78.34
C ILE B 407 10.15 31.23 76.82
N HIS B 408 10.33 30.00 76.30
CA HIS B 408 10.20 29.68 74.87
C HIS B 408 8.73 29.65 74.42
N GLY B 409 8.35 30.63 73.59
CA GLY B 409 7.00 30.75 73.03
C GLY B 409 5.88 31.22 73.96
N VAL B 410 4.97 32.03 73.40
CA VAL B 410 3.74 32.57 74.06
C VAL B 410 3.92 33.48 75.31
N VAL B 411 3.92 32.91 76.53
CA VAL B 411 3.84 33.67 77.82
C VAL B 411 2.40 33.58 78.40
N ALA B 412 2.23 33.71 79.73
CA ALA B 412 0.90 33.86 80.39
C ALA B 412 0.92 33.47 81.87
N PHE B 413 0.63 34.43 82.77
CA PHE B 413 0.97 34.26 84.21
C PHE B 413 -0.11 34.29 85.30
N LYS B 414 -1.38 34.12 84.93
CA LYS B 414 -2.49 34.04 85.89
C LYS B 414 -3.35 32.79 85.61
N CYS B 415 -4.28 32.49 86.52
CA CYS B 415 -5.24 31.39 86.24
C CYS B 415 -6.73 31.73 86.50
N GLU B 416 -7.57 30.70 86.45
CA GLU B 416 -9.04 30.78 86.27
C GLU B 416 -9.31 30.89 84.77
N ASN B 417 -8.27 30.61 83.96
CA ASN B 417 -8.29 30.66 82.49
C ASN B 417 -8.66 29.31 81.87
N VAL B 418 -9.80 29.25 81.19
CA VAL B 418 -10.30 27.99 80.59
C VAL B 418 -9.52 27.58 79.29
N ALA B 419 -10.00 26.59 78.52
CA ALA B 419 -9.25 26.12 77.31
C ALA B 419 -9.97 25.79 75.93
N THR B 420 -10.73 24.68 75.87
CA THR B 420 -10.87 23.77 74.67
C THR B 420 -11.05 24.23 73.22
N LEU B 421 -10.76 23.29 72.30
CA LEU B 421 -10.76 23.50 70.85
C LEU B 421 -11.86 22.66 70.19
N ASP B 422 -12.56 23.22 69.20
CA ASP B 422 -13.62 22.49 68.49
C ASP B 422 -13.10 21.35 67.64
N PRO B 423 -13.95 20.32 67.43
CA PRO B 423 -13.86 19.28 66.42
C PRO B 423 -14.54 19.69 65.08
N ILE B 424 -14.24 18.98 64.00
CA ILE B 424 -14.64 19.41 62.65
C ILE B 424 -15.24 18.33 61.74
N THR B 425 -16.21 18.72 60.91
CA THR B 425 -16.78 17.83 59.86
C THR B 425 -16.46 18.28 58.46
N PHE B 426 -15.80 17.40 57.71
CA PHE B 426 -15.56 17.63 56.30
C PHE B 426 -16.78 17.06 55.59
N GLU B 427 -17.70 17.93 55.15
CA GLU B 427 -18.98 17.49 54.56
C GLU B 427 -18.90 16.86 53.16
N THR B 428 -17.98 17.35 52.32
CA THR B 428 -17.78 16.86 50.95
C THR B 428 -16.40 16.19 50.75
N PRO B 429 -16.28 15.25 49.78
CA PRO B 429 -14.96 14.71 49.47
C PRO B 429 -13.92 15.80 49.26
N GLU B 430 -14.15 16.64 48.26
CA GLU B 430 -13.18 17.66 47.81
C GLU B 430 -12.74 18.60 48.92
N SER B 431 -13.57 18.81 49.94
CA SER B 431 -13.18 19.66 51.06
C SER B 431 -11.95 19.13 51.77
N PHE B 432 -11.06 20.09 52.07
CA PHE B 432 -9.74 19.88 52.68
C PHE B 432 -9.30 21.14 53.48
N ILE B 433 -8.47 20.95 54.51
CA ILE B 433 -7.83 22.06 55.24
C ILE B 433 -6.34 22.10 54.84
N SER B 434 -5.82 23.31 54.59
CA SER B 434 -4.37 23.45 54.34
C SER B 434 -3.64 23.55 55.70
N LEU B 435 -2.50 22.87 55.86
CA LEU B 435 -1.79 22.86 57.17
C LEU B 435 -0.39 23.47 57.17
N PRO B 436 0.05 24.02 58.35
CA PRO B 436 1.42 24.56 58.46
C PRO B 436 2.43 23.42 58.28
N LYS B 437 3.44 23.66 57.42
CA LYS B 437 4.59 22.75 57.21
C LYS B 437 4.91 21.88 58.46
N TRP B 438 4.82 20.56 58.29
CA TRP B 438 5.32 19.63 59.33
C TRP B 438 6.84 19.72 59.29
N ASN B 439 7.43 20.37 60.28
CA ASN B 439 8.87 20.46 60.28
C ASN B 439 9.45 19.26 61.02
N ALA B 440 9.34 18.10 60.34
CA ALA B 440 10.04 16.87 60.71
C ALA B 440 11.47 16.89 60.15
N LYS B 441 12.09 15.71 60.16
CA LYS B 441 13.52 15.58 60.05
C LYS B 441 13.80 14.10 60.35
N LYS B 442 14.64 13.86 61.36
CA LYS B 442 14.88 12.55 61.98
C LYS B 442 13.59 12.04 62.62
N THR B 443 13.00 12.87 63.49
CA THR B 443 11.83 12.48 64.27
C THR B 443 10.70 13.51 64.14
N GLY B 444 9.49 13.00 64.32
CA GLY B 444 8.27 13.80 64.38
C GLY B 444 7.09 12.92 64.75
N SER B 445 6.03 13.51 65.29
CA SER B 445 4.88 12.74 65.67
C SER B 445 3.64 13.46 65.25
N ILE B 446 2.52 12.74 65.22
CA ILE B 446 1.22 13.34 64.91
C ILE B 446 0.07 12.53 65.58
N SER B 447 -0.96 13.22 66.05
CA SER B 447 -2.14 12.54 66.56
C SER B 447 -3.35 13.37 66.23
N PHE B 448 -4.47 12.70 66.11
CA PHE B 448 -5.74 13.34 65.89
C PHE B 448 -6.77 12.24 66.03
N ASP B 449 -8.02 12.63 66.25
CA ASP B 449 -9.11 11.69 66.30
C ASP B 449 -10.11 11.82 65.14
N PHE B 450 -10.61 10.69 64.65
CA PHE B 450 -11.53 10.69 63.55
C PHE B 450 -12.81 9.88 63.75
N ARG B 451 -13.79 10.11 62.88
CA ARG B 451 -15.06 9.39 62.93
C ARG B 451 -15.75 9.42 61.56
N THR B 452 -16.19 8.27 61.06
CA THR B 452 -16.89 8.24 59.73
C THR B 452 -17.50 6.90 59.32
N THR B 453 -18.47 6.90 58.41
CA THR B 453 -19.02 5.65 57.89
C THR B 453 -18.62 5.46 56.43
N GLU B 454 -17.85 6.44 55.92
CA GLU B 454 -17.28 6.48 54.55
C GLU B 454 -16.11 5.49 54.38
N PRO B 455 -16.25 4.51 53.46
CA PRO B 455 -15.27 3.44 53.49
C PRO B 455 -13.93 3.85 52.84
N ASN B 456 -13.95 4.86 52.00
CA ASN B 456 -12.74 5.25 51.27
C ASN B 456 -12.46 6.69 51.53
N GLY B 457 -11.21 7.04 51.82
CA GLY B 457 -10.86 8.44 51.75
C GLY B 457 -9.56 8.94 52.36
N LEU B 458 -8.93 9.85 51.59
CA LEU B 458 -7.65 10.49 52.01
C LEU B 458 -7.69 11.44 53.21
N ILE B 459 -7.14 11.01 54.34
CA ILE B 459 -7.16 11.80 55.63
C ILE B 459 -6.03 12.84 55.80
N LEU B 460 -4.79 12.38 55.73
CA LEU B 460 -3.62 13.24 55.77
C LEU B 460 -2.70 12.82 54.64
N PHE B 461 -2.08 13.81 53.99
CA PHE B 461 -1.06 13.56 52.97
C PHE B 461 -0.03 14.69 52.85
N SER B 462 1.24 14.35 52.65
CA SER B 462 2.23 15.38 52.31
C SER B 462 3.56 14.88 51.70
N HIS B 463 4.04 15.54 50.63
CA HIS B 463 5.25 15.11 49.93
C HIS B 463 6.45 16.05 50.11
N GLY B 464 7.63 15.59 49.67
CA GLY B 464 8.86 16.41 49.61
C GLY B 464 9.10 17.12 48.28
N LYS B 465 10.35 17.22 47.86
CA LYS B 465 10.69 17.86 46.59
C LYS B 465 11.09 16.75 45.62
N PRO B 466 10.83 16.95 44.31
CA PRO B 466 11.25 16.01 43.24
C PRO B 466 12.74 15.60 43.28
N ARG B 467 13.01 14.29 43.32
CA ARG B 467 14.38 13.72 43.34
C ARG B 467 15.03 13.51 41.95
N HIS B 468 16.33 13.77 41.86
CA HIS B 468 17.11 13.50 40.62
C HIS B 468 17.31 11.99 40.37
N GLN B 469 17.01 11.17 41.39
CA GLN B 469 16.96 9.71 41.34
C GLN B 469 15.64 9.27 40.67
N LYS B 470 15.69 9.04 39.35
CA LYS B 470 14.48 8.73 38.54
C LYS B 470 14.25 7.23 38.38
N ASP B 471 12.98 6.83 38.30
CA ASP B 471 12.63 5.44 38.05
C ASP B 471 13.27 4.83 36.78
N ALA B 472 13.50 3.52 36.77
CA ALA B 472 14.09 2.91 35.58
C ALA B 472 13.06 2.82 34.46
N LYS B 473 11.85 2.39 34.84
CA LYS B 473 10.74 2.18 33.91
C LYS B 473 10.02 3.48 33.54
N HIS B 474 9.91 4.41 34.50
CA HIS B 474 9.13 5.62 34.32
C HIS B 474 9.90 6.93 34.63
N PRO B 475 10.90 7.31 33.79
CA PRO B 475 11.66 8.54 34.01
C PRO B 475 10.76 9.78 34.00
N GLN B 476 9.54 9.59 33.49
CA GLN B 476 8.52 10.61 33.33
C GLN B 476 7.80 10.90 34.63
N MET B 477 7.95 9.99 35.58
CA MET B 477 7.15 9.97 36.79
C MET B 477 7.93 10.61 37.95
N ILE B 478 7.36 11.65 38.54
CA ILE B 478 8.07 12.43 39.54
C ILE B 478 8.11 11.67 40.87
N LYS B 479 9.32 11.31 41.31
CA LYS B 479 9.48 10.64 42.60
C LYS B 479 9.71 11.63 43.75
N VAL B 480 9.02 11.42 44.86
CA VAL B 480 9.17 12.27 46.04
C VAL B 480 9.12 11.44 47.32
N ASP B 481 9.85 11.88 48.38
CA ASP B 481 9.58 11.46 49.76
C ASP B 481 8.11 11.79 50.10
N PHE B 482 7.50 11.03 51.00
CA PHE B 482 6.13 11.37 51.46
C PHE B 482 5.63 10.54 52.67
N PHE B 483 4.53 11.02 53.26
CA PHE B 483 3.66 10.14 53.99
C PHE B 483 2.18 10.50 53.78
N ALA B 484 1.33 9.49 53.92
CA ALA B 484 -0.11 9.66 53.89
C ALA B 484 -0.78 8.75 54.91
N ILE B 485 -1.92 9.19 55.42
CA ILE B 485 -2.79 8.29 56.13
C ILE B 485 -4.05 8.22 55.31
N GLU B 486 -4.55 7.02 55.06
CA GLU B 486 -5.70 6.85 54.17
C GLU B 486 -6.69 5.73 54.58
N MET B 487 -7.97 6.02 54.57
CA MET B 487 -8.92 4.92 54.47
C MET B 487 -9.24 4.39 52.97
N LEU B 488 -9.37 3.06 52.87
CA LEU B 488 -9.71 2.26 51.76
C LEU B 488 -10.58 1.09 52.24
N ASP B 489 -11.85 1.12 51.85
CA ASP B 489 -12.89 0.11 52.22
C ASP B 489 -12.96 -0.18 53.67
N GLY B 490 -13.05 0.91 54.43
CA GLY B 490 -13.14 0.86 55.87
C GLY B 490 -11.82 0.49 56.50
N HIS B 491 -10.74 0.40 55.74
CA HIS B 491 -9.46 0.08 56.37
C HIS B 491 -8.50 1.24 56.43
N LEU B 492 -7.85 1.34 57.62
CA LEU B 492 -6.97 2.42 57.83
C LEU B 492 -5.57 2.04 57.47
N TYR B 493 -4.82 3.03 56.97
CA TYR B 493 -3.53 2.81 56.27
C TYR B 493 -2.59 3.97 56.39
N LEU B 494 -1.34 3.57 56.41
CA LEU B 494 -0.26 4.47 56.63
C LEU B 494 0.68 4.28 55.47
N LEU B 495 1.24 5.39 55.01
CA LEU B 495 2.13 5.33 53.87
C LEU B 495 3.34 6.27 54.06
N LEU B 496 4.50 5.68 53.84
CA LEU B 496 5.74 6.35 54.09
C LEU B 496 6.72 5.96 53.02
N ASP B 497 7.44 6.95 52.54
CA ASP B 497 8.55 6.72 51.64
C ASP B 497 9.61 7.79 51.89
N MET B 498 10.78 7.34 52.35
CA MET B 498 11.78 8.26 52.85
C MET B 498 12.98 8.39 51.94
N GLY B 499 12.82 7.81 50.74
CA GLY B 499 13.84 7.88 49.70
C GLY B 499 14.24 6.55 49.12
N SER B 500 13.65 5.45 49.60
CA SER B 500 13.89 4.11 49.00
C SER B 500 12.83 3.07 49.36
N GLY B 501 11.82 2.94 48.53
CA GLY B 501 10.76 1.99 48.82
C GLY B 501 9.71 2.54 49.79
N THR B 502 8.47 2.16 49.50
CA THR B 502 7.31 2.58 50.27
C THR B 502 7.00 1.55 51.38
N ILE B 503 6.10 1.93 52.29
CA ILE B 503 5.56 1.01 53.24
C ILE B 503 4.09 1.29 53.39
N LYS B 504 3.29 0.22 53.31
CA LYS B 504 1.82 0.23 53.47
C LYS B 504 1.53 -0.58 54.75
N ILE B 505 0.64 -0.08 55.61
CA ILE B 505 0.38 -0.76 56.92
C ILE B 505 -1.08 -0.77 57.37
N LYS B 506 -1.65 -1.97 57.42
CA LYS B 506 -2.96 -2.05 57.97
C LYS B 506 -2.87 -1.62 59.44
N ALA B 507 -3.36 -0.40 59.61
CA ALA B 507 -3.29 0.32 60.90
C ALA B 507 -3.94 -0.44 62.05
N LEU B 508 -4.70 -1.49 61.73
CA LEU B 508 -5.70 -2.13 62.60
C LEU B 508 -6.45 -3.15 61.73
N GLN B 509 -6.71 -4.33 62.31
CA GLN B 509 -7.28 -5.46 61.57
C GLN B 509 -8.71 -5.19 61.05
N LYS B 510 -9.53 -4.74 62.00
CA LYS B 510 -10.94 -4.36 61.87
C LYS B 510 -11.18 -3.14 60.97
N LYS B 511 -12.33 -3.14 60.29
CA LYS B 511 -12.80 -1.95 59.52
C LYS B 511 -13.17 -0.81 60.46
N VAL B 512 -12.82 0.43 60.11
CA VAL B 512 -12.90 1.52 61.09
C VAL B 512 -13.99 2.52 60.77
N ASN B 513 -14.65 2.31 59.65
CA ASN B 513 -15.77 3.19 59.29
C ASN B 513 -17.06 2.82 60.02
N ASP B 514 -16.88 2.66 61.33
CA ASP B 514 -17.88 2.27 62.30
C ASP B 514 -18.82 3.39 62.60
N GLY B 515 -18.39 4.60 62.24
CA GLY B 515 -19.05 5.83 62.67
C GLY B 515 -18.91 5.93 64.17
N GLU B 516 -17.65 5.88 64.59
CA GLU B 516 -17.24 5.84 65.97
C GLU B 516 -15.88 6.54 66.02
N TRP B 517 -15.63 7.32 67.07
CA TRP B 517 -14.35 8.02 67.23
C TRP B 517 -13.13 7.11 67.45
N TYR B 518 -12.03 7.43 66.76
CA TYR B 518 -10.77 6.69 66.91
C TYR B 518 -9.60 7.61 67.19
N HIS B 519 -8.75 7.19 68.11
CA HIS B 519 -7.53 7.94 68.34
C HIS B 519 -6.41 7.38 67.50
N VAL B 520 -5.70 8.29 66.86
CA VAL B 520 -4.59 7.97 65.95
C VAL B 520 -3.24 8.62 66.43
N ASP B 521 -2.37 7.87 67.12
CA ASP B 521 -0.99 8.38 67.27
C ASP B 521 -0.09 7.76 66.23
N PHE B 522 0.83 8.60 65.77
CA PHE B 522 1.79 8.25 64.75
C PHE B 522 3.13 8.86 65.15
N GLN B 523 4.04 7.99 65.58
CA GLN B 523 5.37 8.34 66.07
C GLN B 523 6.39 7.79 65.09
N ARG B 524 7.29 8.64 64.59
CA ARG B 524 8.39 8.15 63.74
C ARG B 524 9.77 8.60 64.15
N ASP B 525 10.74 7.71 63.99
CA ASP B 525 12.14 8.01 64.31
C ASP B 525 13.10 7.48 63.22
N GLY B 526 13.42 8.35 62.25
CA GLY B 526 14.12 7.92 61.05
C GLY B 526 13.36 6.77 60.39
N ARG B 527 14.07 5.65 60.24
CA ARG B 527 13.59 4.50 59.48
C ARG B 527 12.33 3.85 60.06
N SER B 528 12.20 3.88 61.38
CA SER B 528 11.14 3.18 62.13
C SER B 528 10.09 4.11 62.70
N GLY B 529 8.97 3.51 63.10
CA GLY B 529 7.98 4.24 63.86
C GLY B 529 6.83 3.32 64.19
N THR B 530 5.85 3.86 64.91
CA THR B 530 4.68 3.10 65.22
C THR B 530 3.47 3.93 64.90
N ILE B 531 2.42 3.23 64.45
CA ILE B 531 1.09 3.79 64.25
C ILE B 531 0.10 3.08 65.22
N SER B 532 -0.64 3.91 65.95
CA SER B 532 -1.42 3.48 67.08
C SER B 532 -2.85 3.90 66.89
N VAL B 533 -3.79 2.97 67.01
CA VAL B 533 -5.22 3.30 66.81
C VAL B 533 -5.95 2.91 68.04
N ASN B 534 -6.59 3.90 68.67
CA ASN B 534 -7.06 3.81 70.05
C ASN B 534 -6.07 3.01 70.85
N THR B 535 -4.77 3.27 70.76
CA THR B 535 -3.81 2.63 71.71
C THR B 535 -3.04 1.46 71.13
N LEU B 536 -3.65 0.83 70.12
CA LEU B 536 -3.06 -0.36 69.55
C LEU B 536 -2.05 0.02 68.44
N ARG B 537 -0.77 -0.11 68.82
CA ARG B 537 0.40 0.31 68.06
C ARG B 537 0.88 -0.81 67.18
N THR B 538 1.44 -0.40 66.06
CA THR B 538 1.83 -1.31 65.00
C THR B 538 3.24 -0.94 64.52
N PRO B 539 4.20 -1.89 64.69
CA PRO B 539 5.56 -1.71 64.15
C PRO B 539 5.67 -1.52 62.62
N TYR B 540 6.52 -0.55 62.26
CA TYR B 540 7.04 -0.43 60.90
C TYR B 540 8.56 -0.15 60.93
N THR B 541 9.18 -0.53 59.81
CA THR B 541 10.52 -0.09 59.39
C THR B 541 10.42 0.08 57.86
N ALA B 542 10.74 1.29 57.36
CA ALA B 542 10.78 1.53 55.91
C ALA B 542 12.09 0.98 55.33
N PRO B 543 12.04 0.54 54.05
CA PRO B 543 13.21 -0.06 53.39
C PRO B 543 14.38 0.91 53.14
N GLY B 544 15.59 0.37 52.92
CA GLY B 544 16.77 1.18 52.65
C GLY B 544 17.28 1.88 53.90
N GLU B 545 18.22 2.82 53.73
CA GLU B 545 18.94 3.44 54.85
C GLU B 545 18.68 4.95 55.07
N SER B 546 17.66 5.46 54.38
CA SER B 546 17.23 6.85 54.46
C SER B 546 16.47 7.13 55.78
N GLU B 547 17.09 7.90 56.68
CA GLU B 547 16.44 8.28 57.96
C GLU B 547 15.51 9.51 57.85
N ILE B 548 15.99 10.59 57.21
CA ILE B 548 15.21 11.83 57.11
C ILE B 548 13.95 11.68 56.22
N LEU B 549 12.80 12.18 56.70
CA LEU B 549 11.59 12.37 55.86
C LEU B 549 11.42 13.88 55.62
N ASP B 550 11.92 14.26 54.45
CA ASP B 550 12.08 15.65 54.05
C ASP B 550 10.84 16.18 53.31
N LEU B 551 9.81 16.51 54.10
CA LEU B 551 8.66 17.27 53.62
C LEU B 551 9.04 18.73 53.54
N ASP B 552 8.46 19.44 52.58
CA ASP B 552 8.67 20.88 52.55
C ASP B 552 7.38 21.54 52.09
N ASP B 553 7.10 22.66 52.73
CA ASP B 553 5.88 23.42 52.50
C ASP B 553 4.64 22.65 53.00
N GLU B 554 3.53 22.91 52.32
CA GLU B 554 2.19 22.62 52.80
C GLU B 554 1.91 21.12 53.00
N LEU B 555 1.14 20.85 54.05
CA LEU B 555 0.61 19.52 54.40
C LEU B 555 -0.91 19.61 54.42
N TYR B 556 -1.61 18.53 54.09
CA TYR B 556 -3.03 18.62 53.74
C TYR B 556 -3.91 17.71 54.60
N LEU B 557 -5.08 18.20 55.02
CA LEU B 557 -6.02 17.37 55.80
C LEU B 557 -7.43 17.24 55.24
N GLY B 558 -7.85 16.02 54.91
CA GLY B 558 -9.20 15.71 54.37
C GLY B 558 -9.44 15.65 52.83
N GLY B 559 -8.32 15.61 52.11
CA GLY B 559 -8.27 15.66 50.66
C GLY B 559 -7.25 16.64 50.09
N LEU B 560 -7.25 16.78 48.76
CA LEU B 560 -6.26 17.56 48.06
C LEU B 560 -6.98 18.62 47.33
N PRO B 561 -6.28 19.70 46.94
CA PRO B 561 -6.79 20.73 46.02
C PRO B 561 -6.81 20.24 44.57
N GLU B 562 -7.56 20.91 43.72
CA GLU B 562 -7.37 20.58 42.32
C GLU B 562 -6.55 21.60 41.57
N ASN B 563 -5.51 21.08 40.90
CA ASN B 563 -4.63 21.88 40.00
C ASN B 563 -3.67 22.80 40.75
N LYS B 564 -3.24 22.41 41.94
CA LYS B 564 -2.12 23.09 42.55
C LYS B 564 -0.89 22.58 41.80
N ALA B 565 -0.31 23.44 40.94
CA ALA B 565 0.95 23.11 40.25
C ALA B 565 1.98 22.91 41.35
N GLY B 566 2.90 21.97 41.16
CA GLY B 566 3.85 21.63 42.23
C GLY B 566 3.37 20.44 43.05
N LEU B 567 2.04 20.27 43.13
CA LEU B 567 1.45 19.10 43.80
C LEU B 567 1.61 17.81 42.98
N VAL B 568 2.21 16.80 43.61
CA VAL B 568 2.55 15.56 42.93
C VAL B 568 1.90 14.35 43.64
N PHE B 569 1.13 13.55 42.90
CA PHE B 569 0.39 12.45 43.53
C PHE B 569 1.16 11.14 43.39
N PRO B 570 1.76 10.65 44.47
CA PRO B 570 2.52 9.46 44.22
C PRO B 570 1.58 8.32 44.03
N THR B 571 1.96 7.42 43.13
CA THR B 571 1.15 6.26 42.77
C THR B 571 0.83 5.33 43.89
N GLU B 572 1.55 5.38 45.00
CA GLU B 572 1.41 4.31 45.99
C GLU B 572 0.19 4.63 46.78
N VAL B 573 -0.21 5.90 46.70
CA VAL B 573 -1.37 6.40 47.46
C VAL B 573 -2.60 6.31 46.60
N TRP B 574 -3.37 5.29 46.89
CA TRP B 574 -4.49 4.94 46.11
C TRP B 574 -5.60 5.99 46.06
N THR B 575 -5.95 6.50 47.24
CA THR B 575 -7.05 7.45 47.32
C THR B 575 -6.80 8.82 46.70
N ALA B 576 -5.57 9.31 46.79
CA ALA B 576 -5.23 10.55 46.12
C ALA B 576 -5.58 10.43 44.61
N LEU B 577 -5.28 9.28 44.06
CA LEU B 577 -5.35 9.12 42.64
C LEU B 577 -6.73 8.69 42.17
N LEU B 578 -7.58 8.30 43.14
CA LEU B 578 -8.94 7.91 42.81
C LEU B 578 -9.93 9.01 43.15
N ASN B 579 -9.46 10.13 43.70
CA ASN B 579 -10.31 11.28 44.08
C ASN B 579 -11.34 10.80 45.03
N TYR B 580 -10.85 10.26 46.16
CA TYR B 580 -11.64 9.91 47.30
C TYR B 580 -11.16 10.80 48.41
N GLY B 581 -11.38 12.11 48.27
CA GLY B 581 -11.16 12.97 49.45
C GLY B 581 -11.98 12.52 50.68
N TYR B 582 -11.45 12.72 51.89
CA TYR B 582 -12.12 12.24 53.10
C TYR B 582 -13.33 13.06 53.32
N VAL B 583 -14.37 12.36 53.77
CA VAL B 583 -15.54 12.99 54.38
C VAL B 583 -15.81 12.30 55.70
N GLY B 584 -16.00 13.13 56.73
CA GLY B 584 -16.21 12.65 58.07
C GLY B 584 -15.73 13.71 59.07
N CYS B 585 -15.42 13.26 60.27
CA CYS B 585 -15.12 14.13 61.40
C CYS B 585 -13.69 13.96 61.94
N ILE B 586 -13.05 15.06 62.34
CA ILE B 586 -11.64 15.02 62.79
C ILE B 586 -11.51 16.05 63.90
N ARG B 587 -10.92 15.69 65.03
CA ARG B 587 -10.65 16.65 66.12
C ARG B 587 -9.25 16.54 66.78
N ASP B 588 -8.88 17.56 67.57
CA ASP B 588 -7.77 17.47 68.51
C ASP B 588 -6.46 17.09 67.86
N LEU B 589 -5.93 18.03 67.09
CA LEU B 589 -4.81 17.75 66.23
C LEU B 589 -3.50 18.25 66.88
N PHE B 590 -2.50 17.37 66.81
CA PHE B 590 -1.15 17.62 67.34
C PHE B 590 -0.09 17.31 66.29
N ILE B 591 0.83 18.25 66.10
CA ILE B 591 1.94 18.10 65.18
C ILE B 591 3.24 18.37 65.92
N ASP B 592 4.02 17.31 66.07
CA ASP B 592 5.27 17.26 66.84
C ASP B 592 5.04 17.57 68.31
N GLY B 593 3.81 17.31 68.79
CA GLY B 593 3.42 17.47 70.21
C GLY B 593 2.59 18.71 70.51
N GLN B 594 2.49 19.55 69.49
CA GLN B 594 1.85 20.84 69.59
C GLN B 594 0.39 20.81 69.15
N SER B 595 -0.47 21.37 70.00
CA SER B 595 -1.89 21.52 69.74
C SER B 595 -2.18 22.40 68.51
N LYS B 596 -3.07 21.93 67.64
CA LYS B 596 -3.51 22.73 66.50
C LYS B 596 -5.02 22.76 66.48
N ASP B 597 -5.58 23.92 66.17
CA ASP B 597 -7.05 24.08 66.21
C ASP B 597 -7.68 24.41 64.86
N ILE B 598 -8.46 23.44 64.39
CA ILE B 598 -8.90 23.38 62.99
C ILE B 598 -10.15 24.21 62.67
N ARG B 599 -11.13 24.23 63.58
CA ARG B 599 -12.34 25.05 63.42
C ARG B 599 -11.99 26.51 63.35
N GLN B 600 -10.68 26.75 63.24
CA GLN B 600 -10.14 28.03 62.81
C GLN B 600 -9.42 27.84 61.50
N MET B 601 -8.57 26.81 61.47
CA MET B 601 -7.35 26.73 60.64
C MET B 601 -7.42 27.56 59.37
N ALA B 602 -7.96 26.96 58.31
CA ALA B 602 -8.49 27.69 57.16
C ALA B 602 -10.03 27.55 57.27
N GLU B 603 -10.47 27.05 58.42
CA GLU B 603 -11.90 26.94 58.75
C GLU B 603 -12.54 28.34 58.80
N VAL B 604 -12.15 29.18 59.76
CA VAL B 604 -12.51 30.61 59.71
C VAL B 604 -11.76 31.28 58.51
N GLN B 605 -10.82 30.56 57.91
CA GLN B 605 -10.13 30.98 56.68
C GLN B 605 -10.69 30.38 55.34
N SER B 606 -12.00 30.60 55.14
CA SER B 606 -12.71 30.39 53.87
C SER B 606 -12.66 29.04 53.18
N THR B 607 -12.54 27.94 53.91
CA THR B 607 -12.73 26.64 53.26
C THR B 607 -14.23 26.39 53.00
N ALA B 608 -14.56 25.89 51.80
CA ALA B 608 -15.93 25.46 51.47
C ALA B 608 -16.14 23.99 51.82
N GLY B 609 -17.33 23.63 52.32
CA GLY B 609 -17.68 22.24 52.70
C GLY B 609 -17.11 21.67 54.01
N VAL B 610 -16.82 22.56 54.95
CA VAL B 610 -16.33 22.18 56.29
C VAL B 610 -17.18 22.88 57.34
N LYS B 611 -17.57 22.18 58.39
CA LYS B 611 -18.46 22.81 59.36
C LYS B 611 -17.96 22.77 60.84
N PRO B 612 -18.31 23.81 61.64
CA PRO B 612 -18.04 23.87 63.07
C PRO B 612 -18.15 22.50 63.76
N SER B 613 -19.34 22.12 64.24
CA SER B 613 -19.38 20.93 65.08
C SER B 613 -19.59 19.63 64.31
N CYS B 614 -19.84 18.54 65.04
CA CYS B 614 -19.86 17.22 64.45
C CYS B 614 -21.08 16.37 64.87
N SER B 615 -22.16 16.44 64.10
CA SER B 615 -23.41 15.70 64.38
C SER B 615 -23.63 14.49 63.45
N ARG B 616 -24.35 13.49 63.93
CA ARG B 616 -24.60 12.28 63.15
C ARG B 616 -26.06 12.03 62.88
N GLU B 617 -26.71 12.99 62.23
CA GLU B 617 -28.04 12.78 61.62
C GLU B 617 -28.58 11.33 61.68
N THR B 618 -29.46 11.06 62.64
CA THR B 618 -30.00 9.72 62.88
C THR B 618 -30.86 9.19 61.76
N ALA B 619 -31.39 10.06 60.91
CA ALA B 619 -32.14 9.62 59.74
C ALA B 619 -31.18 9.01 58.74
N LYS B 620 -31.42 7.76 58.37
CA LYS B 620 -30.65 7.14 57.26
C LYS B 620 -31.07 7.71 55.88
N PRO B 621 -30.12 8.41 55.22
CA PRO B 621 -30.41 9.37 54.14
C PRO B 621 -30.95 8.74 52.82
N CYS B 622 -30.61 7.47 52.56
CA CYS B 622 -31.20 6.70 51.49
C CYS B 622 -32.69 6.28 51.70
N LEU B 623 -33.30 6.60 52.85
CA LEU B 623 -34.78 6.64 52.95
C LEU B 623 -35.36 7.92 52.31
N SER B 624 -34.66 9.08 52.45
CA SER B 624 -34.84 10.37 51.66
C SER B 624 -35.31 9.94 50.26
N ASN B 625 -34.98 8.67 49.93
CA ASN B 625 -35.15 7.94 48.66
C ASN B 625 -34.52 8.57 47.40
N PRO B 626 -33.24 8.94 47.47
CA PRO B 626 -32.89 10.05 46.62
C PRO B 626 -32.42 9.69 45.21
N CYS B 627 -31.90 8.47 44.97
CA CYS B 627 -31.35 8.13 43.62
C CYS B 627 -32.33 7.71 42.52
N LYS B 628 -32.44 8.57 41.54
CA LYS B 628 -33.35 8.34 40.45
C LYS B 628 -32.89 7.23 39.50
N ASN B 629 -33.82 6.65 38.77
CA ASN B 629 -33.51 5.74 37.68
C ASN B 629 -32.71 4.49 38.07
N ASN B 630 -32.99 3.95 39.25
CA ASN B 630 -32.42 2.67 39.69
C ASN B 630 -30.95 2.84 39.81
N GLY B 631 -30.54 4.06 40.13
CA GLY B 631 -29.21 4.26 40.71
C GLY B 631 -29.12 3.50 42.00
N MET B 632 -27.94 3.04 42.36
CA MET B 632 -27.71 2.44 43.67
C MET B 632 -27.31 3.49 44.70
N CYS B 633 -28.01 3.46 45.81
CA CYS B 633 -27.86 4.44 46.85
C CYS B 633 -27.02 3.91 47.98
N ARG B 634 -26.05 4.71 48.37
CA ARG B 634 -25.14 4.40 49.49
C ARG B 634 -25.36 5.38 50.61
N ASP B 635 -25.61 4.84 51.80
CA ASP B 635 -25.81 5.66 53.00
C ASP B 635 -24.43 6.18 53.42
N GLY B 636 -24.21 7.49 53.27
CA GLY B 636 -22.87 8.09 53.40
C GLY B 636 -22.53 8.48 54.82
N TRP B 637 -21.86 9.62 55.01
CA TRP B 637 -21.76 10.20 56.35
C TRP B 637 -23.02 11.00 56.52
N ASN B 638 -22.95 12.27 56.14
CA ASN B 638 -24.11 13.11 56.37
C ASN B 638 -24.81 13.54 55.13
N ARG B 639 -24.91 12.59 54.21
CA ARG B 639 -25.20 12.75 52.80
C ARG B 639 -25.34 11.29 52.35
N TYR B 640 -26.00 11.11 51.20
CA TYR B 640 -26.22 9.83 50.56
C TYR B 640 -25.27 9.99 49.41
N VAL B 641 -24.83 8.87 48.82
CA VAL B 641 -24.21 8.94 47.52
C VAL B 641 -24.88 8.00 46.53
N CYS B 642 -24.96 8.44 45.27
CA CYS B 642 -25.52 7.63 44.15
C CYS B 642 -24.43 7.08 43.30
N ASP B 643 -24.62 5.84 42.91
CA ASP B 643 -23.77 5.20 41.90
C ASP B 643 -24.63 5.11 40.64
N CYS B 644 -24.50 6.08 39.75
CA CYS B 644 -25.32 6.07 38.57
C CYS B 644 -24.81 5.24 37.44
N SER B 645 -23.70 4.51 37.67
CA SER B 645 -22.95 3.89 36.60
C SER B 645 -23.84 3.02 35.62
N GLY B 646 -24.72 2.17 36.17
CA GLY B 646 -25.46 1.30 35.28
C GLY B 646 -26.75 1.88 34.71
N THR B 647 -26.94 3.17 34.65
CA THR B 647 -28.30 3.64 34.50
C THR B 647 -28.59 4.49 33.28
N GLY B 648 -27.54 4.99 32.65
CA GLY B 648 -27.68 6.01 31.63
C GLY B 648 -27.88 7.39 32.22
N TYR B 649 -27.55 7.58 33.49
CA TYR B 649 -27.59 8.92 34.07
C TYR B 649 -26.34 9.24 34.84
N LEU B 650 -26.06 10.51 35.00
CA LEU B 650 -24.98 10.92 35.86
C LEU B 650 -25.48 12.03 36.76
N GLY B 651 -24.59 12.51 37.62
CA GLY B 651 -24.88 13.69 38.43
C GLY B 651 -25.18 13.28 39.85
N ARG B 652 -25.28 14.22 40.78
CA ARG B 652 -25.33 13.88 42.18
C ARG B 652 -26.45 12.89 42.44
N SER B 653 -27.49 12.96 41.62
CA SER B 653 -28.69 12.21 41.92
C SER B 653 -29.25 11.35 40.79
N CYS B 654 -28.40 11.04 39.82
CA CYS B 654 -28.77 10.47 38.49
C CYS B 654 -29.91 11.18 37.77
N GLU B 655 -29.80 12.49 37.71
CA GLU B 655 -30.84 13.26 37.10
C GLU B 655 -30.44 13.73 35.71
N ARG B 656 -29.15 13.62 35.36
CA ARG B 656 -28.63 14.09 34.08
C ARG B 656 -28.53 12.95 33.09
N GLU B 657 -29.20 13.06 31.94
CA GLU B 657 -29.09 12.05 30.90
C GLU B 657 -27.65 11.99 30.43
N ALA B 658 -27.12 10.81 30.22
CA ALA B 658 -25.72 10.67 30.03
C ALA B 658 -25.51 10.65 28.54
N THR B 659 -24.53 11.37 28.03
CA THR B 659 -24.42 11.54 26.59
C THR B 659 -24.04 10.24 25.88
N VAL B 660 -24.53 10.00 24.70
CA VAL B 660 -24.12 8.77 24.01
C VAL B 660 -23.20 9.17 22.84
N LEU B 661 -22.07 8.46 22.68
CA LEU B 661 -21.23 8.66 21.50
C LEU B 661 -21.48 7.46 20.61
N SER B 662 -21.40 7.68 19.32
CA SER B 662 -21.73 6.59 18.49
C SER B 662 -20.61 6.35 17.49
N TYR B 663 -20.20 5.12 17.21
CA TYR B 663 -18.99 4.86 16.49
C TYR B 663 -19.24 3.96 15.23
N ASP B 664 -18.92 4.34 13.97
CA ASP B 664 -19.12 3.38 12.89
C ASP B 664 -17.90 2.62 12.38
N GLY B 665 -17.00 2.23 13.25
CA GLY B 665 -15.87 1.51 12.78
C GLY B 665 -14.73 2.36 12.25
N SER B 666 -14.94 3.64 12.02
CA SER B 666 -13.79 4.50 11.70
C SER B 666 -13.86 5.80 12.41
N MET B 667 -14.20 5.76 13.70
CA MET B 667 -14.34 6.95 14.45
C MET B 667 -13.73 6.64 15.73
N PHE B 668 -13.26 7.69 16.38
CA PHE B 668 -12.52 7.55 17.65
C PHE B 668 -12.92 8.76 18.48
N MET B 669 -12.63 8.68 19.80
CA MET B 669 -12.74 9.74 20.72
C MET B 669 -11.61 9.50 21.67
N LYS B 670 -10.71 10.47 21.88
CA LYS B 670 -9.39 10.28 22.53
C LYS B 670 -9.17 11.30 23.57
N ILE B 671 -9.02 10.93 24.85
CA ILE B 671 -8.88 12.00 25.82
C ILE B 671 -7.43 12.15 25.98
N GLN B 672 -6.86 13.32 25.78
CA GLN B 672 -5.44 13.37 26.00
C GLN B 672 -5.09 14.01 27.35
N LEU B 673 -4.83 13.21 28.37
CA LEU B 673 -4.59 13.91 29.62
C LEU B 673 -3.59 15.09 29.52
N PRO B 674 -3.87 16.20 30.21
CA PRO B 674 -3.02 17.41 30.06
C PRO B 674 -1.61 17.13 30.60
N VAL B 675 -1.48 16.35 31.68
CA VAL B 675 -0.15 15.77 32.02
C VAL B 675 -0.29 14.26 32.15
N VAL B 676 0.88 13.61 32.21
CA VAL B 676 0.97 12.19 32.17
C VAL B 676 0.56 11.53 33.46
N MET B 677 -0.38 10.61 33.38
CA MET B 677 -0.84 9.77 34.51
C MET B 677 0.05 8.59 34.80
N HIS B 678 0.20 8.29 36.08
CA HIS B 678 0.80 7.05 36.47
C HIS B 678 -0.07 6.56 37.56
N THR B 679 -0.53 5.32 37.53
CA THR B 679 -1.42 4.84 38.59
C THR B 679 -1.16 3.42 38.96
N GLU B 680 -1.57 3.07 40.17
CA GLU B 680 -1.47 1.72 40.66
C GLU B 680 -2.82 1.17 40.99
N ALA B 681 -3.88 1.84 40.56
CA ALA B 681 -5.21 1.57 41.09
C ALA B 681 -6.16 2.38 40.30
N GLU B 682 -7.26 1.76 39.86
CA GLU B 682 -8.29 2.47 39.04
C GLU B 682 -9.71 1.99 39.35
N ASP B 683 -10.68 2.90 39.30
CA ASP B 683 -12.02 2.43 38.97
C ASP B 683 -12.34 2.82 37.51
N VAL B 684 -12.57 1.88 36.60
CA VAL B 684 -13.17 2.30 35.32
C VAL B 684 -14.54 1.67 35.08
N SER B 685 -15.51 2.44 34.58
CA SER B 685 -16.70 1.77 33.98
C SER B 685 -17.23 2.41 32.73
N LEU B 686 -17.96 1.66 31.91
CA LEU B 686 -18.66 2.24 30.75
C LEU B 686 -19.84 1.39 30.34
N ARG B 687 -20.82 1.96 29.66
CA ARG B 687 -21.87 1.15 29.05
C ARG B 687 -21.63 1.09 27.60
N PHE B 688 -21.77 -0.08 27.00
CA PHE B 688 -21.78 -0.15 25.52
C PHE B 688 -22.97 -0.89 24.97
N ARG B 689 -23.24 -0.78 23.68
CA ARG B 689 -23.97 -1.79 22.99
C ARG B 689 -23.39 -1.93 21.65
N SER B 690 -23.32 -3.17 21.12
CA SER B 690 -22.83 -3.43 19.78
C SER B 690 -23.46 -4.70 19.13
N GLN B 691 -23.47 -4.80 17.82
CA GLN B 691 -23.90 -6.05 17.15
C GLN B 691 -22.79 -7.04 16.90
N ARG B 692 -21.55 -6.58 17.13
CA ARG B 692 -20.30 -7.28 16.84
C ARG B 692 -19.72 -7.99 18.08
N ALA B 693 -19.20 -9.20 17.83
CA ALA B 693 -18.53 -9.98 18.86
C ALA B 693 -17.13 -9.50 19.29
N TYR B 694 -16.57 -8.51 18.59
CA TYR B 694 -15.24 -8.03 18.82
C TYR B 694 -15.20 -6.48 18.70
N GLY B 695 -14.09 -5.90 19.15
CA GLY B 695 -13.95 -4.48 19.05
C GLY B 695 -13.50 -3.87 20.35
N ILE B 696 -12.87 -2.71 20.27
CA ILE B 696 -12.34 -2.11 21.43
C ILE B 696 -13.42 -1.29 22.28
N LEU B 697 -13.38 -1.47 23.60
CA LEU B 697 -14.25 -0.65 24.40
C LEU B 697 -13.53 0.62 24.85
N MET B 698 -12.52 0.46 25.70
CA MET B 698 -11.66 1.59 26.05
C MET B 698 -10.28 1.09 26.35
N ALA B 699 -9.29 1.95 26.30
CA ALA B 699 -7.90 1.53 26.37
C ALA B 699 -7.12 2.76 26.74
N THR B 700 -6.12 2.58 27.61
CA THR B 700 -5.28 3.64 28.03
C THR B 700 -4.00 3.30 27.34
N THR B 701 -3.24 4.35 27.06
CA THR B 701 -2.13 4.25 26.14
C THR B 701 -1.12 5.30 26.45
N SER B 702 0.13 4.87 26.26
CA SER B 702 1.27 5.69 26.47
C SER B 702 2.05 5.85 25.24
N ARG B 703 2.39 7.09 24.97
CA ARG B 703 3.34 7.44 23.95
C ARG B 703 4.77 6.79 24.07
N ASP B 704 5.14 6.38 25.29
CA ASP B 704 6.48 5.92 25.54
C ASP B 704 6.58 4.44 25.67
N SER B 705 5.48 3.68 25.64
CA SER B 705 5.60 2.22 25.80
C SER B 705 4.30 1.57 25.46
N ALA B 706 4.24 0.26 25.68
CA ALA B 706 3.07 -0.47 25.24
C ALA B 706 2.16 -0.83 26.40
N ASP B 707 2.44 -0.25 27.56
CA ASP B 707 1.62 -0.52 28.74
C ASP B 707 0.25 -0.12 28.43
N THR B 708 -0.77 -0.79 28.93
CA THR B 708 -2.15 -0.36 28.60
C THR B 708 -3.08 -1.03 29.52
N LEU B 709 -4.16 -0.41 29.94
CA LEU B 709 -5.25 -1.17 30.55
C LEU B 709 -6.33 -1.19 29.51
N ARG B 710 -6.78 -2.36 29.06
CA ARG B 710 -7.89 -2.23 28.12
C ARG B 710 -9.08 -3.09 28.31
N LEU B 711 -10.24 -2.58 27.99
CA LEU B 711 -11.47 -3.37 27.91
C LEU B 711 -11.77 -3.62 26.45
N GLU B 712 -12.09 -4.89 26.09
CA GLU B 712 -12.65 -5.14 24.74
C GLU B 712 -13.62 -6.29 24.50
N LEU B 713 -14.45 -6.19 23.48
CA LEU B 713 -15.22 -7.38 23.13
C LEU B 713 -14.35 -8.30 22.36
N ASP B 714 -14.34 -9.57 22.83
CA ASP B 714 -13.62 -10.74 22.31
C ASP B 714 -14.53 -11.99 22.35
N ALA B 715 -15.02 -12.34 21.17
CA ALA B 715 -15.97 -13.44 20.94
C ALA B 715 -17.22 -13.29 21.79
N GLY B 716 -17.71 -12.06 21.93
CA GLY B 716 -18.99 -11.94 22.61
C GLY B 716 -18.74 -11.71 24.04
N ARG B 717 -17.55 -12.00 24.52
CA ARG B 717 -17.26 -11.73 25.88
C ARG B 717 -16.55 -10.39 26.08
N VAL B 718 -16.52 -9.84 27.30
CA VAL B 718 -15.74 -8.59 27.56
C VAL B 718 -14.46 -9.08 28.15
N LYS B 719 -13.33 -8.56 27.68
CA LYS B 719 -12.03 -9.07 28.10
C LYS B 719 -11.21 -7.87 28.59
N LEU B 720 -10.79 -7.97 29.86
CA LEU B 720 -9.93 -6.96 30.46
C LEU B 720 -8.51 -7.47 30.20
N THR B 721 -7.56 -6.56 29.96
CA THR B 721 -6.15 -6.96 29.62
C THR B 721 -5.33 -5.92 30.29
N VAL B 722 -4.34 -6.31 31.04
CA VAL B 722 -3.55 -5.30 31.70
C VAL B 722 -2.09 -5.55 31.39
N ASN B 723 -1.55 -4.82 30.45
CA ASN B 723 -0.22 -5.12 30.06
C ASN B 723 0.90 -4.19 30.60
N LEU B 724 1.81 -4.72 31.40
CA LEU B 724 2.79 -3.79 31.94
C LEU B 724 4.25 -3.74 31.40
N ASP B 725 4.68 -4.60 30.46
CA ASP B 725 5.98 -4.37 29.76
C ASP B 725 7.26 -4.60 30.62
N CYS B 726 8.39 -4.37 29.98
CA CYS B 726 9.64 -5.12 30.20
C CYS B 726 10.55 -4.73 31.41
N ILE B 727 11.88 -4.74 31.15
CA ILE B 727 13.00 -4.59 32.11
C ILE B 727 13.45 -6.01 32.61
N ARG B 728 14.46 -6.10 33.49
CA ARG B 728 14.85 -7.40 34.13
C ARG B 728 15.82 -8.31 33.33
N ILE B 729 15.61 -8.39 32.00
CA ILE B 729 16.03 -9.51 31.10
C ILE B 729 17.51 -9.60 30.55
N ASN B 730 18.23 -10.67 30.94
CA ASN B 730 19.59 -10.98 30.42
C ASN B 730 20.06 -12.42 30.76
N LYS B 735 5.70 -13.33 32.88
CA LYS B 735 4.43 -12.67 32.47
C LYS B 735 3.88 -13.03 31.03
N GLY B 736 3.20 -12.07 30.40
CA GLY B 736 2.47 -12.22 29.15
C GLY B 736 1.60 -10.97 29.26
N PRO B 737 0.40 -10.97 28.68
CA PRO B 737 -0.53 -9.99 29.27
C PRO B 737 -1.26 -10.66 30.48
N GLU B 738 -1.95 -9.90 31.35
CA GLU B 738 -2.75 -10.51 32.41
C GLU B 738 -4.15 -10.24 31.97
N THR B 739 -5.06 -11.22 32.02
CA THR B 739 -6.44 -10.96 31.55
C THR B 739 -7.56 -11.50 32.44
N LEU B 740 -8.71 -10.86 32.39
CA LEU B 740 -10.00 -11.41 32.83
C LEU B 740 -11.04 -11.37 31.69
N PHE B 741 -11.98 -12.28 31.77
CA PHE B 741 -13.08 -12.31 30.86
C PHE B 741 -14.33 -12.33 31.70
N ALA B 742 -15.34 -11.57 31.31
CA ALA B 742 -16.64 -11.68 31.90
C ALA B 742 -17.70 -11.54 30.80
N GLY B 743 -18.82 -12.25 30.98
CA GLY B 743 -20.02 -12.10 30.16
C GLY B 743 -19.99 -13.15 29.09
N TYR B 744 -21.11 -13.28 28.35
CA TYR B 744 -21.25 -13.95 27.05
C TYR B 744 -22.32 -13.30 26.23
N ASN B 745 -22.25 -13.53 24.92
CA ASN B 745 -23.19 -13.01 23.99
C ASN B 745 -23.55 -11.64 24.29
N LEU B 746 -22.62 -10.72 24.38
CA LEU B 746 -22.98 -9.38 24.70
C LEU B 746 -23.20 -8.62 23.40
N ASN B 747 -22.95 -9.28 22.29
CA ASN B 747 -23.23 -8.63 21.06
C ASN B 747 -24.74 -8.71 20.75
N ASP B 748 -25.62 -8.61 21.71
CA ASP B 748 -27.06 -8.62 21.37
C ASP B 748 -27.62 -7.28 21.00
N ASN B 749 -26.78 -6.27 20.95
CA ASN B 749 -27.28 -4.93 20.65
C ASN B 749 -28.16 -4.34 21.72
N GLU B 750 -28.41 -5.04 22.81
CA GLU B 750 -28.78 -4.37 24.08
C GLU B 750 -27.59 -3.77 24.84
N TRP B 751 -27.84 -2.72 25.65
CA TRP B 751 -26.81 -2.03 26.44
C TRP B 751 -26.35 -2.90 27.58
N HIS B 752 -25.03 -2.99 27.79
CA HIS B 752 -24.46 -3.61 28.95
C HIS B 752 -23.53 -2.67 29.68
N THR B 753 -23.39 -2.85 30.98
CA THR B 753 -22.53 -2.00 31.75
C THR B 753 -21.30 -2.80 32.12
N VAL B 754 -20.11 -2.24 32.04
CA VAL B 754 -18.94 -2.98 32.54
C VAL B 754 -18.31 -2.19 33.64
N ARG B 755 -17.79 -2.83 34.66
CA ARG B 755 -17.10 -2.09 35.73
C ARG B 755 -15.79 -2.75 36.02
N VAL B 756 -14.69 -2.05 35.84
CA VAL B 756 -13.41 -2.56 36.33
C VAL B 756 -12.97 -1.93 37.62
N VAL B 757 -12.39 -2.71 38.48
CA VAL B 757 -11.73 -2.16 39.67
C VAL B 757 -10.36 -2.77 39.71
N ARG B 758 -9.34 -1.95 39.58
CA ARG B 758 -7.98 -2.44 39.90
C ARG B 758 -7.36 -1.86 41.19
N ARG B 759 -6.73 -2.69 41.99
CA ARG B 759 -6.00 -2.20 43.15
C ARG B 759 -4.74 -2.99 43.11
N GLY B 760 -3.65 -2.30 42.83
CA GLY B 760 -2.39 -2.98 42.55
C GLY B 760 -2.49 -4.23 41.67
N LYS B 761 -2.18 -5.34 42.27
CA LYS B 761 -2.08 -6.57 41.55
C LYS B 761 -3.43 -7.21 41.47
N SER B 762 -4.43 -6.68 42.18
CA SER B 762 -5.74 -7.31 42.11
C SER B 762 -6.59 -6.75 41.02
N LEU B 763 -7.14 -7.61 40.17
CA LEU B 763 -8.13 -7.13 39.21
C LEU B 763 -9.47 -7.70 39.52
N LYS B 764 -10.50 -6.92 39.21
CA LYS B 764 -11.85 -7.35 39.42
C LYS B 764 -12.71 -6.82 38.29
N LEU B 765 -13.38 -7.67 37.56
CA LEU B 765 -14.13 -7.18 36.44
C LEU B 765 -15.50 -7.76 36.56
N THR B 766 -16.50 -7.03 36.12
CA THR B 766 -17.84 -7.51 36.32
C THR B 766 -18.83 -6.90 35.30
N VAL B 767 -19.53 -7.71 34.53
CA VAL B 767 -20.48 -7.17 33.55
C VAL B 767 -21.90 -7.19 34.10
N ASP B 768 -22.61 -6.06 34.10
CA ASP B 768 -24.04 -6.08 34.38
C ASP B 768 -24.19 -6.50 35.81
N ASP B 769 -25.18 -7.30 36.16
CA ASP B 769 -25.21 -7.69 37.54
C ASP B 769 -24.71 -9.04 37.74
N GLN B 770 -23.83 -9.53 36.87
CA GLN B 770 -23.53 -10.92 37.11
C GLN B 770 -22.44 -10.85 38.13
N GLN B 771 -22.05 -12.03 38.61
CA GLN B 771 -20.99 -12.20 39.57
C GLN B 771 -19.61 -11.72 39.12
N ALA B 772 -18.91 -11.01 40.02
CA ALA B 772 -17.64 -10.40 39.63
C ALA B 772 -16.64 -11.49 39.34
N MET B 773 -15.77 -11.25 38.37
CA MET B 773 -14.72 -12.15 37.97
C MET B 773 -13.52 -11.53 38.55
N THR B 774 -12.65 -12.27 39.23
CA THR B 774 -11.47 -11.67 39.89
C THR B 774 -10.21 -12.32 39.39
N GLY B 775 -9.11 -11.58 39.35
CA GLY B 775 -7.80 -12.23 39.24
C GLY B 775 -6.68 -11.46 39.89
N GLN B 776 -5.73 -12.17 40.53
CA GLN B 776 -4.41 -11.59 40.84
C GLN B 776 -3.48 -11.61 39.66
N MET B 777 -3.03 -10.44 39.18
CA MET B 777 -1.80 -10.35 38.37
C MET B 777 -0.60 -10.93 39.16
N ALA B 778 0.45 -11.37 38.49
CA ALA B 778 1.49 -12.07 39.22
C ALA B 778 2.85 -11.34 39.28
N GLY B 779 3.39 -10.88 38.16
CA GLY B 779 4.71 -10.22 38.19
C GLY B 779 4.57 -8.97 39.04
N ASP B 780 5.58 -8.63 39.84
CA ASP B 780 5.45 -7.53 40.82
C ASP B 780 5.49 -6.07 40.31
N HIS B 781 5.27 -5.81 39.02
CA HIS B 781 5.03 -4.44 38.61
C HIS B 781 3.59 -4.12 38.88
N THR B 782 3.32 -2.90 39.37
CA THR B 782 1.93 -2.41 39.45
C THR B 782 1.64 -1.15 38.70
N ARG B 783 2.62 -0.27 38.58
CA ARG B 783 2.43 1.08 38.10
C ARG B 783 2.12 1.15 36.59
N LEU B 784 1.14 1.94 36.22
CA LEU B 784 0.67 2.02 34.85
C LEU B 784 0.81 3.47 34.41
N GLU B 785 1.46 3.72 33.26
CA GLU B 785 1.59 5.05 32.67
C GLU B 785 0.62 5.26 31.51
N PHE B 786 -0.11 6.37 31.50
CA PHE B 786 -0.86 6.66 30.33
C PHE B 786 -0.90 8.13 29.94
N HIS B 787 -1.00 8.38 28.65
CA HIS B 787 -1.07 9.72 28.13
C HIS B 787 -2.44 9.94 27.55
N ASN B 788 -3.17 8.86 27.27
CA ASN B 788 -4.51 8.99 26.76
C ASN B 788 -5.43 7.89 27.20
N ILE B 789 -6.71 8.17 27.12
CA ILE B 789 -7.76 7.17 27.29
C ILE B 789 -8.40 7.21 25.92
N GLU B 790 -8.48 6.03 25.27
CA GLU B 790 -8.96 5.96 23.86
C GLU B 790 -10.20 5.15 23.71
N THR B 791 -11.06 5.54 22.81
CA THR B 791 -12.23 4.72 22.54
C THR B 791 -12.38 4.62 21.02
N GLY B 792 -13.03 3.60 20.47
CA GLY B 792 -13.24 3.65 19.01
C GLY B 792 -12.17 3.03 18.15
N ILE B 793 -11.06 3.72 18.01
CA ILE B 793 -9.89 3.20 17.30
C ILE B 793 -8.77 3.19 18.36
N ILE B 794 -7.84 2.25 18.46
CA ILE B 794 -6.69 2.59 19.29
C ILE B 794 -5.71 3.45 18.42
N THR B 795 -5.60 4.74 18.67
CA THR B 795 -4.80 5.51 17.79
C THR B 795 -3.39 5.55 18.17
N GLU B 796 -3.08 5.42 19.46
CA GLU B 796 -1.63 5.49 19.86
C GLU B 796 -0.98 4.05 19.96
N ARG B 797 -0.23 3.61 18.99
CA ARG B 797 0.11 2.22 19.10
C ARG B 797 1.41 1.99 18.42
N ARG B 798 2.32 2.94 18.60
CA ARG B 798 3.64 2.95 18.06
C ARG B 798 4.34 1.66 18.17
N TYR B 799 4.21 1.01 19.31
CA TYR B 799 4.98 -0.22 19.53
C TYR B 799 4.25 -1.54 19.27
N LEU B 800 2.97 -1.53 18.94
CA LEU B 800 2.27 -2.73 18.66
C LEU B 800 2.12 -2.93 17.17
N SER B 801 2.58 -4.02 16.66
CA SER B 801 2.28 -4.14 15.28
C SER B 801 0.84 -4.56 15.07
N SER B 802 0.09 -4.76 16.13
CA SER B 802 -1.28 -5.04 15.88
C SER B 802 -2.23 -4.80 17.04
N VAL B 803 -3.51 -4.60 16.75
CA VAL B 803 -4.39 -4.13 17.82
C VAL B 803 -5.84 -4.59 17.74
N PRO B 804 -6.56 -4.60 18.89
CA PRO B 804 -7.99 -4.93 18.91
C PRO B 804 -8.62 -4.15 17.80
N SER B 805 -9.67 -4.62 17.17
CA SER B 805 -10.28 -3.92 16.03
C SER B 805 -11.19 -2.78 16.43
N ASN B 806 -11.41 -1.86 15.50
CA ASN B 806 -12.15 -0.64 15.81
C ASN B 806 -13.54 -0.96 16.28
N PHE B 807 -14.10 -0.27 17.27
CA PHE B 807 -15.46 -0.40 17.73
C PHE B 807 -16.54 0.01 16.73
N ILE B 808 -17.70 -0.65 16.73
CA ILE B 808 -18.90 -0.19 16.06
C ILE B 808 -19.98 -0.43 17.01
N GLY B 809 -20.66 0.60 17.45
CA GLY B 809 -21.79 0.50 18.39
C GLY B 809 -21.84 1.84 19.08
N HIS B 810 -22.30 1.90 20.34
CA HIS B 810 -22.34 3.11 21.13
C HIS B 810 -21.64 2.95 22.52
N LEU B 811 -21.09 4.03 23.06
CA LEU B 811 -20.77 4.01 24.47
C LEU B 811 -21.54 5.09 25.13
N GLN B 812 -21.50 5.04 26.45
CA GLN B 812 -22.08 6.06 27.28
C GLN B 812 -21.55 5.81 28.66
N SER B 813 -21.47 6.86 29.44
CA SER B 813 -21.02 6.73 30.77
C SER B 813 -19.63 6.22 30.92
N LEU B 814 -18.72 6.51 30.00
CA LEU B 814 -17.26 6.27 30.25
C LEU B 814 -16.82 6.99 31.60
N THR B 815 -16.26 6.28 32.53
CA THR B 815 -15.94 6.87 33.85
C THR B 815 -14.63 6.30 34.35
N PHE B 816 -13.68 7.18 34.61
CA PHE B 816 -12.35 6.67 34.75
C PHE B 816 -11.76 7.39 35.89
N ASN B 817 -11.61 6.72 37.05
CA ASN B 817 -11.39 7.41 38.35
C ASN B 817 -12.26 8.65 38.41
N GLY B 818 -13.58 8.44 38.20
CA GLY B 818 -14.59 9.45 38.40
C GLY B 818 -14.75 10.56 37.37
N MET B 819 -13.89 10.65 36.39
CA MET B 819 -14.13 11.56 35.27
C MET B 819 -15.14 10.98 34.28
N ALA B 820 -16.19 11.72 33.89
CA ALA B 820 -17.15 11.19 32.89
C ALA B 820 -16.75 11.86 31.60
N TYR B 821 -15.75 11.26 30.97
CA TYR B 821 -15.09 11.90 29.88
C TYR B 821 -16.07 12.12 28.74
N ILE B 822 -17.12 11.28 28.54
CA ILE B 822 -17.94 11.56 27.36
C ILE B 822 -18.76 12.80 27.60
N ASP B 823 -19.21 12.97 28.82
CA ASP B 823 -20.01 14.11 29.15
C ASP B 823 -19.21 15.37 29.27
N LEU B 824 -17.93 15.25 29.59
CA LEU B 824 -17.09 16.42 29.89
C LEU B 824 -16.72 17.00 28.59
N CYS B 825 -16.26 16.09 27.75
CA CYS B 825 -16.09 16.36 26.39
C CYS B 825 -17.29 17.05 25.68
N LYS B 826 -18.46 16.44 25.77
CA LYS B 826 -19.57 16.95 25.06
C LYS B 826 -19.90 18.31 25.57
N ASN B 827 -19.99 18.51 26.88
CA ASN B 827 -20.32 19.86 27.38
C ASN B 827 -19.22 20.86 27.31
N GLY B 828 -18.01 20.41 27.02
CA GLY B 828 -16.91 21.33 26.84
C GLY B 828 -16.36 21.83 28.17
N ASP B 829 -16.55 21.03 29.22
CA ASP B 829 -15.93 21.31 30.48
C ASP B 829 -14.46 20.90 30.40
N ILE B 830 -14.04 20.19 29.37
CA ILE B 830 -12.61 19.95 29.18
C ILE B 830 -12.21 20.26 27.75
N ASP B 831 -11.02 20.81 27.53
CA ASP B 831 -10.65 21.14 26.18
C ASP B 831 -9.75 20.14 25.48
N TYR B 832 -9.36 19.04 26.12
CA TYR B 832 -8.29 18.18 25.62
C TYR B 832 -8.82 16.85 25.10
N CYS B 833 -10.04 16.90 24.62
CA CYS B 833 -10.78 15.69 24.25
C CYS B 833 -10.74 15.81 22.76
N GLU B 834 -10.43 14.78 22.00
CA GLU B 834 -10.50 14.99 20.53
C GLU B 834 -11.05 13.80 19.75
N LEU B 835 -11.99 14.02 18.85
CA LEU B 835 -12.79 12.88 18.35
C LEU B 835 -13.43 13.16 16.98
N ASN B 836 -13.90 12.10 16.36
CA ASN B 836 -14.82 12.18 15.28
C ASN B 836 -15.99 11.19 15.39
N ALA B 837 -16.22 10.64 16.58
CA ALA B 837 -17.47 9.93 16.87
C ALA B 837 -18.50 10.97 16.79
N ARG B 838 -19.75 10.58 16.74
CA ARG B 838 -20.86 11.49 16.60
C ARG B 838 -21.67 11.33 17.84
N PHE B 839 -22.07 12.43 18.43
CA PHE B 839 -22.87 12.30 19.63
C PHE B 839 -24.36 11.90 19.31
N GLY B 840 -25.11 11.40 20.29
CA GLY B 840 -26.41 10.87 19.98
C GLY B 840 -26.32 9.52 19.31
N PHE B 841 -27.33 8.70 19.62
CA PHE B 841 -27.52 7.35 19.14
C PHE B 841 -28.07 7.37 17.72
N ARG B 842 -27.53 6.56 16.79
CA ARG B 842 -28.30 6.28 15.55
C ARG B 842 -28.07 4.84 15.18
N ASN B 843 -29.02 4.25 14.45
CA ASN B 843 -28.78 2.90 13.94
C ASN B 843 -27.63 3.14 12.98
N ILE B 844 -26.53 2.39 13.14
CA ILE B 844 -25.39 2.44 12.18
C ILE B 844 -25.50 1.52 10.89
N ILE B 845 -25.27 2.09 9.72
CA ILE B 845 -24.80 1.29 8.65
C ILE B 845 -23.28 1.78 8.51
N ALA B 846 -22.30 0.87 8.58
CA ALA B 846 -20.92 1.22 8.70
C ALA B 846 -20.29 0.91 7.39
N ASP B 847 -19.75 1.92 6.71
CA ASP B 847 -19.05 1.81 5.41
C ASP B 847 -19.71 1.06 4.31
N PRO B 848 -20.90 1.45 3.94
CA PRO B 848 -21.62 0.57 3.00
C PRO B 848 -21.00 0.66 1.67
N VAL B 849 -21.00 -0.49 1.02
CA VAL B 849 -20.41 -0.66 -0.27
C VAL B 849 -21.43 -1.27 -1.24
N THR B 850 -21.42 -0.83 -2.51
CA THR B 850 -22.37 -1.35 -3.50
C THR B 850 -21.80 -2.33 -4.53
N PHE B 851 -22.35 -3.53 -4.63
CA PHE B 851 -21.97 -4.39 -5.78
C PHE B 851 -22.92 -4.18 -6.91
N LYS B 852 -22.44 -3.63 -8.00
CA LYS B 852 -23.36 -3.05 -8.95
C LYS B 852 -23.94 -4.12 -9.71
N THR B 853 -23.17 -5.15 -10.01
CA THR B 853 -23.76 -6.20 -10.80
C THR B 853 -23.59 -7.49 -10.05
N LYS B 854 -24.46 -8.48 -10.25
CA LYS B 854 -24.38 -9.71 -9.54
C LYS B 854 -22.94 -10.18 -9.53
N SER B 855 -22.48 -10.46 -10.74
CA SER B 855 -21.13 -10.84 -11.08
C SER B 855 -19.95 -10.02 -10.48
N SER B 856 -20.20 -8.87 -9.88
CA SER B 856 -19.16 -8.14 -9.24
C SER B 856 -18.88 -8.75 -7.92
N TYR B 857 -17.61 -8.85 -7.58
CA TYR B 857 -17.25 -9.48 -6.34
C TYR B 857 -15.87 -9.13 -5.99
N VAL B 858 -15.52 -9.25 -4.70
CA VAL B 858 -14.10 -9.00 -4.34
C VAL B 858 -13.63 -10.19 -3.66
N ALA B 859 -12.32 -10.42 -3.64
CA ALA B 859 -11.74 -11.52 -2.88
C ALA B 859 -10.85 -10.99 -1.81
N LEU B 860 -11.07 -11.43 -0.58
CA LEU B 860 -10.24 -10.99 0.56
C LEU B 860 -9.41 -12.08 1.10
N ALA B 861 -8.44 -11.78 1.95
CA ALA B 861 -7.64 -12.82 2.61
C ALA B 861 -8.52 -13.73 3.42
N THR B 862 -8.07 -14.98 3.58
CA THR B 862 -8.90 -16.08 4.04
C THR B 862 -9.51 -15.80 5.41
N LEU B 863 -10.82 -16.10 5.55
CA LEU B 863 -11.54 -16.07 6.85
C LEU B 863 -10.67 -16.73 7.87
N GLN B 864 -10.64 -16.19 9.08
CA GLN B 864 -9.76 -16.82 10.06
C GLN B 864 -10.49 -17.34 11.31
N ALA B 865 -11.63 -18.06 11.10
CA ALA B 865 -12.39 -18.90 12.12
C ALA B 865 -11.51 -19.96 12.66
N TYR B 866 -10.76 -19.66 13.71
CA TYR B 866 -9.87 -20.66 14.34
C TYR B 866 -10.78 -21.56 15.23
N THR B 867 -10.92 -21.12 16.49
CA THR B 867 -11.57 -21.90 17.51
C THR B 867 -13.08 -21.59 17.48
N SER B 868 -13.47 -20.35 17.32
CA SER B 868 -14.88 -20.10 17.12
C SER B 868 -15.04 -19.21 15.92
N MET B 869 -16.26 -18.87 15.57
CA MET B 869 -16.47 -18.02 14.42
C MET B 869 -17.62 -17.09 14.66
N HIS B 870 -17.39 -15.77 14.51
CA HIS B 870 -18.44 -14.75 14.59
C HIS B 870 -18.51 -13.85 13.33
N LEU B 871 -19.50 -14.03 12.45
CA LEU B 871 -19.67 -13.19 11.28
C LEU B 871 -20.79 -12.23 11.47
N PHE B 872 -20.56 -11.02 11.00
CA PHE B 872 -21.64 -10.08 10.98
C PHE B 872 -21.68 -9.24 9.75
N PHE B 873 -22.86 -9.03 9.22
CA PHE B 873 -22.89 -7.99 8.25
C PHE B 873 -24.30 -7.49 8.03
N GLN B 874 -24.49 -6.50 7.17
CA GLN B 874 -25.80 -5.97 6.89
C GLN B 874 -25.89 -6.09 5.40
N PHE B 875 -27.05 -6.35 4.83
CA PHE B 875 -27.15 -6.18 3.38
C PHE B 875 -28.41 -5.49 3.01
N LYS B 876 -28.51 -5.10 1.75
CA LYS B 876 -29.69 -4.45 1.27
C LYS B 876 -29.72 -4.78 -0.20
N THR B 877 -30.82 -5.27 -0.73
CA THR B 877 -30.75 -5.81 -2.08
C THR B 877 -32.16 -5.77 -2.65
N THR B 878 -32.31 -5.76 -3.98
CA THR B 878 -33.61 -6.07 -4.45
C THR B 878 -33.67 -7.35 -5.20
N SER B 879 -32.75 -8.26 -4.97
CA SER B 879 -32.72 -9.38 -5.84
C SER B 879 -32.98 -10.62 -5.02
N LEU B 880 -33.68 -11.63 -5.55
CA LEU B 880 -34.00 -12.80 -4.77
C LEU B 880 -32.90 -13.71 -4.58
N ASP B 881 -31.91 -13.85 -5.44
CA ASP B 881 -30.90 -14.92 -5.19
C ASP B 881 -29.51 -14.46 -5.47
N GLY B 882 -28.55 -14.69 -4.59
CA GLY B 882 -27.17 -14.43 -4.98
C GLY B 882 -26.23 -15.01 -3.96
N LEU B 883 -25.03 -15.40 -4.40
CA LEU B 883 -23.98 -15.85 -3.49
C LEU B 883 -23.35 -14.64 -2.86
N ILE B 884 -23.13 -14.68 -1.54
CA ILE B 884 -22.80 -13.46 -0.84
C ILE B 884 -21.47 -13.69 -0.19
N LEU B 885 -21.16 -14.93 0.21
CA LEU B 885 -19.93 -15.15 0.89
C LEU B 885 -19.55 -16.57 0.55
N TYR B 886 -18.32 -16.79 0.08
CA TYR B 886 -17.85 -18.10 -0.10
C TYR B 886 -16.40 -18.22 0.34
N ASN B 887 -16.00 -19.27 1.04
CA ASN B 887 -14.64 -19.53 1.39
C ASN B 887 -14.43 -21.08 1.60
N SER B 888 -13.39 -21.67 1.03
CA SER B 888 -13.31 -23.11 1.08
C SER B 888 -11.96 -23.60 1.69
N GLY B 889 -11.83 -24.92 1.88
CA GLY B 889 -10.96 -25.42 2.94
C GLY B 889 -10.22 -26.59 2.44
N ASP B 890 -9.78 -27.49 3.32
CA ASP B 890 -9.20 -28.71 2.72
C ASP B 890 -10.27 -29.74 2.56
N GLY B 891 -10.16 -30.52 1.52
CA GLY B 891 -11.07 -31.64 1.41
C GLY B 891 -12.39 -31.06 1.05
N ASN B 892 -13.47 -31.53 1.68
CA ASN B 892 -14.79 -30.95 1.49
C ASN B 892 -15.13 -29.75 2.26
N ASP B 893 -14.20 -29.21 3.04
CA ASP B 893 -14.51 -28.08 3.92
C ASP B 893 -14.84 -26.86 3.14
N PHE B 894 -15.76 -26.04 3.66
CA PHE B 894 -16.21 -24.79 3.05
C PHE B 894 -17.27 -24.10 3.92
N ILE B 895 -17.48 -22.80 3.70
CA ILE B 895 -18.50 -22.06 4.38
C ILE B 895 -19.09 -21.10 3.37
N VAL B 896 -20.42 -21.01 3.24
CA VAL B 896 -21.10 -20.13 2.25
C VAL B 896 -22.28 -19.40 2.87
N VAL B 897 -22.62 -18.22 2.35
CA VAL B 897 -23.79 -17.50 2.86
C VAL B 897 -24.36 -16.95 1.60
N GLU B 898 -25.68 -17.09 1.40
CA GLU B 898 -26.23 -16.84 0.12
C GLU B 898 -27.69 -16.47 0.27
N LEU B 899 -28.31 -15.89 -0.74
CA LEU B 899 -29.71 -15.59 -0.66
C LEU B 899 -30.41 -16.46 -1.65
N VAL B 900 -31.51 -17.07 -1.28
CA VAL B 900 -32.11 -18.05 -2.11
C VAL B 900 -33.60 -17.80 -2.06
N LYS B 901 -34.14 -17.32 -3.17
CA LYS B 901 -35.54 -17.08 -3.23
C LYS B 901 -35.95 -16.09 -2.15
N GLY B 902 -35.08 -15.14 -1.90
CA GLY B 902 -35.27 -14.15 -0.89
C GLY B 902 -34.80 -14.50 0.54
N TYR B 903 -34.65 -15.77 0.81
CA TYR B 903 -34.37 -16.15 2.14
C TYR B 903 -32.89 -16.40 2.32
N LEU B 904 -32.38 -16.25 3.56
CA LEU B 904 -30.91 -16.33 3.77
C LEU B 904 -30.41 -17.67 4.29
N HIS B 905 -29.35 -18.19 3.71
CA HIS B 905 -28.96 -19.61 3.88
C HIS B 905 -27.53 -19.60 4.28
N TYR B 906 -27.14 -20.33 5.33
CA TYR B 906 -25.77 -20.36 5.70
C TYR B 906 -25.47 -21.79 5.42
N VAL B 907 -24.50 -22.10 4.58
CA VAL B 907 -24.35 -23.52 4.22
C VAL B 907 -22.94 -23.78 4.58
N PHE B 908 -22.57 -24.96 5.06
CA PHE B 908 -21.21 -25.14 5.52
C PHE B 908 -20.96 -26.64 5.67
N ASP B 909 -19.70 -27.07 5.79
CA ASP B 909 -19.34 -28.47 5.99
C ASP B 909 -17.99 -28.36 6.65
N LEU B 910 -17.86 -28.83 7.89
CA LEU B 910 -16.64 -28.81 8.71
C LEU B 910 -16.17 -30.20 9.01
N GLY B 911 -16.40 -31.07 8.05
CA GLY B 911 -15.73 -32.32 8.00
C GLY B 911 -16.72 -33.36 8.36
N ASN B 912 -17.99 -32.99 8.51
CA ASN B 912 -18.97 -34.03 8.77
C ASN B 912 -20.09 -33.94 7.73
N GLY B 913 -19.89 -33.18 6.67
CA GLY B 913 -20.85 -33.14 5.60
C GLY B 913 -21.56 -31.82 5.55
N ALA B 914 -22.29 -31.57 4.48
CA ALA B 914 -22.77 -30.23 4.30
C ALA B 914 -24.05 -30.05 5.10
N ASN B 915 -24.31 -28.90 5.68
CA ASN B 915 -25.47 -28.60 6.45
C ASN B 915 -25.95 -27.26 6.00
N LEU B 916 -27.28 -27.14 5.94
CA LEU B 916 -27.92 -25.86 5.65
C LEU B 916 -28.62 -25.28 6.90
N ILE B 917 -28.49 -24.01 7.19
CA ILE B 917 -29.30 -23.53 8.25
C ILE B 917 -30.05 -22.37 7.69
N LYS B 918 -31.38 -22.39 7.69
CA LYS B 918 -32.00 -21.21 7.07
C LYS B 918 -32.17 -20.15 8.11
N GLY B 919 -31.72 -18.96 7.80
CA GLY B 919 -31.98 -17.81 8.63
C GLY B 919 -33.46 -17.58 8.64
N SER B 920 -34.02 -17.05 9.72
CA SER B 920 -35.45 -17.02 9.89
C SER B 920 -36.13 -15.73 9.52
N SER B 921 -37.01 -15.73 8.53
CA SER B 921 -37.87 -14.55 8.36
C SER B 921 -39.11 -14.97 7.60
N ASN B 922 -40.22 -14.31 7.84
CA ASN B 922 -41.44 -14.61 7.18
C ASN B 922 -41.43 -14.09 5.78
N LYS B 923 -40.84 -12.92 5.57
CA LYS B 923 -40.87 -12.40 4.23
C LYS B 923 -39.56 -12.58 3.48
N PRO B 924 -39.61 -12.67 2.16
CA PRO B 924 -38.42 -12.47 1.39
C PRO B 924 -37.57 -11.30 1.90
N LEU B 925 -36.24 -11.35 1.81
CA LEU B 925 -35.47 -10.27 2.33
C LEU B 925 -35.06 -9.21 1.36
N ASN B 926 -35.52 -9.26 0.11
CA ASN B 926 -35.07 -8.28 -0.88
C ASN B 926 -36.05 -7.11 -1.02
N ASP B 927 -36.58 -6.59 0.07
CA ASP B 927 -37.55 -5.55 0.13
C ASP B 927 -36.75 -4.25 0.20
N ASN B 928 -35.51 -4.25 -0.31
CA ASN B 928 -34.67 -3.02 -0.46
C ASN B 928 -34.43 -2.22 0.79
N GLN B 929 -34.57 -2.85 1.96
CA GLN B 929 -34.16 -2.31 3.30
C GLN B 929 -32.96 -3.06 3.71
N TRP B 930 -32.26 -2.45 4.68
CA TRP B 930 -31.04 -3.04 5.20
C TRP B 930 -31.48 -4.19 6.08
N HIS B 931 -30.85 -5.39 6.01
CA HIS B 931 -31.05 -6.36 7.10
C HIS B 931 -29.82 -6.66 7.87
N ASN B 932 -29.98 -7.11 9.12
CA ASN B 932 -28.83 -7.55 9.90
C ASN B 932 -28.68 -8.99 9.94
N VAL B 933 -27.48 -9.48 9.69
CA VAL B 933 -27.25 -10.92 9.69
C VAL B 933 -26.08 -11.23 10.54
N MET B 934 -26.23 -12.28 11.34
CA MET B 934 -25.26 -12.58 12.34
C MET B 934 -25.25 -14.06 12.47
N ILE B 935 -24.04 -14.63 12.28
CA ILE B 935 -23.84 -16.09 12.05
C ILE B 935 -22.67 -16.45 12.86
N SER B 936 -22.77 -17.45 13.75
CA SER B 936 -21.64 -17.77 14.59
C SER B 936 -21.59 -19.21 15.02
N ARG B 937 -20.42 -19.77 15.22
CA ARG B 937 -20.35 -21.13 15.73
C ARG B 937 -19.47 -20.97 16.87
N ASP B 938 -19.83 -21.52 18.01
CA ASP B 938 -19.01 -21.37 19.18
C ASP B 938 -18.13 -22.60 19.44
N THR B 939 -17.52 -22.67 20.62
CA THR B 939 -16.60 -23.78 20.84
C THR B 939 -17.25 -25.09 21.19
N SER B 940 -18.56 -25.03 21.45
CA SER B 940 -19.41 -26.21 21.59
C SER B 940 -19.98 -26.70 20.27
N ASN B 941 -19.76 -25.93 19.19
CA ASN B 941 -20.34 -26.27 17.89
C ASN B 941 -21.81 -26.06 17.87
N LEU B 942 -22.27 -25.10 18.64
CA LEU B 942 -23.59 -24.58 18.52
C LEU B 942 -23.50 -23.51 17.46
N HIS B 943 -24.23 -23.68 16.36
CA HIS B 943 -24.32 -22.63 15.36
C HIS B 943 -25.53 -21.83 15.61
N THR B 944 -25.46 -20.55 15.30
CA THR B 944 -26.53 -19.57 15.47
C THR B 944 -26.63 -18.67 14.27
N VAL B 945 -27.81 -18.60 13.65
CA VAL B 945 -28.01 -17.60 12.55
C VAL B 945 -29.03 -16.63 13.02
N LYS B 946 -28.68 -15.35 13.01
CA LYS B 946 -29.67 -14.32 13.44
C LYS B 946 -29.99 -13.42 12.33
N ILE B 947 -31.27 -13.26 11.95
CA ILE B 947 -31.66 -12.27 10.88
C ILE B 947 -32.59 -11.26 11.50
N ASP B 948 -32.16 -10.02 11.48
CA ASP B 948 -32.78 -9.00 12.24
C ASP B 948 -33.04 -9.44 13.69
N THR B 949 -34.26 -9.64 14.14
CA THR B 949 -34.33 -10.01 15.54
C THR B 949 -34.64 -11.47 15.77
N LYS B 950 -34.32 -12.39 14.87
CA LYS B 950 -34.80 -13.74 15.18
C LYS B 950 -33.67 -14.72 15.32
N ILE B 951 -33.47 -15.38 16.45
CA ILE B 951 -32.36 -16.38 16.59
C ILE B 951 -32.82 -17.71 15.98
N THR B 952 -31.93 -18.41 15.29
CA THR B 952 -32.15 -19.82 14.99
C THR B 952 -30.89 -20.47 15.39
N THR B 953 -30.94 -21.54 16.17
CA THR B 953 -29.73 -22.16 16.63
C THR B 953 -29.82 -23.62 16.26
N GLN B 954 -28.67 -24.23 16.06
CA GLN B 954 -28.61 -25.64 15.71
C GLN B 954 -27.26 -26.22 16.21
N ILE B 955 -27.18 -27.48 16.58
CA ILE B 955 -25.94 -27.87 17.13
C ILE B 955 -25.35 -28.99 16.34
N THR B 956 -24.11 -28.86 15.93
CA THR B 956 -23.58 -29.87 14.96
C THR B 956 -22.45 -30.75 15.47
N ALA B 957 -21.84 -31.55 14.60
CA ALA B 957 -20.99 -32.64 15.16
C ALA B 957 -19.61 -32.17 15.61
N GLY B 958 -19.10 -32.65 16.74
CA GLY B 958 -17.78 -32.20 17.22
C GLY B 958 -16.62 -32.56 16.31
N ALA B 959 -15.88 -31.56 15.84
CA ALA B 959 -14.88 -31.83 14.79
C ALA B 959 -13.59 -31.02 14.92
N ARG B 960 -12.42 -31.68 14.80
CA ARG B 960 -11.18 -30.90 14.82
C ARG B 960 -11.33 -29.71 13.86
N ASN B 961 -11.38 -28.48 14.42
CA ASN B 961 -11.66 -27.27 13.58
C ASN B 961 -10.42 -26.84 12.81
N LEU B 962 -10.61 -26.67 11.51
CA LEU B 962 -9.47 -26.66 10.54
C LEU B 962 -9.57 -25.34 9.83
N ASP B 963 -8.43 -24.90 9.33
CA ASP B 963 -8.31 -23.62 8.70
C ASP B 963 -9.01 -23.68 7.38
N LEU B 964 -9.41 -22.53 6.83
CA LEU B 964 -9.90 -22.54 5.47
C LEU B 964 -8.71 -22.24 4.62
N LYS B 965 -8.86 -22.30 3.31
CA LYS B 965 -7.67 -22.34 2.45
C LYS B 965 -7.78 -21.35 1.35
N SER B 966 -8.95 -21.25 0.74
CA SER B 966 -9.12 -20.42 -0.44
C SER B 966 -9.17 -18.99 -0.03
N ASP B 967 -9.04 -18.08 -0.97
CA ASP B 967 -9.35 -16.69 -0.64
C ASP B 967 -10.78 -16.61 -0.16
N LEU B 968 -11.16 -15.51 0.47
CA LEU B 968 -12.51 -15.38 0.95
C LEU B 968 -13.22 -14.55 -0.03
N TYR B 969 -14.27 -15.03 -0.69
CA TYR B 969 -14.90 -14.27 -1.77
C TYR B 969 -16.17 -13.67 -1.21
N ILE B 970 -16.42 -12.38 -1.48
CA ILE B 970 -17.67 -11.71 -1.16
C ILE B 970 -18.54 -11.11 -2.37
N GLY B 971 -19.80 -11.49 -2.44
CA GLY B 971 -20.64 -10.85 -3.45
C GLY B 971 -20.74 -11.49 -4.85
N GLY B 972 -20.13 -12.69 -4.84
CA GLY B 972 -20.02 -13.58 -5.91
C GLY B 972 -18.70 -14.35 -5.89
N VAL B 973 -18.51 -15.14 -6.96
CA VAL B 973 -17.30 -15.91 -7.25
C VAL B 973 -17.10 -15.82 -8.77
N ALA B 974 -15.93 -16.28 -9.22
CA ALA B 974 -15.56 -16.23 -10.59
C ALA B 974 -16.68 -16.92 -11.40
N LYS B 975 -16.99 -16.43 -12.62
CA LYS B 975 -18.15 -16.99 -13.34
C LYS B 975 -18.15 -18.49 -13.37
N GLU B 976 -16.96 -19.04 -13.55
CA GLU B 976 -16.79 -20.45 -13.80
C GLU B 976 -16.97 -21.30 -12.61
N THR B 977 -16.84 -20.69 -11.44
CA THR B 977 -16.92 -21.41 -10.21
C THR B 977 -18.34 -21.84 -9.84
N TYR B 978 -19.36 -21.03 -10.13
CA TYR B 978 -20.71 -21.41 -9.75
C TYR B 978 -21.11 -22.75 -10.35
N LYS B 979 -20.51 -23.16 -11.47
CA LYS B 979 -20.88 -24.49 -11.99
C LYS B 979 -20.41 -25.72 -11.16
N SER B 980 -19.84 -25.53 -9.98
CA SER B 980 -19.26 -26.63 -9.18
C SER B 980 -19.05 -26.19 -7.72
N LEU B 981 -20.05 -25.58 -7.12
CA LEU B 981 -19.94 -25.13 -5.76
C LEU B 981 -20.50 -26.29 -5.03
N PRO B 982 -20.24 -26.37 -3.72
CA PRO B 982 -20.72 -27.55 -3.04
C PRO B 982 -22.18 -27.93 -3.13
N LYS B 983 -22.37 -29.05 -2.45
CA LYS B 983 -23.60 -29.81 -2.30
C LYS B 983 -24.94 -29.03 -2.15
N LEU B 984 -25.15 -28.32 -1.05
CA LEU B 984 -26.49 -27.78 -0.98
C LEU B 984 -26.38 -26.34 -1.23
N VAL B 985 -25.52 -25.92 -2.17
CA VAL B 985 -25.48 -24.46 -2.43
C VAL B 985 -26.30 -24.13 -3.70
N HIS B 986 -27.30 -23.23 -3.62
CA HIS B 986 -28.12 -22.97 -4.81
C HIS B 986 -27.48 -22.02 -5.81
N ALA B 987 -26.74 -21.04 -5.31
CA ALA B 987 -26.29 -19.97 -6.19
C ALA B 987 -25.83 -20.39 -7.58
N LYS B 988 -26.40 -19.78 -8.61
CA LYS B 988 -25.65 -19.64 -9.85
C LYS B 988 -25.28 -18.22 -10.16
N GLU B 989 -25.42 -17.27 -9.26
CA GLU B 989 -25.01 -15.94 -9.59
C GLU B 989 -24.68 -15.22 -8.29
N GLY B 990 -23.87 -14.20 -8.42
CA GLY B 990 -23.46 -13.36 -7.30
C GLY B 990 -24.54 -12.46 -6.70
N PHE B 991 -24.13 -11.69 -5.68
CA PHE B 991 -24.96 -10.68 -5.01
C PHE B 991 -24.86 -9.40 -5.79
N GLN B 992 -26.00 -8.72 -5.94
CA GLN B 992 -26.16 -7.35 -6.51
C GLN B 992 -26.72 -6.58 -5.34
N GLY B 993 -26.35 -5.33 -5.11
CA GLY B 993 -26.85 -4.70 -3.87
C GLY B 993 -25.82 -4.23 -2.90
N CYS B 994 -26.16 -3.87 -1.67
CA CYS B 994 -25.18 -3.32 -0.70
C CYS B 994 -24.84 -4.21 0.43
N LEU B 995 -23.55 -4.21 0.82
CA LEU B 995 -23.10 -4.88 2.10
C LEU B 995 -22.68 -3.83 3.03
N ALA B 996 -22.88 -3.99 4.30
CA ALA B 996 -22.28 -3.00 5.20
C ALA B 996 -21.84 -3.64 6.48
N SER B 997 -20.89 -3.06 7.20
CA SER B 997 -20.62 -3.48 8.59
C SER B 997 -20.16 -4.86 8.65
N VAL B 998 -19.31 -5.24 7.74
CA VAL B 998 -18.92 -6.57 7.52
C VAL B 998 -17.81 -6.82 8.49
N ASP B 999 -18.00 -7.89 9.26
CA ASP B 999 -17.14 -8.32 10.33
C ASP B 999 -16.89 -9.78 10.11
N LEU B 1000 -15.66 -10.13 9.74
CA LEU B 1000 -15.25 -11.52 9.57
C LEU B 1000 -14.42 -11.88 10.75
N ASN B 1001 -15.13 -12.41 11.72
CA ASN B 1001 -14.54 -13.03 12.84
C ASN B 1001 -13.45 -12.15 13.43
N GLY B 1002 -13.78 -10.86 13.57
CA GLY B 1002 -13.02 -9.92 14.30
C GLY B 1002 -12.28 -8.99 13.41
N ARG B 1003 -12.42 -9.11 12.11
CA ARG B 1003 -11.70 -8.19 11.23
C ARG B 1003 -12.73 -7.38 10.42
N LEU B 1004 -12.59 -6.04 10.36
CA LEU B 1004 -13.41 -5.18 9.47
C LEU B 1004 -12.64 -4.81 8.22
N PRO B 1005 -12.77 -5.61 7.18
CA PRO B 1005 -12.18 -5.28 5.91
C PRO B 1005 -12.73 -3.98 5.40
N ASP B 1006 -11.91 -3.20 4.68
CA ASP B 1006 -12.45 -2.26 3.70
C ASP B 1006 -12.74 -3.06 2.42
N LEU B 1007 -14.02 -3.38 2.17
CA LEU B 1007 -14.33 -4.22 1.01
C LEU B 1007 -13.63 -3.78 -0.30
N ILE B 1008 -13.46 -2.50 -0.54
CA ILE B 1008 -12.88 -2.11 -1.78
C ILE B 1008 -11.39 -2.08 -1.64
N SER B 1009 -10.86 -1.46 -0.60
CA SER B 1009 -9.40 -1.31 -0.51
C SER B 1009 -8.54 -2.45 -0.02
N ASP B 1010 -9.09 -3.40 0.70
CA ASP B 1010 -8.32 -4.51 1.14
C ASP B 1010 -8.45 -5.70 0.19
N ALA B 1011 -9.29 -5.55 -0.83
CA ALA B 1011 -9.45 -6.56 -1.82
C ALA B 1011 -8.11 -7.07 -2.39
N LEU B 1012 -8.00 -8.38 -2.63
CA LEU B 1012 -6.85 -8.99 -3.25
C LEU B 1012 -6.95 -9.03 -4.77
N PHE B 1013 -8.14 -9.20 -5.30
CA PHE B 1013 -8.47 -8.70 -6.59
C PHE B 1013 -9.96 -8.57 -6.49
N CYS B 1014 -10.62 -8.22 -7.60
CA CYS B 1014 -11.88 -7.50 -7.70
C CYS B 1014 -12.47 -7.95 -9.02
N ASN B 1015 -13.77 -7.98 -9.21
CA ASN B 1015 -14.22 -8.17 -10.56
C ASN B 1015 -15.47 -7.39 -10.74
N GLY B 1016 -15.56 -6.59 -11.78
CA GLY B 1016 -16.83 -5.87 -11.98
C GLY B 1016 -16.82 -4.62 -11.19
N GLN B 1017 -17.95 -3.99 -10.95
CA GLN B 1017 -17.81 -2.72 -10.29
C GLN B 1017 -18.20 -2.73 -8.85
N ILE B 1018 -17.26 -2.54 -7.95
CA ILE B 1018 -17.66 -2.31 -6.55
C ILE B 1018 -17.63 -0.81 -6.22
N GLU B 1019 -18.66 -0.20 -5.71
CA GLU B 1019 -18.62 1.22 -5.72
C GLU B 1019 -18.87 1.65 -4.28
N ARG B 1020 -18.19 2.67 -3.78
CA ARG B 1020 -18.26 3.11 -2.38
C ARG B 1020 -19.59 3.69 -2.19
N GLY B 1021 -20.10 3.61 -0.99
CA GLY B 1021 -21.40 4.19 -0.72
C GLY B 1021 -22.56 3.29 -1.06
N CYS B 1022 -23.75 3.59 -0.53
CA CYS B 1022 -24.98 2.90 -0.97
C CYS B 1022 -26.04 3.78 -1.71
N GLU B 1023 -25.60 4.76 -2.50
CA GLU B 1023 -26.46 5.82 -3.00
C GLU B 1023 -26.14 6.24 -4.38
N GLY B 1024 -25.68 5.28 -5.18
CA GLY B 1024 -25.29 5.54 -6.57
C GLY B 1024 -24.01 6.34 -6.51
N PRO B 1025 -23.63 6.92 -7.64
CA PRO B 1025 -22.31 7.54 -7.73
C PRO B 1025 -22.30 9.04 -7.32
N SER B 1026 -21.11 9.56 -7.07
CA SER B 1026 -20.91 10.95 -6.76
C SER B 1026 -21.32 11.82 -7.92
N THR B 1027 -21.84 13.01 -7.64
CA THR B 1027 -22.14 13.98 -8.70
C THR B 1027 -20.85 14.39 -9.33
N THR B 1028 -20.85 14.62 -10.64
CA THR B 1028 -19.62 15.00 -11.36
C THR B 1028 -19.76 16.36 -12.04
N CYS B 1029 -18.65 16.96 -12.46
CA CYS B 1029 -18.70 18.27 -13.10
C CYS B 1029 -19.45 18.36 -14.45
N GLN B 1030 -20.09 19.52 -14.66
CA GLN B 1030 -20.87 19.79 -15.88
C GLN B 1030 -20.52 21.16 -16.40
N GLU B 1031 -20.87 21.42 -17.66
CA GLU B 1031 -20.71 22.76 -18.20
C GLU B 1031 -21.21 23.85 -17.19
N ASP B 1032 -22.46 23.69 -16.73
CA ASP B 1032 -23.21 24.71 -15.98
C ASP B 1032 -23.12 24.52 -14.46
N SER B 1033 -22.22 23.66 -14.01
CA SER B 1033 -22.09 23.35 -12.58
C SER B 1033 -21.88 24.57 -11.66
N CYS B 1034 -20.78 25.31 -11.78
CA CYS B 1034 -20.60 26.42 -10.87
C CYS B 1034 -21.14 27.66 -11.55
N SER B 1035 -21.48 28.70 -10.81
CA SER B 1035 -22.29 29.65 -11.49
C SER B 1035 -21.76 31.06 -11.65
N ASN B 1036 -20.48 31.35 -11.41
CA ASN B 1036 -20.06 32.70 -11.86
C ASN B 1036 -18.68 32.68 -12.42
N GLN B 1037 -18.43 31.66 -13.21
CA GLN B 1037 -17.06 31.41 -13.57
C GLN B 1037 -16.28 30.85 -12.37
N GLY B 1038 -17.05 30.45 -11.34
CA GLY B 1038 -16.56 29.49 -10.30
C GLY B 1038 -15.89 28.35 -11.02
N VAL B 1039 -14.93 27.69 -10.41
CA VAL B 1039 -14.21 26.59 -11.08
C VAL B 1039 -14.68 25.26 -10.48
N CYS B 1040 -15.10 24.31 -11.31
CA CYS B 1040 -15.76 23.08 -10.84
C CYS B 1040 -14.63 22.11 -10.68
N LEU B 1041 -14.48 21.52 -9.48
CA LEU B 1041 -13.37 20.64 -9.13
C LEU B 1041 -13.99 19.34 -8.79
N GLN B 1042 -13.33 18.22 -9.08
CA GLN B 1042 -13.85 16.92 -8.64
C GLN B 1042 -13.35 16.40 -7.25
N GLN B 1043 -14.26 16.02 -6.38
CA GLN B 1043 -13.89 15.39 -5.16
C GLN B 1043 -14.45 13.95 -5.20
N TRP B 1044 -14.08 13.21 -4.16
CA TRP B 1044 -14.38 11.84 -4.14
C TRP B 1044 -15.80 11.77 -3.85
N ASP B 1045 -16.35 12.65 -3.05
CA ASP B 1045 -17.76 12.57 -2.83
C ASP B 1045 -18.60 13.55 -3.69
N GLY B 1046 -18.18 13.87 -4.92
CA GLY B 1046 -19.04 14.77 -5.74
C GLY B 1046 -18.23 16.02 -5.95
N PHE B 1047 -18.70 16.97 -6.74
CA PHE B 1047 -17.82 18.08 -7.09
C PHE B 1047 -17.93 19.27 -6.14
N SER B 1048 -16.93 20.11 -6.06
CA SER B 1048 -17.05 21.41 -5.37
C SER B 1048 -16.84 22.56 -6.35
N CYS B 1049 -17.11 23.77 -5.89
CA CYS B 1049 -16.79 24.90 -6.68
C CYS B 1049 -15.73 25.70 -6.02
N ASP B 1050 -14.67 26.06 -6.73
CA ASP B 1050 -13.72 27.05 -6.21
C ASP B 1050 -14.23 28.44 -6.50
N CYS B 1051 -14.47 29.22 -5.46
CA CYS B 1051 -15.02 30.53 -5.70
C CYS B 1051 -14.08 31.71 -5.70
N SER B 1052 -12.83 31.46 -5.43
CA SER B 1052 -11.90 32.50 -5.11
C SER B 1052 -11.90 33.67 -6.07
N MET B 1053 -11.90 33.40 -7.35
CA MET B 1053 -11.71 34.46 -8.31
C MET B 1053 -13.00 35.01 -8.83
N THR B 1054 -14.14 34.43 -8.43
CA THR B 1054 -15.51 34.96 -8.73
C THR B 1054 -15.67 36.00 -7.66
N SER B 1055 -16.56 36.96 -7.75
CA SER B 1055 -16.51 37.72 -6.54
C SER B 1055 -17.50 37.16 -5.53
N PHE B 1056 -17.95 35.91 -5.76
CA PHE B 1056 -19.11 35.32 -5.04
C PHE B 1056 -18.78 34.33 -3.94
N SER B 1057 -19.81 33.96 -3.17
CA SER B 1057 -19.63 32.87 -2.18
C SER B 1057 -20.62 31.73 -2.31
N GLY B 1058 -20.58 30.82 -1.34
CA GLY B 1058 -21.62 29.82 -1.28
C GLY B 1058 -21.20 28.63 -2.08
N PRO B 1059 -21.88 27.49 -1.92
CA PRO B 1059 -21.28 26.32 -2.44
C PRO B 1059 -21.42 26.22 -3.93
N LEU B 1060 -22.25 27.00 -4.56
CA LEU B 1060 -22.16 27.00 -5.99
C LEU B 1060 -21.74 28.36 -6.58
N CYS B 1061 -21.00 29.18 -5.80
CA CYS B 1061 -20.55 30.50 -6.24
C CYS B 1061 -21.75 31.20 -6.72
N ASN B 1062 -22.80 31.34 -5.90
CA ASN B 1062 -24.05 31.92 -6.40
C ASN B 1062 -24.66 32.87 -5.42
N ASP B 1063 -24.19 32.77 -4.19
CA ASP B 1063 -24.52 33.70 -3.12
C ASP B 1063 -23.58 34.93 -3.18
N PRO B 1064 -24.09 36.09 -2.76
CA PRO B 1064 -23.30 37.30 -2.87
C PRO B 1064 -22.06 37.17 -1.99
N GLY B 1065 -20.95 37.77 -2.41
CA GLY B 1065 -19.73 37.77 -1.59
C GLY B 1065 -19.92 38.84 -0.53
N THR B 1066 -19.04 38.91 0.47
CA THR B 1066 -19.12 39.97 1.48
C THR B 1066 -18.92 41.33 0.77
N THR B 1067 -19.98 42.15 0.80
CA THR B 1067 -20.03 43.49 0.16
C THR B 1067 -19.96 44.62 1.22
N TYR B 1068 -19.10 45.63 0.99
CA TYR B 1068 -19.10 46.90 1.74
C TYR B 1068 -19.45 48.06 0.85
N ILE B 1069 -20.43 48.87 1.29
CA ILE B 1069 -20.76 50.16 0.66
C ILE B 1069 -19.85 51.30 1.15
N PHE B 1070 -19.08 51.88 0.23
CA PHE B 1070 -18.25 53.03 0.55
C PHE B 1070 -19.01 54.26 0.12
N SER B 1071 -19.54 55.02 1.08
CA SER B 1071 -20.35 56.20 0.78
C SER B 1071 -19.60 57.55 0.87
N LYS B 1072 -20.37 58.61 0.69
CA LYS B 1072 -19.85 59.96 0.51
C LYS B 1072 -18.74 60.36 1.47
N GLY B 1073 -17.64 60.84 0.93
CA GLY B 1073 -16.58 61.42 1.74
C GLY B 1073 -15.45 60.44 1.95
N GLY B 1074 -15.64 59.18 1.56
CA GLY B 1074 -14.53 58.28 1.58
C GLY B 1074 -14.58 57.35 2.76
N GLY B 1075 -13.86 56.24 2.63
CA GLY B 1075 -13.78 55.23 3.67
C GLY B 1075 -12.51 54.46 3.44
N GLN B 1076 -12.19 53.53 4.33
CA GLN B 1076 -10.93 52.78 4.27
C GLN B 1076 -10.97 51.56 5.19
N ILE B 1077 -10.74 50.39 4.59
CA ILE B 1077 -10.57 49.14 5.31
C ILE B 1077 -9.14 48.69 5.06
N THR B 1078 -8.36 48.54 6.13
CA THR B 1078 -6.93 48.17 6.04
C THR B 1078 -6.71 46.83 6.69
N TYR B 1079 -6.02 45.90 5.99
CA TYR B 1079 -5.45 44.70 6.58
C TYR B 1079 -4.00 44.98 6.85
N LYS B 1080 -3.57 44.65 8.06
CA LYS B 1080 -2.17 44.79 8.44
C LYS B 1080 -1.60 43.45 8.90
N TRP B 1081 -0.72 42.84 8.10
CA TRP B 1081 -0.04 41.57 8.47
C TRP B 1081 0.79 41.75 9.71
N PRO B 1082 0.83 40.71 10.55
CA PRO B 1082 1.70 40.81 11.71
C PRO B 1082 3.08 40.74 11.17
N PRO B 1083 4.00 41.55 11.71
CA PRO B 1083 5.41 41.73 11.33
C PRO B 1083 6.13 40.52 10.68
N ASN B 1084 5.94 39.31 11.22
CA ASN B 1084 6.63 38.11 10.69
C ASN B 1084 5.89 37.36 9.63
N ASP B 1085 4.59 37.54 9.51
CA ASP B 1085 3.95 36.79 8.44
C ASP B 1085 3.92 37.69 7.20
N ARG B 1086 4.92 38.51 6.95
CA ARG B 1086 4.77 39.32 5.78
C ARG B 1086 5.05 38.53 4.51
N PRO B 1087 4.04 38.24 3.71
CA PRO B 1087 4.17 37.51 2.48
C PRO B 1087 5.26 38.06 1.57
N SER B 1088 5.85 37.20 0.75
CA SER B 1088 6.73 37.67 -0.26
C SER B 1088 6.51 36.74 -1.42
N THR B 1089 5.85 37.18 -2.47
CA THR B 1089 5.37 36.18 -3.44
C THR B 1089 6.01 36.34 -4.78
N ARG B 1090 6.09 35.27 -5.56
CA ARG B 1090 6.33 35.48 -7.00
C ARG B 1090 5.13 35.47 -7.85
N ALA B 1091 4.04 34.85 -7.43
CA ALA B 1091 2.79 35.01 -8.17
C ALA B 1091 1.76 35.54 -7.26
N ASP B 1092 0.92 36.45 -7.76
CA ASP B 1092 -0.20 36.96 -7.03
C ASP B 1092 -1.46 36.73 -7.84
N ARG B 1093 -2.59 36.71 -7.17
CA ARG B 1093 -3.80 36.89 -7.92
C ARG B 1093 -4.80 37.59 -7.04
N LEU B 1094 -5.67 38.38 -7.65
CA LEU B 1094 -6.56 39.21 -6.91
C LEU B 1094 -7.81 39.32 -7.74
N ALA B 1095 -8.94 39.14 -7.08
CA ALA B 1095 -10.24 39.36 -7.71
C ALA B 1095 -11.07 40.19 -6.77
N ILE B 1096 -11.89 41.08 -7.34
CA ILE B 1096 -12.91 41.76 -6.58
C ILE B 1096 -14.08 42.19 -7.49
N GLY B 1097 -15.27 42.31 -6.89
CA GLY B 1097 -16.47 42.77 -7.57
C GLY B 1097 -16.74 44.21 -7.12
N PHE B 1098 -17.24 45.06 -8.03
CA PHE B 1098 -17.44 46.47 -7.72
C PHE B 1098 -18.56 47.10 -8.59
N SER B 1099 -19.18 48.17 -8.08
CA SER B 1099 -20.09 48.99 -8.88
C SER B 1099 -19.88 50.44 -8.48
N THR B 1100 -19.80 51.35 -9.45
CA THR B 1100 -19.36 52.72 -9.12
C THR B 1100 -19.63 53.64 -10.27
N VAL B 1101 -20.00 54.88 -9.97
CA VAL B 1101 -20.20 55.88 -11.03
C VAL B 1101 -18.90 56.63 -11.33
N GLN B 1102 -17.93 56.57 -10.42
CA GLN B 1102 -16.65 57.31 -10.49
C GLN B 1102 -15.78 57.11 -11.76
N LYS B 1103 -15.04 58.17 -12.08
CA LYS B 1103 -14.09 58.19 -13.19
C LYS B 1103 -12.67 57.93 -12.65
N GLU B 1104 -12.38 58.46 -11.45
CA GLU B 1104 -11.05 58.34 -10.84
C GLU B 1104 -11.18 57.74 -9.43
N ALA B 1105 -10.48 56.64 -9.16
CA ALA B 1105 -10.58 56.05 -7.83
C ALA B 1105 -9.55 54.98 -7.66
N VAL B 1106 -9.04 54.82 -6.44
CA VAL B 1106 -8.24 53.62 -6.07
C VAL B 1106 -9.12 52.65 -5.24
N LEU B 1107 -9.32 51.44 -5.77
CA LEU B 1107 -10.14 50.44 -5.05
C LEU B 1107 -9.33 49.79 -3.92
N VAL B 1108 -8.23 49.12 -4.32
CA VAL B 1108 -7.34 48.37 -3.41
C VAL B 1108 -5.87 48.54 -3.72
N ARG B 1109 -5.10 48.65 -2.66
CA ARG B 1109 -3.67 48.70 -2.80
C ARG B 1109 -2.94 47.87 -1.77
N VAL B 1110 -1.92 47.16 -2.25
CA VAL B 1110 -1.04 46.41 -1.39
C VAL B 1110 0.33 46.99 -1.38
N ASP B 1111 0.83 47.40 -0.22
CA ASP B 1111 2.19 47.96 -0.16
C ASP B 1111 3.10 47.09 0.62
N SER B 1112 4.33 47.05 0.13
CA SER B 1112 5.47 46.56 0.87
C SER B 1112 5.65 47.38 2.13
N SER B 1113 6.46 46.89 3.06
CA SER B 1113 6.71 47.59 4.30
C SER B 1113 7.57 48.86 4.07
N SER B 1114 7.75 49.67 5.10
CA SER B 1114 8.22 51.08 4.98
C SER B 1114 9.20 51.44 3.84
N GLY B 1115 10.28 50.65 3.68
CA GLY B 1115 11.42 51.11 2.90
C GLY B 1115 11.61 50.42 1.58
N LEU B 1116 10.56 49.84 1.02
CA LEU B 1116 10.75 49.14 -0.25
C LEU B 1116 9.84 49.68 -1.34
N GLY B 1117 10.23 49.37 -2.58
CA GLY B 1117 9.57 49.88 -3.76
C GLY B 1117 8.21 49.30 -3.99
N ASP B 1118 8.07 48.00 -3.70
CA ASP B 1118 7.03 47.15 -4.25
C ASP B 1118 5.62 47.50 -3.82
N TYR B 1119 4.76 47.58 -4.81
CA TYR B 1119 3.34 47.65 -4.56
C TYR B 1119 2.53 47.14 -5.76
N LEU B 1120 1.24 46.96 -5.52
CA LEU B 1120 0.25 46.54 -6.51
C LEU B 1120 -1.01 47.28 -6.15
N GLU B 1121 -1.62 47.90 -7.15
CA GLU B 1121 -2.75 48.79 -6.94
C GLU B 1121 -3.84 48.69 -8.04
N LEU B 1122 -5.05 48.31 -7.65
CA LEU B 1122 -6.16 48.22 -8.60
C LEU B 1122 -6.89 49.52 -8.51
N HIS B 1123 -7.02 50.25 -9.62
CA HIS B 1123 -7.60 51.62 -9.60
C HIS B 1123 -8.52 51.79 -10.82
N ILE B 1124 -9.28 52.89 -10.88
CA ILE B 1124 -10.07 53.27 -12.06
C ILE B 1124 -9.67 54.68 -12.50
N HIS B 1125 -9.01 54.72 -13.66
CA HIS B 1125 -8.43 55.92 -14.21
C HIS B 1125 -9.21 56.16 -15.53
N GLN B 1126 -9.81 57.34 -15.68
CA GLN B 1126 -10.57 57.69 -16.88
C GLN B 1126 -11.73 56.74 -17.19
N GLY B 1127 -12.55 56.43 -16.18
CA GLY B 1127 -13.63 55.42 -16.31
C GLY B 1127 -13.28 53.97 -16.67
N LYS B 1128 -12.00 53.63 -16.62
CA LYS B 1128 -11.54 52.31 -17.05
C LYS B 1128 -10.76 51.54 -15.94
N ILE B 1129 -11.09 50.26 -15.75
CA ILE B 1129 -10.47 49.49 -14.66
C ILE B 1129 -9.07 48.97 -15.04
N GLY B 1130 -8.15 49.07 -14.09
CA GLY B 1130 -6.76 48.73 -14.35
C GLY B 1130 -5.93 48.49 -13.10
N VAL B 1131 -4.70 48.05 -13.34
CA VAL B 1131 -3.78 47.65 -12.30
C VAL B 1131 -2.37 48.05 -12.66
N LYS B 1132 -1.62 48.40 -11.63
CA LYS B 1132 -0.31 48.97 -11.83
C LYS B 1132 0.47 48.37 -10.71
N PHE B 1133 1.72 48.03 -10.96
CA PHE B 1133 2.51 47.41 -9.91
C PHE B 1133 3.96 47.49 -10.11
N ASN B 1134 4.69 47.29 -9.03
CA ASN B 1134 6.13 47.43 -9.08
C ASN B 1134 6.74 46.44 -8.11
N VAL B 1135 7.64 45.63 -8.65
CA VAL B 1135 8.23 44.58 -7.86
C VAL B 1135 9.75 44.75 -7.69
N GLY B 1136 10.24 45.90 -8.19
CA GLY B 1136 11.62 46.35 -8.03
C GLY B 1136 12.31 46.79 -9.31
N THR B 1137 11.58 46.75 -10.44
CA THR B 1137 12.14 47.19 -11.76
C THR B 1137 11.49 48.49 -12.29
N ASP B 1138 10.55 48.32 -13.21
CA ASP B 1138 9.72 49.39 -13.63
C ASP B 1138 8.32 49.21 -13.06
N ASP B 1139 7.45 50.18 -13.29
CA ASP B 1139 6.04 50.03 -12.98
C ASP B 1139 5.45 49.30 -14.16
N ILE B 1140 4.41 48.54 -13.93
CA ILE B 1140 3.75 47.87 -15.01
C ILE B 1140 2.28 48.11 -14.86
N ALA B 1141 1.70 48.57 -15.96
CA ALA B 1141 0.30 48.91 -16.07
C ALA B 1141 -0.34 47.91 -16.98
N ILE B 1142 -1.58 47.60 -16.66
CA ILE B 1142 -2.42 46.74 -17.49
C ILE B 1142 -3.83 47.26 -17.28
N GLU B 1143 -4.49 47.56 -18.39
CA GLU B 1143 -5.75 48.28 -18.33
C GLU B 1143 -6.80 47.66 -19.26
N GLU B 1144 -7.94 47.23 -18.69
CA GLU B 1144 -9.14 46.95 -19.52
C GLU B 1144 -9.73 48.23 -20.18
N SER B 1145 -9.23 48.46 -21.40
CA SER B 1145 -9.40 49.70 -22.10
C SER B 1145 -10.83 49.83 -22.61
N ASN B 1146 -11.46 48.72 -22.98
CA ASN B 1146 -12.67 48.85 -23.78
C ASN B 1146 -14.01 48.75 -23.04
N ALA B 1147 -14.01 48.16 -21.86
CA ALA B 1147 -15.27 47.89 -21.15
C ALA B 1147 -15.74 49.04 -20.26
N ILE B 1148 -16.96 49.51 -20.49
CA ILE B 1148 -17.62 50.46 -19.58
C ILE B 1148 -17.74 49.81 -18.21
N ILE B 1149 -17.25 50.49 -17.16
CA ILE B 1149 -17.33 49.93 -15.78
C ILE B 1149 -17.85 50.91 -14.68
N ASN B 1150 -17.86 52.21 -14.99
CA ASN B 1150 -18.35 53.20 -14.06
C ASN B 1150 -19.69 53.63 -14.56
N ASP B 1151 -20.66 52.85 -14.14
CA ASP B 1151 -21.69 52.34 -15.00
C ASP B 1151 -22.90 52.22 -14.09
N GLY B 1152 -22.61 52.03 -12.80
CA GLY B 1152 -23.63 51.71 -11.81
C GLY B 1152 -23.77 50.22 -11.64
N LYS B 1153 -23.55 49.46 -12.71
CA LYS B 1153 -23.80 48.02 -12.67
C LYS B 1153 -22.65 47.21 -12.01
N TYR B 1154 -22.97 46.01 -11.53
CA TYR B 1154 -21.97 45.10 -10.93
C TYR B 1154 -20.98 44.54 -11.93
N HIS B 1155 -19.70 44.73 -11.66
CA HIS B 1155 -18.65 44.21 -12.51
C HIS B 1155 -17.69 43.52 -11.57
N VAL B 1156 -16.97 42.51 -12.09
CA VAL B 1156 -15.91 41.82 -11.38
C VAL B 1156 -14.64 41.78 -12.23
N VAL B 1157 -13.52 42.01 -11.58
CA VAL B 1157 -12.26 42.08 -12.24
C VAL B 1157 -11.30 41.07 -11.59
N ARG B 1158 -10.54 40.37 -12.43
CA ARG B 1158 -9.62 39.38 -11.93
C ARG B 1158 -8.28 39.70 -12.50
N PHE B 1159 -7.31 39.76 -11.60
CA PHE B 1159 -5.95 40.07 -11.95
C PHE B 1159 -5.05 38.94 -11.54
N THR B 1160 -4.05 38.64 -12.36
CA THR B 1160 -3.04 37.74 -11.89
C THR B 1160 -1.70 38.30 -12.29
N ARG B 1161 -0.65 37.75 -11.69
CA ARG B 1161 0.71 38.20 -11.92
C ARG B 1161 1.64 37.06 -11.67
N SER B 1162 2.56 36.83 -12.59
CA SER B 1162 3.68 35.93 -12.36
C SER B 1162 4.99 36.73 -12.62
N GLY B 1163 5.64 37.18 -11.55
CA GLY B 1163 6.86 37.94 -11.63
C GLY B 1163 6.59 39.17 -12.46
N GLY B 1164 7.30 39.27 -13.57
CA GLY B 1164 7.08 40.34 -14.54
C GLY B 1164 5.74 40.33 -15.26
N ASN B 1165 5.32 39.16 -15.76
CA ASN B 1165 4.15 39.01 -16.61
C ASN B 1165 2.90 39.21 -15.79
N ALA B 1166 1.81 39.69 -16.37
CA ALA B 1166 0.56 39.77 -15.59
C ALA B 1166 -0.61 39.66 -16.52
N THR B 1167 -1.82 39.42 -15.99
CA THR B 1167 -3.00 39.44 -16.83
C THR B 1167 -4.21 39.97 -16.11
N LEU B 1168 -5.13 40.49 -16.91
CA LEU B 1168 -6.33 41.21 -16.46
C LEU B 1168 -7.55 40.79 -17.24
N GLN B 1169 -8.65 40.65 -16.53
CA GLN B 1169 -9.88 40.37 -17.18
C GLN B 1169 -11.10 40.93 -16.43
N VAL B 1170 -12.08 41.43 -17.16
CA VAL B 1170 -13.26 41.91 -16.48
C VAL B 1170 -14.48 41.24 -17.05
N ASP B 1171 -15.31 40.74 -16.15
CA ASP B 1171 -16.56 40.06 -16.51
C ASP B 1171 -16.32 38.92 -17.54
N SER B 1172 -16.60 39.20 -18.81
CA SER B 1172 -16.36 38.23 -19.87
C SER B 1172 -15.35 38.61 -20.92
N TRP B 1173 -14.81 39.81 -20.82
CA TRP B 1173 -13.93 40.34 -21.85
C TRP B 1173 -12.63 39.53 -21.97
N PRO B 1174 -12.22 39.22 -23.22
CA PRO B 1174 -10.99 38.45 -23.43
C PRO B 1174 -9.89 38.87 -22.47
N VAL B 1175 -9.10 37.90 -22.04
CA VAL B 1175 -8.08 38.18 -21.04
C VAL B 1175 -7.07 39.14 -21.60
N ILE B 1176 -6.66 40.12 -20.81
CA ILE B 1176 -5.62 41.05 -21.25
C ILE B 1176 -4.28 40.60 -20.68
N GLU B 1177 -3.31 40.36 -21.53
CA GLU B 1177 -2.04 39.82 -21.10
C GLU B 1177 -0.92 40.81 -21.33
N ARG B 1178 -0.02 40.91 -20.38
CA ARG B 1178 1.11 41.79 -20.53
C ARG B 1178 2.47 41.08 -20.28
N TYR B 1179 3.34 41.02 -21.30
CA TYR B 1179 4.67 40.39 -21.15
C TYR B 1179 5.83 41.34 -21.39
N PRO B 1180 6.33 41.98 -20.31
CA PRO B 1180 7.44 42.92 -20.43
C PRO B 1180 8.73 42.27 -20.97
N ALA B 1181 9.45 42.95 -21.85
CA ALA B 1181 10.76 42.45 -22.28
C ALA B 1181 11.88 43.00 -21.38
N GLY B 1182 12.94 42.20 -21.22
CA GLY B 1182 14.15 42.56 -20.46
C GLY B 1182 14.11 42.18 -18.99
N ARG B 1183 15.30 42.09 -18.37
CA ARG B 1183 15.51 42.10 -16.89
C ARG B 1183 14.25 42.45 -16.06
N GLN B 1184 13.40 41.47 -15.69
CA GLN B 1184 12.33 41.75 -14.72
C GLN B 1184 12.60 41.05 -13.40
N LEU B 1185 12.63 41.79 -12.29
CA LEU B 1185 12.68 41.14 -11.00
C LEU B 1185 11.29 40.57 -10.78
N THR B 1186 11.07 39.69 -9.79
CA THR B 1186 9.83 38.90 -9.80
C THR B 1186 9.14 38.80 -8.48
N ILE B 1187 9.82 39.17 -7.41
CA ILE B 1187 9.21 39.07 -6.10
C ILE B 1187 8.64 40.40 -5.56
N PHE B 1188 7.36 40.36 -5.19
CA PHE B 1188 6.71 41.41 -4.43
C PHE B 1188 7.19 41.25 -2.96
N ASN B 1189 8.23 41.96 -2.56
CA ASN B 1189 8.85 41.63 -1.28
C ASN B 1189 8.13 42.16 -0.06
N SER B 1190 8.15 41.44 1.04
CA SER B 1190 7.67 41.97 2.30
C SER B 1190 6.35 42.78 2.28
N GLN B 1191 5.23 42.16 1.89
CA GLN B 1191 3.90 42.79 1.88
C GLN B 1191 3.36 43.17 3.27
N ALA B 1192 3.05 44.44 3.49
CA ALA B 1192 2.74 44.92 4.86
C ALA B 1192 1.27 45.28 5.19
N THR B 1193 0.56 45.82 4.20
CA THR B 1193 -0.81 46.25 4.40
C THR B 1193 -1.53 46.06 3.10
N ILE B 1194 -2.81 45.73 3.18
CA ILE B 1194 -3.73 45.82 2.06
C ILE B 1194 -4.67 46.92 2.48
N ILE B 1195 -4.74 47.99 1.71
CA ILE B 1195 -5.60 49.07 2.07
C ILE B 1195 -6.67 49.16 1.01
N ILE B 1196 -7.94 49.10 1.40
CA ILE B 1196 -9.08 49.21 0.48
C ILE B 1196 -9.78 50.53 0.67
N GLY B 1197 -10.01 51.28 -0.42
CA GLY B 1197 -10.78 52.52 -0.31
C GLY B 1197 -10.32 53.78 -0.99
N GLY B 1198 -9.01 53.99 -1.10
CA GLY B 1198 -8.46 55.14 -1.86
C GLY B 1198 -8.02 56.41 -1.11
N LYS B 1199 -8.42 56.50 0.15
CA LYS B 1199 -8.14 57.69 0.98
C LYS B 1199 -6.64 58.00 1.14
N GLU B 1200 -5.82 56.95 1.31
CA GLU B 1200 -4.36 57.11 1.41
C GLU B 1200 -3.83 57.71 0.11
N GLN B 1201 -4.13 57.06 -1.02
CA GLN B 1201 -3.68 57.52 -2.33
C GLN B 1201 -4.50 58.71 -2.86
N GLY B 1202 -5.34 59.24 -1.98
CA GLY B 1202 -6.05 60.49 -2.20
C GLY B 1202 -6.98 60.48 -3.40
N GLN B 1203 -7.79 59.43 -3.51
CA GLN B 1203 -8.79 59.30 -4.58
C GLN B 1203 -9.78 58.38 -3.99
N PRO B 1204 -10.62 58.91 -3.08
CA PRO B 1204 -11.46 58.02 -2.31
C PRO B 1204 -12.37 57.23 -3.23
N PHE B 1205 -12.62 55.96 -2.90
CA PHE B 1205 -13.59 55.19 -3.64
C PHE B 1205 -14.96 55.42 -3.06
N GLN B 1206 -15.93 55.27 -3.95
CA GLN B 1206 -17.31 55.52 -3.64
C GLN B 1206 -18.14 54.64 -4.55
N GLY B 1207 -18.82 53.71 -3.91
CA GLY B 1207 -19.60 52.70 -4.57
C GLY B 1207 -19.61 51.50 -3.66
N GLN B 1208 -19.47 50.34 -4.28
CA GLN B 1208 -19.63 49.09 -3.58
C GLN B 1208 -18.47 48.22 -3.92
N LEU B 1209 -17.82 47.67 -2.90
CA LEU B 1209 -16.79 46.69 -3.15
C LEU B 1209 -17.24 45.37 -2.52
N SER B 1210 -17.12 44.29 -3.29
CA SER B 1210 -17.67 42.99 -2.90
C SER B 1210 -16.69 41.84 -3.12
N GLY B 1211 -16.66 40.95 -2.14
CA GLY B 1211 -15.98 39.64 -2.24
C GLY B 1211 -14.58 39.65 -2.79
N LEU B 1212 -13.72 40.48 -2.20
CA LEU B 1212 -12.33 40.64 -2.56
C LEU B 1212 -11.54 39.50 -2.04
N TYR B 1213 -10.67 38.95 -2.90
CA TYR B 1213 -9.79 37.81 -2.61
C TYR B 1213 -8.43 38.21 -3.04
N TYR B 1214 -7.49 38.14 -2.10
CA TYR B 1214 -6.09 38.39 -2.41
C TYR B 1214 -5.18 37.31 -1.87
N ASN B 1215 -4.49 36.61 -2.76
CA ASN B 1215 -3.58 35.54 -2.37
C ASN B 1215 -4.11 34.80 -1.17
N GLY B 1216 -5.29 34.24 -1.31
CA GLY B 1216 -5.72 33.34 -0.27
C GLY B 1216 -6.50 34.03 0.83
N LEU B 1217 -6.36 35.34 0.93
CA LEU B 1217 -7.13 36.14 1.88
C LEU B 1217 -8.46 36.64 1.28
N LYS B 1218 -9.55 36.28 1.92
CA LYS B 1218 -10.83 36.88 1.56
C LYS B 1218 -11.11 38.25 2.29
N VAL B 1219 -10.29 39.26 2.00
CA VAL B 1219 -10.18 40.40 2.93
C VAL B 1219 -11.50 40.92 3.55
N LEU B 1220 -12.61 40.89 2.82
CA LEU B 1220 -13.80 41.47 3.42
C LEU B 1220 -14.51 40.50 4.39
N ASN B 1221 -14.48 39.19 4.12
CA ASN B 1221 -14.99 38.22 5.11
C ASN B 1221 -14.28 38.47 6.42
N MET B 1222 -13.00 38.86 6.32
CA MET B 1222 -12.18 38.99 7.47
C MET B 1222 -12.63 40.20 8.23
N ALA B 1223 -12.83 41.27 7.49
CA ALA B 1223 -13.26 42.54 8.07
C ALA B 1223 -14.66 42.43 8.68
N ALA B 1224 -15.56 41.69 8.03
CA ALA B 1224 -16.94 41.52 8.49
C ALA B 1224 -16.98 40.49 9.58
N GLU B 1225 -15.81 40.10 10.07
CA GLU B 1225 -15.75 39.15 11.17
C GLU B 1225 -14.83 39.64 12.29
N ASN B 1226 -14.44 40.92 12.23
CA ASN B 1226 -13.60 41.59 13.26
C ASN B 1226 -12.25 40.96 13.48
N ASP B 1227 -11.69 40.36 12.44
CA ASP B 1227 -10.33 39.90 12.49
C ASP B 1227 -9.52 41.03 13.12
N ALA B 1228 -8.69 40.70 14.11
CA ALA B 1228 -7.91 41.71 14.83
C ALA B 1228 -6.95 42.56 13.98
N ASN B 1229 -6.55 42.06 12.81
CA ASN B 1229 -5.63 42.79 11.93
C ASN B 1229 -6.32 43.68 10.89
N ILE B 1230 -7.61 43.87 11.10
CA ILE B 1230 -8.45 44.72 10.26
C ILE B 1230 -8.87 46.01 11.01
N ALA B 1231 -8.50 47.16 10.47
CA ALA B 1231 -9.05 48.42 10.99
C ALA B 1231 -9.95 49.05 9.94
N ILE B 1232 -11.14 49.46 10.36
CA ILE B 1232 -12.03 50.17 9.48
C ILE B 1232 -12.15 51.62 9.98
N VAL B 1233 -11.99 52.60 9.08
CA VAL B 1233 -12.26 54.03 9.42
C VAL B 1233 -13.08 54.73 8.33
N GLY B 1234 -13.77 55.81 8.70
CA GLY B 1234 -14.55 56.58 7.74
C GLY B 1234 -15.86 55.92 7.35
N ASN B 1235 -16.52 56.47 6.31
CA ASN B 1235 -17.90 56.08 5.92
C ASN B 1235 -18.02 54.82 5.08
N VAL B 1236 -18.13 53.71 5.75
CA VAL B 1236 -18.18 52.45 5.07
C VAL B 1236 -18.95 51.43 5.90
N ARG B 1237 -19.93 50.83 5.25
CA ARG B 1237 -20.92 50.04 5.92
C ARG B 1237 -20.95 48.60 5.39
N LEU B 1238 -21.04 47.64 6.30
CA LEU B 1238 -21.26 46.27 5.89
C LEU B 1238 -22.74 46.06 5.52
N VAL B 1239 -22.98 45.46 4.34
CA VAL B 1239 -24.35 45.20 3.85
C VAL B 1239 -25.01 44.02 4.59
N GLY B 1240 -26.36 43.96 4.60
CA GLY B 1240 -27.15 42.74 4.96
C GLY B 1240 -27.03 41.59 3.92
N GLU B 1241 -27.77 40.47 4.12
CA GLU B 1241 -27.82 39.34 3.10
C GLU B 1241 -29.30 38.90 2.95
N VAL B 1242 -29.54 37.71 2.36
CA VAL B 1242 -30.90 37.10 2.21
C VAL B 1242 -30.89 35.59 2.42
C1 NAG C . 51.65 -29.72 2.77
C2 NAG C . 51.54 -28.42 1.97
C3 NAG C . 52.75 -27.59 2.34
C4 NAG C . 52.89 -27.27 3.86
C5 NAG C . 52.88 -28.60 4.65
C6 NAG C . 53.03 -28.56 6.22
C7 NAG C . 50.50 -28.44 -0.36
C8 NAG C . 50.75 -28.55 -1.83
N2 NAG C . 51.55 -28.53 0.51
O3 NAG C . 52.72 -26.45 1.49
O4 NAG C . 54.15 -26.65 3.95
O5 NAG C . 51.79 -29.44 4.17
O6 NAG C . 52.29 -27.60 6.95
O7 NAG C . 49.31 -28.29 -0.05
C1 NAG C . 54.22 -25.33 4.52
C2 NAG C . 55.72 -25.01 4.67
C3 NAG C . 56.04 -23.61 5.21
C4 NAG C . 55.09 -22.52 4.70
C5 NAG C . 53.65 -23.08 4.65
C6 NAG C . 52.66 -21.99 4.24
C7 NAG C . 56.87 -27.09 5.03
C8 NAG C . 56.98 -28.34 5.90
N2 NAG C . 56.32 -26.01 5.55
O3 NAG C . 57.33 -23.26 4.78
O4 NAG C . 55.18 -21.33 5.48
O5 NAG C . 53.59 -24.27 3.83
O6 NAG C . 51.36 -22.52 4.36
O7 NAG C . 57.25 -27.08 3.85
C1 NAG D . 6.73 35.71 -19.19
C2 NAG D . 7.35 34.48 -18.52
C3 NAG D . 8.32 33.90 -19.53
C4 NAG D . 7.67 33.49 -20.87
C5 NAG D . 7.04 34.74 -21.49
C6 NAG D . 6.36 34.58 -22.91
C7 NAG D . 7.65 34.43 -16.00
C8 NAG D . 8.66 34.62 -14.90
N2 NAG D . 8.08 34.68 -17.26
O3 NAG D . 9.01 32.87 -18.88
O4 NAG D . 8.75 33.13 -21.66
O5 NAG D . 6.22 35.39 -20.51
O6 NAG D . 5.51 33.47 -23.17
O7 NAG D . 6.53 34.07 -15.62
C1 NAG D . 8.79 31.79 -22.22
C2 NAG D . 10.04 31.72 -23.13
C3 NAG D . 10.29 30.37 -23.81
C4 NAG D . 9.93 29.15 -22.95
C5 NAG D . 8.67 29.44 -22.12
C6 NAG D . 8.24 28.21 -21.31
C7 NAG D . 10.52 33.94 -23.95
C8 NAG D . 9.95 35.13 -24.71
N2 NAG D . 9.97 32.75 -24.16
O3 NAG D . 11.66 30.31 -24.08
O4 NAG D . 9.78 28.00 -23.75
O5 NAG D . 8.76 30.66 -21.34
O6 NAG D . 7.06 28.49 -20.58
O7 NAG D . 11.47 34.06 -23.16
#